data_8U4Q
#
_entry.id   8U4Q
#
_cell.length_a   1.00
_cell.length_b   1.00
_cell.length_c   1.00
_cell.angle_alpha   90.00
_cell.angle_beta   90.00
_cell.angle_gamma   90.00
#
_symmetry.space_group_name_H-M   'P 1'
#
loop_
_entity.id
_entity.type
_entity.pdbx_description
1 polymer 'REGN7663 Fab light chain'
2 polymer 'REGN7663 Fab heavy chain'
3 polymer 'C-X-C chemokine receptor type 4'
4 polymer 'Guanine nucleotide-binding protein G(i) subunit alpha-1'
5 polymer 'Guanine nucleotide-binding protein G(I)/G(S)/G(T) subunit beta-1'
6 polymer 'Guanine nucleotide-binding protein G(I)/G(S)/G(O) subunit gamma-2'
7 non-polymer CHOLESTEROL
#
loop_
_entity_poly.entity_id
_entity_poly.type
_entity_poly.pdbx_seq_one_letter_code
_entity_poly.pdbx_strand_id
1 'polypeptide(L)'
;DVVMTQSPLSLPVTLGQPASISCRSSQSLVYTDGNTYLNWFQQRPGQSPRRLIYKVSNRDSGVPDRFSGSGSGTDFTLKI
SRVEAEDVGFYYCMQNTHWPLTFGGGTKVEIKRTVAAPSVFIFPPSDEQLKSGTASVVCLLNNFYPREAKVQWKVDNALQ
SGNSQESVTEQDSKDSTYSLSSTLTLSKADYEKHKVYACEVTHQGLSSPVTKSFNRGEC
;
L
2 'polypeptide(L)'
;QVQLVQSGAEVKKPGASVKVSCKASGYTFTSYGISWVRQAPGQGIEWMGWISTYNGNRNYAQKVQGRVTMTTDRSTSTAY
MDLRSLRSDDTAVYYCARHGITGARNYYYHYGMDVWGQGTTVTVSSASTKGPSVFPLAPCSRSTSESTAALGCLVKDYFP
EPVTVSWNSGALTSGVHTFPAVLQSSGLYSLSSVVTVPSSSLGTKTYTCNVDHKPSNTKVDKRVESKYGPPCPPCPAPPV
;
H
3 'polypeptide(L)'
;MKTIIALSYIFCLVFAGAPEGISIYTSDNYTEEMGSGDYDSMKEPCFREENANFNKIFLPTIYSIIFLTGIVGNGLVILV
MGYQKKLRSMTDKYRLHLSVADLLFVITLPFWAVDAVANWYFGNFLCKAVHVIYTVSLYSSVLILAFISLDRYLAIVHAT
NSQRPRKLLAEKVVYVGVWIPALLLTIPDFIFANVSEADDRYICDRFYPNDLWVVVFQFQHIMVGLILPGIVILSCYCII
ISKLSHSKGHQKRKALKTTVILILAFFACWLPYYIGISIDSFILLEIIKQGCEFENTVHKWISITEALAFFHCCLNPILY
AFLGAKFKTSAQHALTSVSRGSSLKILSKGKRGGHSSVSTESESSSFHSSGRPLEVLFQGPGGGGSVSKGEELFTGVVPI
LVELDGDVNGHKFSVSGEGEGDATYGKLTLKFICTTGKLPVPWPTLVTTLTYGVQCFSRYPDHMKQHDFFKSAMPEGYVQ
ERTIFFKDDGNYKTRAEVKFEGDTLVNRIELKGIDFKEDGNILGHKLEYNYNSHNVYIMADKQKNGIKVNFKIRHNIEDG
SVQLADHYQQNTPIGDGPVLLPDNHYLSTQSKLSKDPNEKRDHMVLLEFVTAAGITLGMDELYKDYKDDDDK
;
R
4 'polypeptide(L)'
;MHHHHHHGGGGSGCTLSAEDKAAVERSKMIDRNLREDGEKAAREVKLLLLGAGESGKCTIVKQMKIIHEAGYSEEECKQY
KAVVYSNTIQSIIAIIRAMGRLKIDFGDSARADDARQLFVLAGAAEEGFMTAELAGVIKRLWKDSGVQACFNRSREYQLN
DSAAYYLNDLDRIAQPNYIPTQQDVLRTRVKTTGIVETHFTFKDLHFKMFDVTAQRSERKKWIHCFEGVTAIIFCVALSD
YDLVLAEDEEMNRMHASMKLFDSICNNKWFTDTSIILFLNKKDLFEEKIKKSPLTICYPEYAGSNTYEEAAAYIQCQFED
LNKRKDTKEIYTHFTCSTDTKNVQFVFDAVTDVIIKNNLKDCGLF
;
A
5 'polypeptide(L)'
;MHHHHHHGSSGSELDQLRQEAEQLKNQIRDARKACADATLSQITNNIDPVGRIQMRTRRTLRGHLAKIYAMHWGTDSRLL
VSASQDGKLIIWDSYTTNKVHAIPLRSSWVMTCAYAPSGNYVACGGLDNICSIYNLKTREGNVRVSRELAGHTGYLSCCR
FLDDNQIVTSSGDTTCALWDIETGQQTTTFTGHTGDVMSLSLAPDTRLFVSGACDASAKLWDVREGMCRQTFTGHESDIN
AICFFPNGNAFATGSDDATCRLFDLRADQELMTYSHDNIICGITSVSFSKSGRLLLAGYDDFNCNVWDALKADRAGVLAG
HDNRVSCLGVTDDGMAVATGSWDSFLKIWN
;
B
6 'polypeptide(L)' MASNNTASIAQARKLVEQLKMEANIDRIKVSKAAADLMAYCEAHAKEDPLLTPVPASENPFREKKFFCAIL C
#
# COMPACT_ATOMS: atom_id res chain seq x y z
N ASP A 1 -41.11 31.29 4.77
CA ASP A 1 -40.22 30.29 5.31
C ASP A 1 -40.92 29.43 6.36
N VAL A 2 -40.22 29.14 7.45
CA VAL A 2 -40.77 28.35 8.55
C VAL A 2 -41.04 29.30 9.71
N VAL A 3 -42.30 29.37 10.15
CA VAL A 3 -42.68 30.29 11.20
C VAL A 3 -42.76 29.53 12.53
N MET A 4 -42.10 30.07 13.55
CA MET A 4 -42.05 29.46 14.87
C MET A 4 -42.74 30.36 15.88
N THR A 5 -43.61 29.79 16.69
CA THR A 5 -44.30 30.52 17.73
C THR A 5 -43.96 29.89 19.07
N GLN A 6 -43.74 30.73 20.08
CA GLN A 6 -43.43 30.23 21.40
C GLN A 6 -44.26 30.94 22.45
N SER A 7 -44.63 30.19 23.48
CA SER A 7 -45.53 30.63 24.53
C SER A 7 -44.99 30.12 25.87
N PRO A 8 -45.32 30.80 26.98
CA PRO A 8 -46.11 32.02 27.11
C PRO A 8 -45.33 33.27 26.77
N LEU A 9 -46.04 34.36 26.41
CA LEU A 9 -45.36 35.61 26.11
C LEU A 9 -44.62 36.14 27.33
N SER A 10 -45.22 36.00 28.51
CA SER A 10 -44.60 36.37 29.77
C SER A 10 -44.67 35.18 30.72
N LEU A 11 -43.76 35.16 31.69
CA LEU A 11 -43.74 34.02 32.60
C LEU A 11 -43.07 34.39 33.92
N PRO A 12 -43.83 34.80 34.93
CA PRO A 12 -43.22 35.11 36.23
C PRO A 12 -42.79 33.85 36.94
N VAL A 13 -41.72 33.99 37.74
CA VAL A 13 -41.07 32.86 38.40
C VAL A 13 -40.84 33.20 39.86
N THR A 14 -41.07 32.21 40.73
CA THR A 14 -40.61 32.25 42.10
C THR A 14 -39.35 31.39 42.25
N LEU A 15 -38.45 31.81 43.12
CA LEU A 15 -37.16 31.15 43.25
C LEU A 15 -37.34 29.69 43.68
N GLY A 16 -36.48 28.83 43.15
CA GLY A 16 -36.54 27.43 43.48
C GLY A 16 -37.63 26.64 42.80
N GLN A 17 -38.33 27.23 41.83
CA GLN A 17 -39.42 26.57 41.14
C GLN A 17 -39.14 26.52 39.64
N PRO A 18 -39.59 25.47 38.96
CA PRO A 18 -39.26 25.32 37.55
C PRO A 18 -40.01 26.31 36.67
N ALA A 19 -39.43 26.58 35.51
CA ALA A 19 -40.06 27.38 34.47
C ALA A 19 -39.89 26.65 33.15
N SER A 20 -40.90 26.79 32.27
CA SER A 20 -40.92 26.07 31.01
C SER A 20 -41.30 27.00 29.88
N ILE A 21 -40.46 27.08 28.86
CA ILE A 21 -40.71 27.83 27.63
C ILE A 21 -40.81 26.82 26.50
N SER A 22 -41.88 26.89 25.71
CA SER A 22 -42.15 25.91 24.67
C SER A 22 -42.35 26.59 23.33
N CYS A 23 -41.66 26.10 22.30
CA CYS A 23 -41.90 26.57 20.94
C CYS A 23 -41.98 25.39 19.98
N ARG A 24 -43.01 25.42 19.14
CA ARG A 24 -43.28 24.37 18.16
C ARG A 24 -43.26 24.98 16.77
N SER A 25 -42.66 24.27 15.82
CA SER A 25 -42.41 24.78 14.48
C SER A 25 -43.59 24.51 13.55
N SER A 26 -43.53 25.14 12.38
CA SER A 26 -44.57 24.96 11.38
C SER A 26 -44.43 23.64 10.63
N GLN A 27 -43.21 23.17 10.43
CA GLN A 27 -42.94 21.95 9.70
C GLN A 27 -42.13 20.99 10.59
N SER A 28 -41.66 19.91 10.00
CA SER A 28 -40.87 18.91 10.72
C SER A 28 -39.39 19.28 10.59
N LEU A 29 -38.75 19.54 11.72
CA LEU A 29 -37.36 19.97 11.74
C LEU A 29 -36.43 18.76 11.79
N VAL A 30 -36.44 18.01 10.69
CA VAL A 30 -35.52 16.90 10.49
C VAL A 30 -34.85 17.07 9.13
N TYR A 31 -33.53 16.96 9.12
CA TYR A 31 -32.75 17.10 7.90
C TYR A 31 -32.72 15.76 7.16
N THR A 32 -32.08 15.75 5.99
CA THR A 32 -31.94 14.50 5.24
C THR A 32 -31.12 13.48 6.01
N ASP A 33 -30.02 13.92 6.63
CA ASP A 33 -29.18 13.03 7.40
C ASP A 33 -29.70 12.79 8.80
N GLY A 34 -30.86 13.36 9.14
CA GLY A 34 -31.39 13.22 10.48
C GLY A 34 -31.08 14.44 11.32
N ASN A 35 -30.91 14.24 12.62
CA ASN A 35 -30.61 15.30 13.57
C ASN A 35 -31.71 16.36 13.59
N THR A 36 -31.58 17.33 14.50
CA THR A 36 -32.59 18.38 14.64
C THR A 36 -31.84 19.63 15.11
N TYR A 37 -31.56 20.55 14.17
CA TYR A 37 -30.77 21.73 14.49
C TYR A 37 -31.70 22.84 14.98
N LEU A 38 -32.09 22.74 16.25
CA LEU A 38 -32.78 23.82 16.93
C LEU A 38 -32.06 24.11 18.24
N ASN A 39 -31.81 25.41 18.48
CA ASN A 39 -30.97 25.86 19.58
C ASN A 39 -31.60 27.07 20.26
N TRP A 40 -31.29 27.24 21.54
CA TRP A 40 -31.94 28.22 22.39
C TRP A 40 -30.95 29.31 22.80
N PHE A 41 -31.45 30.54 22.91
CA PHE A 41 -30.62 31.70 23.23
C PHE A 41 -31.17 32.42 24.45
N GLN A 42 -30.28 33.08 25.18
CA GLN A 42 -30.65 33.92 26.32
C GLN A 42 -29.99 35.28 26.16
N GLN A 43 -30.77 36.34 26.30
CA GLN A 43 -30.29 37.70 26.10
C GLN A 43 -30.55 38.50 27.36
N ARG A 44 -29.58 38.53 28.26
CA ARG A 44 -29.69 39.37 29.44
C ARG A 44 -29.62 40.84 29.02
N PRO A 45 -30.47 41.69 29.59
CA PRO A 45 -30.55 43.08 29.09
C PRO A 45 -29.21 43.80 29.16
N GLY A 46 -28.98 44.66 28.18
CA GLY A 46 -27.69 45.31 28.04
C GLY A 46 -26.57 44.38 27.66
N GLN A 47 -26.83 43.43 26.75
CA GLN A 47 -25.83 42.48 26.30
C GLN A 47 -26.25 41.96 24.93
N SER A 48 -25.56 40.94 24.45
CA SER A 48 -25.87 40.26 23.20
C SER A 48 -26.37 38.86 23.47
N PRO A 49 -27.19 38.29 22.59
CA PRO A 49 -27.70 36.93 22.84
C PRO A 49 -26.57 35.93 23.01
N ARG A 50 -26.77 35.01 23.93
CA ARG A 50 -25.76 34.03 24.31
C ARG A 50 -26.32 32.63 24.14
N ARG A 51 -25.59 31.79 23.42
CA ARG A 51 -26.04 30.42 23.18
C ARG A 51 -26.10 29.64 24.49
N LEU A 52 -27.17 28.87 24.67
CA LEU A 52 -27.32 28.02 25.84
C LEU A 52 -27.23 26.54 25.49
N ILE A 53 -28.09 26.06 24.59
CA ILE A 53 -28.10 24.67 24.18
C ILE A 53 -28.27 24.62 22.67
N TYR A 54 -27.68 23.60 22.05
CA TYR A 54 -27.78 23.44 20.61
C TYR A 54 -28.17 22.01 20.26
N LYS A 55 -28.65 21.84 19.03
CA LYS A 55 -29.10 20.57 18.49
C LYS A 55 -30.13 19.89 19.40
N VAL A 56 -30.92 20.70 20.11
CA VAL A 56 -32.08 20.31 20.92
C VAL A 56 -31.70 19.80 22.31
N SER A 57 -30.49 19.29 22.47
CA SER A 57 -30.14 18.67 23.74
C SER A 57 -28.76 19.01 24.27
N ASN A 58 -27.74 18.89 23.43
CA ASN A 58 -26.40 19.26 23.84
C ASN A 58 -26.37 20.67 24.39
N ARG A 59 -25.48 20.88 25.36
CA ARG A 59 -25.27 22.18 25.96
C ARG A 59 -23.82 22.58 25.75
N ASP A 60 -23.59 23.79 25.25
CA ASP A 60 -22.22 24.21 25.03
C ASP A 60 -21.51 24.44 26.37
N SER A 61 -20.18 24.33 26.34
CA SER A 61 -19.38 24.48 27.54
C SER A 61 -19.57 25.87 28.15
N GLY A 62 -19.47 25.94 29.47
CA GLY A 62 -19.61 27.21 30.16
C GLY A 62 -21.01 27.61 30.56
N VAL A 63 -22.00 26.76 30.37
CA VAL A 63 -23.39 27.07 30.71
C VAL A 63 -23.78 26.24 31.93
N PRO A 64 -24.44 26.84 32.93
CA PRO A 64 -24.81 26.08 34.13
C PRO A 64 -25.74 24.92 33.78
N ASP A 65 -25.52 23.80 34.46
CA ASP A 65 -26.28 22.57 34.24
C ASP A 65 -27.78 22.75 34.50
N ARG A 66 -28.19 23.87 35.09
CA ARG A 66 -29.60 24.06 35.39
C ARG A 66 -30.46 24.00 34.12
N PHE A 67 -29.98 24.59 33.03
CA PHE A 67 -30.73 24.57 31.78
C PHE A 67 -30.71 23.18 31.16
N SER A 68 -31.85 22.75 30.65
CA SER A 68 -31.98 21.44 30.03
C SER A 68 -32.95 21.52 28.86
N GLY A 69 -32.77 20.63 27.90
CA GLY A 69 -33.64 20.56 26.75
C GLY A 69 -34.03 19.14 26.45
N SER A 70 -35.16 18.99 25.78
CA SER A 70 -35.70 17.67 25.44
C SER A 70 -36.67 17.83 24.29
N GLY A 71 -37.36 16.74 23.95
CA GLY A 71 -38.35 16.76 22.89
C GLY A 71 -37.73 16.53 21.52
N SER A 72 -38.61 16.33 20.54
CA SER A 72 -38.21 16.07 19.17
C SER A 72 -39.42 16.30 18.27
N GLY A 73 -39.25 16.01 16.98
CA GLY A 73 -40.33 16.21 16.05
C GLY A 73 -40.61 17.67 15.79
N THR A 74 -41.86 18.09 16.00
CA THR A 74 -42.26 19.48 15.82
C THR A 74 -42.80 20.09 17.10
N ASP A 75 -42.55 19.46 18.24
CA ASP A 75 -43.00 19.97 19.54
C ASP A 75 -41.92 19.68 20.57
N PHE A 76 -41.29 20.72 21.10
CA PHE A 76 -40.28 20.57 22.14
C PHE A 76 -40.04 21.92 22.80
N THR A 77 -39.35 21.87 23.95
CA THR A 77 -39.35 22.99 24.88
C THR A 77 -38.03 23.05 25.64
N LEU A 78 -37.92 24.07 26.49
CA LEU A 78 -36.80 24.27 27.39
C LEU A 78 -37.34 24.50 28.80
N LYS A 79 -36.64 23.93 29.78
CA LYS A 79 -37.08 24.02 31.17
C LYS A 79 -35.88 24.29 32.07
N ILE A 80 -36.09 25.15 33.07
CA ILE A 80 -35.06 25.48 34.06
C ILE A 80 -35.45 24.79 35.37
N SER A 81 -34.49 24.09 35.98
CA SER A 81 -34.77 23.38 37.22
C SER A 81 -34.85 24.34 38.41
N ARG A 82 -33.77 25.06 38.68
CA ARG A 82 -33.71 25.99 39.80
C ARG A 82 -33.43 27.38 39.26
N VAL A 83 -34.23 28.36 39.67
CA VAL A 83 -34.14 29.72 39.16
C VAL A 83 -33.65 30.64 40.26
N GLU A 84 -32.60 31.40 39.97
CA GLU A 84 -32.08 32.44 40.86
C GLU A 84 -32.17 33.79 40.14
N ALA A 85 -31.58 34.81 40.75
CA ALA A 85 -31.67 36.17 40.22
C ALA A 85 -30.99 36.33 38.87
N GLU A 86 -30.09 35.42 38.50
CA GLU A 86 -29.37 35.50 37.24
C GLU A 86 -30.04 34.72 36.12
N ASP A 87 -31.37 34.57 36.16
CA ASP A 87 -32.13 33.92 35.11
C ASP A 87 -33.24 34.84 34.60
N VAL A 88 -32.99 36.13 34.59
CA VAL A 88 -33.98 37.13 34.18
C VAL A 88 -33.55 37.70 32.83
N GLY A 89 -34.45 37.67 31.87
CA GLY A 89 -34.16 38.17 30.55
C GLY A 89 -34.95 37.40 29.50
N PHE A 90 -34.84 37.89 28.26
CA PHE A 90 -35.58 37.28 27.17
C PHE A 90 -34.99 35.91 26.81
N TYR A 91 -35.82 35.08 26.19
CA TYR A 91 -35.40 33.78 25.70
C TYR A 91 -35.96 33.56 24.30
N TYR A 92 -35.13 33.03 23.41
CA TYR A 92 -35.50 32.80 22.03
C TYR A 92 -35.08 31.39 21.60
N CYS A 93 -35.80 30.84 20.63
CA CYS A 93 -35.43 29.55 20.05
C CYS A 93 -35.30 29.73 18.55
N MET A 94 -34.22 29.22 17.98
CA MET A 94 -33.90 29.39 16.57
C MET A 94 -33.74 28.01 15.94
N GLN A 95 -34.27 27.85 14.74
CA GLN A 95 -34.04 26.64 13.95
C GLN A 95 -33.07 26.95 12.83
N ASN A 96 -32.12 26.05 12.62
CA ASN A 96 -31.22 26.15 11.48
C ASN A 96 -31.16 24.79 10.78
N THR A 97 -32.18 24.50 10.01
CA THR A 97 -32.21 23.34 9.12
C THR A 97 -32.64 23.72 7.72
N HIS A 98 -33.57 24.65 7.58
CA HIS A 98 -34.00 25.16 6.30
C HIS A 98 -33.37 26.53 6.05
N TRP A 99 -33.44 26.97 4.80
CA TRP A 99 -32.95 28.27 4.41
C TRP A 99 -34.14 29.19 4.22
N PRO A 100 -34.25 30.31 4.95
CA PRO A 100 -33.30 30.82 5.93
C PRO A 100 -33.57 30.34 7.33
N LEU A 101 -32.98 31.00 8.32
CA LEU A 101 -33.22 30.71 9.71
C LEU A 101 -34.21 31.72 10.29
N THR A 102 -34.92 31.30 11.33
CA THR A 102 -35.96 32.13 11.92
C THR A 102 -35.84 32.11 13.44
N PHE A 103 -36.36 33.16 14.06
CA PHE A 103 -36.27 33.35 15.50
C PHE A 103 -37.66 33.40 16.11
N GLY A 104 -37.76 32.95 17.35
CA GLY A 104 -39.03 32.95 18.04
C GLY A 104 -39.46 34.33 18.49
N GLY A 105 -40.68 34.39 19.04
CA GLY A 105 -41.22 35.66 19.48
C GLY A 105 -40.48 36.25 20.67
N GLY A 106 -40.15 35.41 21.65
CA GLY A 106 -39.43 35.86 22.83
C GLY A 106 -40.28 35.92 24.08
N THR A 107 -39.83 35.27 25.15
CA THR A 107 -40.56 35.21 26.41
C THR A 107 -39.73 35.90 27.48
N LYS A 108 -40.32 36.88 28.15
CA LYS A 108 -39.66 37.58 29.24
C LYS A 108 -39.86 36.82 30.54
N VAL A 109 -38.78 36.50 31.22
CA VAL A 109 -38.81 35.74 32.47
C VAL A 109 -38.73 36.77 33.59
N GLU A 110 -39.89 37.20 34.07
CA GLU A 110 -39.94 38.09 35.22
C GLU A 110 -39.80 37.31 36.51
N ILE A 111 -39.56 38.04 37.60
CA ILE A 111 -39.42 37.46 38.93
C ILE A 111 -40.69 37.80 39.72
N LYS A 112 -41.27 36.79 40.36
CA LYS A 112 -42.51 36.97 41.10
C LYS A 112 -42.24 37.43 42.52
N ARG A 113 -43.20 38.13 43.10
CA ARG A 113 -43.06 38.72 44.42
C ARG A 113 -44.43 38.82 45.06
N THR A 114 -44.45 38.96 46.39
CA THR A 114 -45.70 39.21 47.09
C THR A 114 -46.27 40.55 46.65
N VAL A 115 -47.60 40.61 46.54
CA VAL A 115 -48.26 41.81 46.06
C VAL A 115 -48.13 42.92 47.09
N ALA A 116 -47.79 44.13 46.62
CA ALA A 116 -47.63 45.29 47.49
C ALA A 116 -48.43 46.46 46.93
N ALA A 117 -49.01 47.25 47.82
CA ALA A 117 -49.78 48.41 47.40
C ALA A 117 -48.85 49.48 46.82
N PRO A 118 -49.33 50.21 45.81
CA PRO A 118 -48.52 51.28 45.22
C PRO A 118 -48.68 52.61 45.94
N SER A 119 -47.57 53.33 46.05
CA SER A 119 -47.57 54.68 46.61
C SER A 119 -47.69 55.69 45.47
N VAL A 120 -48.73 56.51 45.53
CA VAL A 120 -49.09 57.41 44.44
C VAL A 120 -48.72 58.84 44.82
N PHE A 121 -47.98 59.52 43.95
CA PHE A 121 -47.55 60.90 44.18
C PHE A 121 -47.97 61.76 43.00
N ILE A 122 -48.11 63.06 43.26
CA ILE A 122 -48.51 64.03 42.24
C ILE A 122 -47.53 65.20 42.27
N PHE A 123 -46.95 65.53 41.12
CA PHE A 123 -46.05 66.67 40.97
C PHE A 123 -46.63 67.69 40.01
N PRO A 124 -47.22 68.79 40.50
CA PRO A 124 -47.77 69.79 39.59
C PRO A 124 -46.67 70.48 38.82
N PRO A 125 -46.97 71.00 37.63
CA PRO A 125 -45.95 71.72 36.85
C PRO A 125 -45.51 73.00 37.53
N SER A 126 -44.25 73.36 37.31
CA SER A 126 -43.67 74.56 37.87
C SER A 126 -43.87 75.74 36.92
N ASP A 127 -43.45 76.93 37.36
CA ASP A 127 -43.74 78.15 36.61
C ASP A 127 -42.87 78.31 35.37
N GLU A 128 -41.65 77.77 35.39
CA GLU A 128 -40.75 77.97 34.24
C GLU A 128 -41.32 77.29 32.99
N GLN A 129 -41.87 76.09 33.13
CA GLN A 129 -42.52 75.45 31.98
C GLN A 129 -43.74 76.24 31.54
N LEU A 130 -44.50 76.79 32.49
CA LEU A 130 -45.69 77.56 32.15
C LEU A 130 -45.33 78.79 31.34
N LYS A 131 -44.30 79.53 31.76
CA LYS A 131 -43.88 80.70 30.99
C LYS A 131 -43.21 80.29 29.69
N SER A 132 -42.63 79.09 29.63
CA SER A 132 -42.11 78.59 28.36
C SER A 132 -43.23 78.35 27.37
N GLY A 133 -44.36 77.85 27.83
CA GLY A 133 -45.51 77.62 26.96
C GLY A 133 -45.94 76.18 26.88
N THR A 134 -45.57 75.38 27.88
CA THR A 134 -45.93 73.97 27.91
C THR A 134 -46.19 73.55 29.34
N ALA A 135 -47.32 72.90 29.57
CA ALA A 135 -47.70 72.41 30.89
C ALA A 135 -47.76 70.89 30.88
N SER A 136 -47.05 70.26 31.81
CA SER A 136 -47.04 68.81 31.93
C SER A 136 -47.04 68.43 33.40
N VAL A 137 -47.84 67.41 33.74
CA VAL A 137 -47.95 66.91 35.11
C VAL A 137 -47.73 65.40 35.06
N VAL A 138 -47.24 64.86 36.18
CA VAL A 138 -46.91 63.44 36.27
C VAL A 138 -47.64 62.84 37.47
N CYS A 139 -48.11 61.60 37.31
CA CYS A 139 -48.72 60.84 38.39
C CYS A 139 -47.76 59.71 38.76
N LEU A 140 -46.94 59.95 39.79
CA LEU A 140 -45.90 59.00 40.16
C LEU A 140 -46.49 57.78 40.86
N LEU A 141 -46.04 56.60 40.44
CA LEU A 141 -46.32 55.35 41.13
C LEU A 141 -44.97 54.72 41.46
N ASN A 142 -44.79 54.34 42.72
CA ASN A 142 -43.48 53.93 43.22
C ASN A 142 -43.56 52.62 43.98
N ASN A 143 -42.59 51.74 43.72
CA ASN A 143 -42.31 50.57 44.55
C ASN A 143 -43.55 49.69 44.70
N PHE A 144 -44.01 49.14 43.59
CA PHE A 144 -45.21 48.32 43.58
C PHE A 144 -44.98 47.08 42.73
N TYR A 145 -45.93 46.14 42.82
CA TYR A 145 -45.91 44.89 42.07
C TYR A 145 -47.34 44.41 41.98
N PRO A 146 -47.78 43.81 40.87
CA PRO A 146 -47.07 43.54 39.61
C PRO A 146 -47.24 44.62 38.55
N ARG A 147 -46.90 44.27 37.31
CA ARG A 147 -47.01 45.20 36.18
C ARG A 147 -48.44 45.68 35.98
N GLU A 148 -49.43 44.92 36.43
CA GLU A 148 -50.83 45.30 36.25
C GLU A 148 -51.15 46.59 36.99
N ALA A 149 -51.35 47.66 36.23
CA ALA A 149 -51.68 48.96 36.81
C ALA A 149 -52.39 49.79 35.75
N LYS A 150 -53.68 50.06 35.97
CA LYS A 150 -54.48 50.87 35.05
C LYS A 150 -54.60 52.27 35.64
N VAL A 151 -53.84 53.21 35.09
CA VAL A 151 -53.83 54.59 35.55
C VAL A 151 -54.41 55.47 34.45
N GLN A 152 -55.43 56.23 34.80
CA GLN A 152 -56.09 57.14 33.86
C GLN A 152 -56.21 58.51 34.49
N TRP A 153 -56.07 59.54 33.66
CA TRP A 153 -56.10 60.91 34.16
C TRP A 153 -57.54 61.41 34.29
N LYS A 154 -57.83 62.06 35.41
CA LYS A 154 -59.15 62.61 35.68
C LYS A 154 -59.01 64.12 35.89
N VAL A 155 -59.51 64.89 34.93
CA VAL A 155 -59.50 66.35 34.99
C VAL A 155 -60.94 66.82 34.89
N ASP A 156 -61.38 67.58 35.90
CA ASP A 156 -62.77 68.03 35.99
C ASP A 156 -63.74 66.86 35.90
N ASN A 157 -63.33 65.73 36.49
CA ASN A 157 -64.10 64.48 36.45
C ASN A 157 -64.40 64.07 35.00
N ALA A 158 -63.41 64.24 34.13
CA ALA A 158 -63.51 63.85 32.73
C ALA A 158 -62.30 63.02 32.34
N LEU A 159 -62.52 62.04 31.47
CA LEU A 159 -61.46 61.14 31.04
C LEU A 159 -60.77 61.71 29.81
N GLN A 160 -59.44 61.83 29.90
CA GLN A 160 -58.61 62.31 28.80
C GLN A 160 -57.69 61.17 28.35
N SER A 161 -57.71 60.89 27.05
CA SER A 161 -56.94 59.78 26.50
C SER A 161 -56.25 60.24 25.22
N GLY A 162 -55.17 59.54 24.88
CA GLY A 162 -54.42 59.82 23.68
C GLY A 162 -53.33 60.85 23.81
N ASN A 163 -53.19 61.48 24.97
CA ASN A 163 -52.19 62.50 25.20
C ASN A 163 -51.42 62.22 26.49
N SER A 164 -51.19 60.95 26.78
CA SER A 164 -50.45 60.54 27.96
C SER A 164 -49.41 59.49 27.59
N GLN A 165 -48.24 59.59 28.22
CA GLN A 165 -47.15 58.66 27.98
C GLN A 165 -46.81 57.92 29.26
N GLU A 166 -46.50 56.64 29.15
CA GLU A 166 -46.20 55.79 30.28
C GLU A 166 -44.78 55.26 30.19
N SER A 167 -44.12 55.19 31.34
CA SER A 167 -42.79 54.62 31.45
C SER A 167 -42.75 53.66 32.63
N VAL A 168 -42.16 52.48 32.41
CA VAL A 168 -42.10 51.44 33.43
C VAL A 168 -40.64 51.08 33.66
N THR A 169 -40.23 51.07 34.92
CA THR A 169 -38.87 50.70 35.28
C THR A 169 -38.77 49.19 35.41
N GLU A 170 -37.55 48.67 35.22
CA GLU A 170 -37.31 47.24 35.25
C GLU A 170 -37.41 46.73 36.69
N GLN A 171 -37.12 45.43 36.88
CA GLN A 171 -37.16 44.82 38.20
C GLN A 171 -36.19 45.52 39.14
N ASP A 172 -36.60 45.66 40.40
CA ASP A 172 -35.71 46.16 41.43
C ASP A 172 -34.79 45.04 41.89
N SER A 173 -33.50 45.33 42.00
CA SER A 173 -32.55 44.30 42.38
C SER A 173 -32.71 43.90 43.85
N LYS A 174 -33.14 44.83 44.70
CA LYS A 174 -33.24 44.57 46.13
C LYS A 174 -34.61 44.03 46.54
N ASP A 175 -35.68 44.47 45.87
CA ASP A 175 -37.03 44.12 46.30
C ASP A 175 -37.90 43.55 45.18
N SER A 176 -37.50 43.65 43.92
CA SER A 176 -38.28 43.14 42.78
C SER A 176 -39.66 43.79 42.71
N THR A 177 -39.64 45.11 42.53
CA THR A 177 -40.86 45.91 42.42
C THR A 177 -40.77 46.77 41.16
N TYR A 178 -41.84 47.51 40.89
CA TYR A 178 -41.96 48.31 39.67
C TYR A 178 -42.14 49.79 40.03
N SER A 179 -42.20 50.61 38.99
CA SER A 179 -42.48 52.04 39.16
C SER A 179 -42.98 52.58 37.83
N LEU A 180 -44.24 53.00 37.79
CA LEU A 180 -44.85 53.52 36.57
C LEU A 180 -44.99 55.03 36.66
N SER A 181 -44.87 55.69 35.51
CA SER A 181 -45.04 57.13 35.40
C SER A 181 -46.09 57.43 34.35
N SER A 182 -47.04 58.30 34.69
CA SER A 182 -48.05 58.77 33.75
C SER A 182 -47.91 60.28 33.63
N THR A 183 -47.67 60.76 32.42
CA THR A 183 -47.44 62.17 32.16
C THR A 183 -48.61 62.74 31.37
N LEU A 184 -49.20 63.81 31.88
CA LEU A 184 -50.30 64.52 31.21
C LEU A 184 -49.75 65.86 30.75
N THR A 185 -49.55 66.00 29.44
CA THR A 185 -49.02 67.23 28.86
C THR A 185 -50.16 67.99 28.19
N LEU A 186 -50.35 69.25 28.58
CA LEU A 186 -51.42 70.07 28.05
C LEU A 186 -50.90 71.47 27.77
N SER A 187 -51.56 72.16 26.86
CA SER A 187 -51.20 73.53 26.53
C SER A 187 -51.68 74.48 27.64
N LYS A 188 -51.26 75.74 27.51
CA LYS A 188 -51.67 76.75 28.50
C LYS A 188 -53.17 76.96 28.48
N ALA A 189 -53.78 76.97 27.29
CA ALA A 189 -55.22 77.22 27.18
C ALA A 189 -56.02 76.11 27.88
N ASP A 190 -55.65 74.86 27.63
CA ASP A 190 -56.35 73.75 28.27
C ASP A 190 -56.08 73.73 29.77
N TYR A 191 -54.84 74.03 30.18
CA TYR A 191 -54.49 74.01 31.59
C TYR A 191 -55.26 75.07 32.38
N GLU A 192 -55.40 76.27 31.82
CA GLU A 192 -56.09 77.34 32.53
C GLU A 192 -57.60 77.11 32.55
N LYS A 193 -58.16 76.53 31.48
CA LYS A 193 -59.60 76.30 31.43
C LYS A 193 -60.04 75.31 32.48
N HIS A 194 -59.16 74.42 32.92
CA HIS A 194 -59.47 73.42 33.93
C HIS A 194 -58.88 73.82 35.27
N LYS A 195 -59.51 73.35 36.34
CA LYS A 195 -59.10 73.70 37.70
C LYS A 195 -58.53 72.53 38.48
N VAL A 196 -59.22 71.39 38.48
CA VAL A 196 -58.84 70.24 39.30
C VAL A 196 -58.21 69.18 38.41
N TYR A 197 -57.13 68.59 38.90
CA TYR A 197 -56.40 67.54 38.19
C TYR A 197 -56.12 66.38 39.14
N ALA A 198 -56.31 65.16 38.64
CA ALA A 198 -56.07 63.97 39.43
C ALA A 198 -55.88 62.78 38.50
N CYS A 199 -55.27 61.73 39.04
CA CYS A 199 -55.06 60.48 38.31
C CYS A 199 -55.74 59.34 39.06
N GLU A 200 -56.54 58.56 38.34
CA GLU A 200 -57.21 57.41 38.91
C GLU A 200 -56.32 56.18 38.79
N VAL A 201 -56.06 55.53 39.93
CA VAL A 201 -55.14 54.42 40.00
C VAL A 201 -55.91 53.16 40.40
N THR A 202 -55.81 52.12 39.58
CA THR A 202 -56.41 50.84 39.86
C THR A 202 -55.31 49.79 39.91
N HIS A 203 -55.21 49.09 41.03
CA HIS A 203 -54.17 48.08 41.22
C HIS A 203 -54.79 46.83 41.82
N GLN A 204 -54.21 45.67 41.47
CA GLN A 204 -54.71 44.40 41.98
C GLN A 204 -54.57 44.34 43.50
N GLY A 205 -53.45 44.83 44.03
CA GLY A 205 -53.27 44.86 45.48
C GLY A 205 -54.07 45.94 46.17
N LEU A 206 -54.56 46.94 45.43
CA LEU A 206 -55.33 48.01 46.02
C LEU A 206 -56.76 47.53 46.29
N SER A 207 -57.25 47.79 47.50
CA SER A 207 -58.62 47.42 47.83
C SER A 207 -59.62 48.37 47.17
N SER A 208 -59.32 49.66 47.17
CA SER A 208 -60.18 50.68 46.58
C SER A 208 -59.35 51.59 45.69
N PRO A 209 -59.96 52.12 44.62
CA PRO A 209 -59.20 53.03 43.74
C PRO A 209 -58.82 54.32 44.42
N VAL A 210 -57.53 54.51 44.67
CA VAL A 210 -57.03 55.73 45.29
C VAL A 210 -56.94 56.83 44.24
N THR A 211 -57.21 58.06 44.67
CA THR A 211 -57.18 59.22 43.79
C THR A 211 -56.53 60.38 44.53
N LYS A 212 -55.42 60.88 44.00
CA LYS A 212 -54.74 62.04 44.55
C LYS A 212 -54.97 63.24 43.65
N SER A 213 -55.40 64.35 44.23
CA SER A 213 -55.80 65.52 43.47
C SER A 213 -55.13 66.77 44.04
N PHE A 214 -55.17 67.84 43.24
CA PHE A 214 -54.64 69.13 43.65
C PHE A 214 -55.35 70.21 42.86
N ASN A 215 -55.20 71.45 43.33
CA ASN A 215 -55.79 72.61 42.69
C ASN A 215 -54.73 73.70 42.55
N ARG A 216 -54.96 74.59 41.60
CA ARG A 216 -54.02 75.69 41.37
C ARG A 216 -53.96 76.61 42.58
N GLY A 217 -52.76 77.08 42.90
CA GLY A 217 -52.54 77.98 44.01
C GLY A 217 -52.16 77.30 45.32
N GLU A 218 -52.80 76.17 45.63
CA GLU A 218 -52.48 75.46 46.86
C GLU A 218 -51.07 74.92 46.84
N CYS A 219 -50.63 74.38 45.70
CA CYS A 219 -49.29 73.82 45.58
C CYS A 219 -48.36 74.74 44.80
N GLN B 1 -8.28 35.72 21.07
CA GLN B 1 -9.34 34.75 21.30
C GLN B 1 -10.44 34.92 20.27
N VAL B 2 -11.39 33.98 20.22
CA VAL B 2 -12.47 34.04 19.25
C VAL B 2 -13.52 35.05 19.71
N GLN B 3 -13.38 36.28 19.23
CA GLN B 3 -14.31 37.35 19.56
C GLN B 3 -14.50 38.23 18.34
N LEU B 4 -15.62 38.92 18.29
CA LEU B 4 -15.97 39.78 17.18
C LEU B 4 -16.27 41.17 17.71
N VAL B 5 -15.68 42.19 17.10
CA VAL B 5 -15.79 43.58 17.54
C VAL B 5 -16.41 44.39 16.40
N GLN B 6 -17.34 45.27 16.74
CA GLN B 6 -18.11 46.00 15.75
C GLN B 6 -17.85 47.50 15.88
N SER B 7 -18.60 48.27 15.09
CA SER B 7 -18.44 49.72 15.01
C SER B 7 -19.12 50.37 16.21
N GLY B 8 -19.30 51.69 16.15
CA GLY B 8 -19.95 52.44 17.19
C GLY B 8 -21.34 52.92 16.79
N ALA B 9 -22.02 53.53 17.76
CA ALA B 9 -23.34 54.07 17.53
C ALA B 9 -23.28 55.22 16.54
N GLU B 10 -24.37 55.41 15.81
CA GLU B 10 -24.38 56.46 14.80
C GLU B 10 -25.82 56.88 14.50
N VAL B 11 -26.00 58.17 14.25
CA VAL B 11 -27.30 58.75 13.95
C VAL B 11 -27.29 59.21 12.49
N LYS B 12 -28.38 58.95 11.80
CA LYS B 12 -28.46 59.27 10.38
C LYS B 12 -29.78 59.97 10.07
N LYS B 13 -29.88 60.48 8.86
CA LYS B 13 -31.02 61.15 8.25
C LYS B 13 -31.74 60.21 7.30
N PRO B 14 -33.04 60.39 7.12
CA PRO B 14 -33.79 59.52 6.20
C PRO B 14 -33.23 59.58 4.79
N GLY B 15 -33.24 58.44 4.11
CA GLY B 15 -32.74 58.34 2.76
C GLY B 15 -31.24 58.23 2.61
N ALA B 16 -30.50 58.21 3.71
CA ALA B 16 -29.04 58.11 3.65
C ALA B 16 -28.63 56.65 3.55
N SER B 17 -27.33 56.39 3.71
CA SER B 17 -26.79 55.05 3.67
C SER B 17 -25.83 54.85 4.84
N VAL B 18 -25.75 53.61 5.32
CA VAL B 18 -24.93 53.28 6.48
C VAL B 18 -24.03 52.10 6.15
N LYS B 19 -22.91 52.02 6.86
CA LYS B 19 -21.99 50.90 6.75
C LYS B 19 -21.45 50.58 8.12
N VAL B 20 -21.46 49.31 8.49
CA VAL B 20 -20.94 48.86 9.77
C VAL B 20 -19.92 47.76 9.50
N SER B 21 -18.97 47.63 10.41
CA SER B 21 -17.87 46.70 10.25
C SER B 21 -17.83 45.72 11.42
N CYS B 22 -17.41 44.49 11.13
CA CYS B 22 -17.36 43.41 12.11
C CYS B 22 -15.98 42.77 12.00
N LYS B 23 -15.03 43.27 12.80
CA LYS B 23 -13.65 42.80 12.74
C LYS B 23 -13.48 41.56 13.60
N ALA B 24 -13.20 40.44 12.96
CA ALA B 24 -13.04 39.16 13.64
C ALA B 24 -11.58 38.88 13.93
N SER B 25 -11.35 38.01 14.92
CA SER B 25 -10.01 37.62 15.31
C SER B 25 -10.09 36.33 16.11
N GLY B 26 -8.94 35.69 16.28
CA GLY B 26 -8.82 34.53 17.13
C GLY B 26 -9.14 33.20 16.49
N TYR B 27 -9.53 33.18 15.22
CA TYR B 27 -9.83 31.93 14.56
C TYR B 27 -9.53 32.07 13.07
N THR B 28 -9.37 30.93 12.41
CA THR B 28 -9.10 30.94 10.97
C THR B 28 -10.30 31.53 10.22
N PHE B 29 -10.11 32.73 9.68
CA PHE B 29 -11.23 33.49 9.14
C PHE B 29 -11.83 32.81 7.93
N THR B 30 -11.00 32.24 7.06
CA THR B 30 -11.44 31.75 5.76
C THR B 30 -12.02 30.34 5.81
N SER B 31 -12.46 29.89 6.97
CA SER B 31 -13.10 28.58 7.08
C SER B 31 -14.56 28.67 7.52
N TYR B 32 -15.09 29.86 7.73
CA TYR B 32 -16.46 30.04 8.19
C TYR B 32 -17.08 31.22 7.45
N GLY B 33 -18.34 31.52 7.77
CA GLY B 33 -19.03 32.63 7.16
C GLY B 33 -19.66 33.51 8.22
N ILE B 34 -20.10 34.69 7.79
CA ILE B 34 -20.62 35.72 8.69
C ILE B 34 -22.04 36.07 8.27
N SER B 35 -22.95 36.07 9.24
CA SER B 35 -24.35 36.39 9.04
C SER B 35 -24.71 37.62 9.86
N TRP B 36 -25.55 38.48 9.30
CA TRP B 36 -25.91 39.75 9.91
C TRP B 36 -27.38 39.70 10.35
N VAL B 37 -27.61 39.95 11.62
CA VAL B 37 -28.92 39.81 12.25
C VAL B 37 -29.26 41.11 12.96
N ARG B 38 -30.53 41.52 12.90
CA ARG B 38 -30.98 42.72 13.58
C ARG B 38 -32.03 42.38 14.62
N GLN B 39 -32.36 43.37 15.45
CA GLN B 39 -33.39 43.22 16.47
C GLN B 39 -34.00 44.59 16.72
N ALA B 40 -35.19 44.81 16.19
CA ALA B 40 -35.87 46.08 16.41
C ALA B 40 -36.29 46.19 17.88
N PRO B 41 -36.36 47.41 18.41
CA PRO B 41 -36.77 47.58 19.81
C PRO B 41 -38.23 47.18 20.00
N GLY B 42 -38.46 46.24 20.91
CA GLY B 42 -39.81 45.75 21.13
C GLY B 42 -40.39 44.98 19.96
N GLN B 43 -39.55 44.21 19.27
CA GLN B 43 -40.02 43.36 18.18
C GLN B 43 -38.99 42.25 17.98
N GLY B 44 -39.44 41.14 17.41
CA GLY B 44 -38.63 39.95 17.36
C GLY B 44 -37.40 40.10 16.48
N ILE B 45 -36.43 39.23 16.74
CA ILE B 45 -35.18 39.23 15.98
C ILE B 45 -35.44 38.69 14.58
N GLU B 46 -34.73 39.24 13.60
CA GLU B 46 -34.92 38.82 12.22
C GLU B 46 -33.59 38.86 11.48
N TRP B 47 -33.51 38.06 10.41
CA TRP B 47 -32.28 37.80 9.68
C TRP B 47 -32.26 38.58 8.36
N MET B 48 -31.10 39.14 8.01
CA MET B 48 -30.97 39.86 6.75
C MET B 48 -29.65 39.57 6.05
N GLY B 49 -29.23 38.32 5.98
CA GLY B 49 -28.18 38.02 5.04
C GLY B 49 -27.12 37.02 5.45
N TRP B 50 -26.22 36.75 4.53
CA TRP B 50 -25.13 35.82 4.74
C TRP B 50 -24.00 36.20 3.79
N ILE B 51 -22.76 35.90 4.18
CA ILE B 51 -21.62 36.12 3.31
C ILE B 51 -20.56 35.08 3.68
N SER B 52 -19.66 34.81 2.74
CA SER B 52 -18.86 33.60 2.80
C SER B 52 -17.45 33.81 3.32
N THR B 53 -16.87 34.98 3.16
CA THR B 53 -15.45 35.23 3.49
C THR B 53 -14.54 34.24 2.78
N TYR B 54 -15.06 33.62 1.73
CA TYR B 54 -14.34 32.66 0.90
C TYR B 54 -15.13 32.56 -0.38
N ASN B 55 -14.53 32.99 -1.49
CA ASN B 55 -15.15 33.16 -2.81
C ASN B 55 -16.47 33.92 -2.77
N GLY B 56 -16.71 34.72 -1.73
CA GLY B 56 -17.78 35.69 -1.69
C GLY B 56 -19.12 35.33 -2.30
N ASN B 57 -19.80 34.32 -1.75
CA ASN B 57 -21.11 33.91 -2.25
C ASN B 57 -22.17 34.38 -1.25
N ARG B 58 -22.64 35.60 -1.45
CA ARG B 58 -23.60 36.21 -0.54
C ARG B 58 -25.04 35.90 -0.93
N ASN B 59 -25.92 36.00 0.06
CA ASN B 59 -27.35 35.78 -0.09
C ASN B 59 -28.04 36.79 0.80
N TYR B 60 -29.22 37.25 0.39
CA TYR B 60 -29.89 38.30 1.13
C TYR B 60 -31.33 37.94 1.46
N ALA B 61 -31.86 38.59 2.49
CA ALA B 61 -33.24 38.37 2.89
C ALA B 61 -34.18 38.91 1.81
N GLN B 62 -35.34 38.27 1.69
CA GLN B 62 -36.29 38.67 0.65
C GLN B 62 -36.77 40.10 0.83
N LYS B 63 -37.11 40.50 2.06
CA LYS B 63 -37.59 41.87 2.28
C LYS B 63 -36.52 42.91 2.02
N VAL B 64 -35.31 42.72 2.54
CA VAL B 64 -34.24 43.70 2.40
C VAL B 64 -33.51 43.51 1.07
N GLN B 65 -34.07 42.69 0.18
CA GLN B 65 -33.43 42.43 -1.10
C GLN B 65 -33.36 43.69 -1.94
N GLY B 66 -32.18 43.95 -2.51
CA GLY B 66 -31.97 45.11 -3.35
C GLY B 66 -31.67 46.41 -2.61
N ARG B 67 -31.66 46.38 -1.28
CA ARG B 67 -31.38 47.56 -0.48
C ARG B 67 -30.14 47.41 0.39
N VAL B 68 -29.50 46.24 0.38
CA VAL B 68 -28.33 45.98 1.22
C VAL B 68 -27.27 45.22 0.42
N THR B 69 -26.01 45.55 0.64
CA THR B 69 -24.88 44.88 0.00
C THR B 69 -23.80 44.59 1.02
N MET B 70 -23.20 43.40 0.92
CA MET B 70 -22.18 42.93 1.84
C MET B 70 -20.88 42.63 1.11
N THR B 71 -19.76 43.05 1.70
CA THR B 71 -18.44 42.74 1.19
C THR B 71 -17.53 42.39 2.36
N THR B 72 -16.50 41.60 2.07
CA THR B 72 -15.50 41.22 3.08
C THR B 72 -14.10 41.59 2.61
N ASP B 73 -13.21 41.74 3.58
CA ASP B 73 -11.82 42.11 3.34
C ASP B 73 -10.93 41.03 3.95
N ARG B 74 -10.49 40.08 3.13
CA ARG B 74 -9.72 38.95 3.65
C ARG B 74 -8.35 39.39 4.16
N SER B 75 -7.80 40.47 3.62
CA SER B 75 -6.48 40.91 4.05
C SER B 75 -6.48 41.43 5.47
N THR B 76 -7.47 42.25 5.83
CA THR B 76 -7.55 42.82 7.16
C THR B 76 -8.44 42.02 8.11
N SER B 77 -9.03 40.91 7.64
CA SER B 77 -9.86 40.04 8.45
C SER B 77 -11.04 40.81 9.07
N THR B 78 -11.90 41.33 8.20
CA THR B 78 -13.10 42.03 8.65
C THR B 78 -14.17 41.92 7.59
N ALA B 79 -15.41 42.10 8.01
CA ALA B 79 -16.56 42.05 7.11
C ALA B 79 -17.38 43.32 7.27
N TYR B 80 -18.02 43.73 6.19
CA TYR B 80 -18.80 44.96 6.16
C TYR B 80 -20.25 44.63 5.86
N MET B 81 -21.10 45.66 5.97
CA MET B 81 -22.52 45.51 5.65
C MET B 81 -23.05 46.88 5.28
N ASP B 82 -23.36 47.08 4.00
CA ASP B 82 -23.80 48.38 3.49
C ASP B 82 -25.31 48.38 3.32
N LEU B 83 -25.96 49.36 3.93
CA LEU B 83 -27.40 49.52 3.85
C LEU B 83 -27.72 50.93 3.39
N ARG B 84 -28.70 51.06 2.50
CA ARG B 84 -29.04 52.35 1.91
C ARG B 84 -30.55 52.52 1.85
N SER B 85 -30.98 53.77 1.65
CA SER B 85 -32.39 54.15 1.58
C SER B 85 -33.12 53.84 2.88
N LEU B 86 -32.63 54.46 3.96
CA LEU B 86 -33.14 54.20 5.29
C LEU B 86 -34.46 54.92 5.55
N ARG B 87 -35.40 54.21 6.16
CA ARG B 87 -36.63 54.81 6.63
C ARG B 87 -36.55 54.99 8.14
N SER B 88 -37.65 55.42 8.75
CA SER B 88 -37.71 55.49 10.21
C SER B 88 -37.83 54.10 10.84
N ASP B 89 -38.32 53.11 10.08
CA ASP B 89 -38.48 51.76 10.59
C ASP B 89 -37.14 51.06 10.80
N ASP B 90 -36.07 51.59 10.24
CA ASP B 90 -34.78 50.92 10.31
C ASP B 90 -34.10 51.07 11.67
N THR B 91 -34.67 51.83 12.59
CA THR B 91 -34.09 51.99 13.92
C THR B 91 -34.08 50.66 14.65
N ALA B 92 -32.91 50.07 14.81
CA ALA B 92 -32.78 48.75 15.42
C ALA B 92 -31.37 48.60 15.96
N VAL B 93 -30.99 47.37 16.27
CA VAL B 93 -29.64 47.04 16.70
C VAL B 93 -29.15 45.88 15.85
N TYR B 94 -28.10 46.10 15.07
CA TYR B 94 -27.62 45.12 14.12
C TYR B 94 -26.49 44.30 14.72
N TYR B 95 -26.60 42.98 14.62
CA TYR B 95 -25.63 42.07 15.19
C TYR B 95 -24.87 41.33 14.10
N CYS B 96 -23.75 40.73 14.50
CA CYS B 96 -22.86 40.01 13.60
C CYS B 96 -22.44 38.71 14.26
N ALA B 97 -22.65 37.59 13.58
CA ALA B 97 -22.39 36.29 14.17
C ALA B 97 -21.80 35.34 13.14
N ARG B 98 -20.83 34.55 13.55
CA ARG B 98 -20.28 33.53 12.67
C ARG B 98 -21.36 32.53 12.32
N HIS B 99 -21.35 32.06 11.08
CA HIS B 99 -22.42 31.19 10.61
C HIS B 99 -21.91 30.34 9.45
N GLY B 100 -22.22 29.05 9.49
CA GLY B 100 -21.87 28.15 8.42
C GLY B 100 -20.41 27.70 8.47
N ILE B 101 -20.10 26.75 7.60
CA ILE B 101 -18.75 26.24 7.46
C ILE B 101 -18.44 26.13 5.97
N THR B 102 -17.15 26.19 5.63
CA THR B 102 -16.74 26.17 4.23
C THR B 102 -15.57 25.22 4.05
N GLY B 103 -14.98 25.20 2.87
CA GLY B 103 -13.86 24.33 2.60
C GLY B 103 -13.80 23.97 1.14
N ALA B 104 -12.82 23.14 0.80
CA ALA B 104 -12.65 22.72 -0.58
C ALA B 104 -13.82 21.84 -1.04
N ARG B 105 -14.22 20.89 -0.20
CA ARG B 105 -15.28 19.94 -0.54
C ARG B 105 -16.50 20.03 0.37
N ASN B 106 -16.31 20.34 1.66
CA ASN B 106 -17.42 20.48 2.59
C ASN B 106 -17.87 21.92 2.62
N TYR B 107 -19.17 22.14 2.44
CA TYR B 107 -19.71 23.50 2.30
C TYR B 107 -21.16 23.47 2.78
N TYR B 108 -21.40 23.86 4.03
CA TYR B 108 -22.73 23.75 4.61
C TYR B 108 -23.13 25.06 5.29
N TYR B 109 -24.35 25.07 5.84
CA TYR B 109 -24.88 26.21 6.57
C TYR B 109 -25.60 25.85 7.84
N HIS B 110 -25.62 24.58 8.22
CA HIS B 110 -26.30 24.09 9.42
C HIS B 110 -25.42 24.08 10.66
N TYR B 111 -24.43 24.96 10.76
CA TYR B 111 -23.54 25.06 11.91
C TYR B 111 -23.81 26.38 12.62
N GLY B 112 -24.14 26.27 13.91
CA GLY B 112 -24.73 27.37 14.65
C GLY B 112 -23.89 28.62 14.81
N MET B 113 -24.64 29.70 15.01
CA MET B 113 -24.29 31.10 15.23
C MET B 113 -23.72 31.28 16.63
N ASP B 114 -22.41 31.12 16.81
CA ASP B 114 -21.81 31.00 18.13
C ASP B 114 -21.17 32.28 18.67
N VAL B 115 -20.28 32.93 17.92
CA VAL B 115 -19.46 33.99 18.52
C VAL B 115 -20.31 35.21 18.87
N TRP B 116 -21.18 35.65 17.96
CA TRP B 116 -22.21 36.63 18.30
C TRP B 116 -21.62 37.95 18.80
N GLY B 117 -20.99 38.68 17.89
CA GLY B 117 -20.42 39.98 18.21
C GLY B 117 -21.36 40.90 18.96
N GLN B 118 -20.80 41.94 19.60
CA GLN B 118 -21.57 42.72 20.57
C GLN B 118 -22.71 43.51 19.94
N GLY B 119 -22.57 43.93 18.69
CA GLY B 119 -23.69 44.59 18.05
C GLY B 119 -23.68 46.09 18.27
N THR B 120 -24.21 46.80 17.26
CA THR B 120 -24.25 48.26 17.26
C THR B 120 -25.68 48.74 17.16
N THR B 121 -25.96 49.89 17.75
CA THR B 121 -27.28 50.51 17.67
C THR B 121 -27.32 51.51 16.53
N VAL B 122 -28.43 51.49 15.78
CA VAL B 122 -28.61 52.36 14.62
C VAL B 122 -29.97 53.03 14.76
N THR B 123 -30.00 54.34 14.57
CA THR B 123 -31.24 55.11 14.64
C THR B 123 -31.36 56.02 13.44
N VAL B 124 -32.60 56.29 13.06
CA VAL B 124 -32.92 57.17 11.93
C VAL B 124 -33.97 58.17 12.39
N SER B 125 -33.70 59.45 12.16
CA SER B 125 -34.63 60.50 12.56
C SER B 125 -34.41 61.72 11.69
N SER B 126 -35.41 62.59 11.65
CA SER B 126 -35.34 63.85 10.91
C SER B 126 -35.24 64.99 11.91
N ALA B 127 -34.02 65.28 12.34
CA ALA B 127 -33.76 66.33 13.32
C ALA B 127 -32.24 66.47 13.45
N SER B 128 -31.83 67.43 14.28
CA SER B 128 -30.42 67.60 14.60
C SER B 128 -30.26 67.61 16.12
N THR B 129 -29.05 67.92 16.60
CA THR B 129 -28.79 67.91 18.03
C THR B 129 -29.37 69.15 18.71
N LYS B 130 -30.23 68.95 19.70
CA LYS B 130 -30.74 70.00 20.57
C LYS B 130 -30.27 69.75 21.99
N GLY B 131 -30.32 70.81 22.80
CA GLY B 131 -29.96 70.72 24.19
C GLY B 131 -31.14 70.39 25.08
N PRO B 132 -30.88 69.66 26.16
CA PRO B 132 -31.95 69.31 27.09
C PRO B 132 -32.28 70.45 28.04
N SER B 133 -33.56 70.53 28.40
CA SER B 133 -34.06 71.51 29.34
C SER B 133 -34.52 70.79 30.60
N VAL B 134 -33.96 71.18 31.74
CA VAL B 134 -34.19 70.51 33.02
C VAL B 134 -35.01 71.44 33.90
N PHE B 135 -36.08 70.90 34.49
CA PHE B 135 -36.92 71.66 35.39
C PHE B 135 -37.11 70.90 36.70
N PRO B 136 -37.08 71.60 37.83
CA PRO B 136 -37.35 70.94 39.11
C PRO B 136 -38.82 70.59 39.26
N LEU B 137 -39.08 69.63 40.14
CA LEU B 137 -40.44 69.17 40.42
C LEU B 137 -40.85 69.68 41.79
N ALA B 138 -41.96 70.41 41.84
CA ALA B 138 -42.42 71.02 43.07
C ALA B 138 -43.58 70.22 43.64
N PRO B 139 -43.43 69.58 44.79
CA PRO B 139 -44.55 68.85 45.39
C PRO B 139 -45.41 69.78 46.23
N CYS B 140 -46.43 69.21 46.86
CA CYS B 140 -47.34 69.97 47.71
C CYS B 140 -46.95 69.87 49.17
N THR B 148 -43.50 61.17 54.45
CA THR B 148 -42.55 60.88 53.39
C THR B 148 -42.91 61.60 52.10
N ALA B 149 -41.91 62.18 51.44
CA ALA B 149 -42.12 62.92 50.21
C ALA B 149 -41.02 62.57 49.22
N ALA B 150 -41.32 62.76 47.94
CA ALA B 150 -40.39 62.45 46.86
C ALA B 150 -40.05 63.73 46.09
N LEU B 151 -39.00 63.63 45.29
CA LEU B 151 -38.53 64.77 44.51
C LEU B 151 -37.89 64.25 43.23
N GLY B 152 -37.80 65.13 42.23
CA GLY B 152 -37.25 64.71 40.95
C GLY B 152 -36.97 65.87 40.03
N CYS B 153 -36.32 65.54 38.91
CA CYS B 153 -36.00 66.48 37.85
C CYS B 153 -36.65 66.02 36.55
N LEU B 154 -37.10 66.98 35.74
CA LEU B 154 -37.78 66.68 34.49
C LEU B 154 -36.96 67.21 33.31
N VAL B 155 -36.75 66.36 32.30
CA VAL B 155 -36.06 66.72 31.08
C VAL B 155 -36.99 66.47 29.91
N LYS B 156 -37.17 67.48 29.06
CA LYS B 156 -38.08 67.38 27.93
C LYS B 156 -37.42 67.92 26.67
N ASP B 157 -37.75 67.29 25.54
CA ASP B 157 -37.42 67.79 24.21
C ASP B 157 -35.91 67.88 24.01
N TYR B 158 -35.25 66.73 24.11
CA TYR B 158 -33.80 66.64 23.93
C TYR B 158 -33.49 65.58 22.87
N PHE B 159 -32.25 65.61 22.38
CA PHE B 159 -31.81 64.73 21.31
C PHE B 159 -30.29 64.76 21.19
N PRO B 160 -29.64 63.61 20.97
CA PRO B 160 -30.22 62.26 20.98
C PRO B 160 -29.91 61.49 22.26
N GLU B 161 -30.27 60.22 22.28
CA GLU B 161 -29.95 59.36 23.40
C GLU B 161 -28.43 59.18 23.51
N PRO B 162 -27.89 59.05 24.74
CA PRO B 162 -28.53 59.09 26.05
C PRO B 162 -28.21 60.31 26.89
N VAL B 163 -28.85 60.40 28.06
CA VAL B 163 -28.58 61.41 29.07
C VAL B 163 -28.55 60.74 30.43
N THR B 164 -27.49 60.97 31.19
CA THR B 164 -27.34 60.40 32.52
C THR B 164 -27.56 61.48 33.57
N VAL B 165 -28.48 61.22 34.49
CA VAL B 165 -28.84 62.18 35.54
C VAL B 165 -28.28 61.69 36.85
N SER B 166 -27.56 62.56 37.55
CA SER B 166 -26.95 62.24 38.84
C SER B 166 -27.49 63.18 39.90
N TRP B 167 -27.82 62.62 41.07
CA TRP B 167 -28.38 63.38 42.18
C TRP B 167 -27.24 63.85 43.08
N ASN B 168 -27.10 65.17 43.20
CA ASN B 168 -26.03 65.77 44.00
C ASN B 168 -24.66 65.26 43.54
N SER B 169 -24.51 65.12 42.22
CA SER B 169 -23.28 64.59 41.61
C SER B 169 -22.91 63.23 42.19
N GLY B 170 -23.91 62.36 42.35
CA GLY B 170 -23.67 61.01 42.84
C GLY B 170 -23.46 60.91 44.34
N ALA B 171 -23.96 61.86 45.12
CA ALA B 171 -23.78 61.82 46.56
C ALA B 171 -24.82 60.97 47.28
N LEU B 172 -25.87 60.53 46.59
CA LEU B 172 -26.92 59.73 47.20
C LEU B 172 -27.27 58.56 46.30
N THR B 173 -27.21 57.35 46.84
CA THR B 173 -27.47 56.13 46.09
C THR B 173 -28.41 55.21 46.87
N SER B 174 -29.39 55.78 47.55
CA SER B 174 -30.39 55.02 48.29
C SER B 174 -31.78 55.49 47.88
N GLY B 175 -32.62 54.56 47.43
CA GLY B 175 -33.96 54.90 47.00
C GLY B 175 -34.00 55.83 45.81
N VAL B 176 -33.20 55.51 44.79
CA VAL B 176 -33.11 56.33 43.58
C VAL B 176 -33.69 55.54 42.41
N HIS B 177 -34.49 56.22 41.59
CA HIS B 177 -35.10 55.60 40.42
C HIS B 177 -34.94 56.52 39.21
N THR B 178 -34.46 55.96 38.11
CA THR B 178 -34.31 56.67 36.84
C THR B 178 -35.24 56.04 35.82
N PHE B 179 -36.07 56.85 35.19
CA PHE B 179 -37.11 56.34 34.28
C PHE B 179 -36.57 56.28 32.87
N PRO B 180 -36.67 55.13 32.19
CA PRO B 180 -36.19 55.05 30.80
C PRO B 180 -36.92 56.05 29.90
N ALA B 181 -36.16 56.62 28.96
CA ALA B 181 -36.69 57.64 28.09
C ALA B 181 -37.74 57.06 27.14
N VAL B 182 -38.65 57.92 26.70
CA VAL B 182 -39.73 57.55 25.79
C VAL B 182 -39.77 58.57 24.65
N LEU B 183 -40.05 58.08 23.45
CA LEU B 183 -40.13 58.96 22.28
C LEU B 183 -41.42 59.76 22.31
N GLN B 184 -41.29 61.08 22.13
CA GLN B 184 -42.47 61.92 21.98
C GLN B 184 -43.01 61.83 20.56
N SER B 185 -44.24 62.30 20.38
CA SER B 185 -44.81 62.38 19.04
C SER B 185 -44.09 63.42 18.20
N SER B 186 -43.52 64.44 18.83
CA SER B 186 -42.79 65.47 18.09
C SER B 186 -41.56 64.88 17.41
N GLY B 187 -40.82 64.03 18.11
CA GLY B 187 -39.66 63.40 17.52
C GLY B 187 -38.41 63.48 18.37
N LEU B 188 -38.55 63.88 19.63
CA LEU B 188 -37.43 63.92 20.56
C LEU B 188 -37.78 63.20 21.85
N TYR B 189 -36.73 62.76 22.54
CA TYR B 189 -36.88 61.97 23.75
C TYR B 189 -37.15 62.88 24.95
N SER B 190 -37.68 62.26 26.01
CA SER B 190 -37.92 62.96 27.27
C SER B 190 -38.00 61.91 28.38
N LEU B 191 -37.44 62.24 29.53
CA LEU B 191 -37.40 61.30 30.65
C LEU B 191 -37.50 62.08 31.95
N SER B 192 -37.53 61.33 33.05
CA SER B 192 -37.58 61.92 34.39
C SER B 192 -36.91 60.96 35.36
N SER B 193 -36.48 61.52 36.49
CA SER B 193 -35.87 60.73 37.56
C SER B 193 -36.40 61.24 38.89
N VAL B 194 -36.80 60.33 39.76
CA VAL B 194 -37.41 60.67 41.03
C VAL B 194 -36.68 59.96 42.15
N VAL B 195 -36.40 60.68 43.23
CA VAL B 195 -35.78 60.13 44.43
C VAL B 195 -36.65 60.49 45.63
N THR B 196 -36.76 59.57 46.58
CA THR B 196 -37.61 59.75 47.75
C THR B 196 -36.76 59.80 49.00
N VAL B 197 -36.99 60.82 49.83
CA VAL B 197 -36.32 60.98 51.12
C VAL B 197 -37.40 61.30 52.15
N PRO B 198 -37.38 60.68 53.34
CA PRO B 198 -38.42 60.94 54.33
C PRO B 198 -38.46 62.42 54.73
N SER B 199 -39.68 62.91 54.98
CA SER B 199 -39.93 64.32 55.25
C SER B 199 -39.66 64.72 56.69
N SER B 200 -38.90 63.91 57.43
CA SER B 200 -38.54 64.29 58.79
C SER B 200 -37.69 65.56 58.81
N SER B 201 -36.75 65.67 57.87
CA SER B 201 -35.85 66.82 57.76
C SER B 201 -35.78 67.27 56.30
N LEU B 202 -36.95 67.40 55.66
CA LEU B 202 -36.98 67.74 54.24
C LEU B 202 -36.50 69.17 53.99
N GLY B 203 -36.79 70.09 54.89
CA GLY B 203 -36.43 71.48 54.66
C GLY B 203 -34.96 71.79 54.84
N THR B 204 -34.28 71.04 55.71
CA THR B 204 -32.88 71.30 55.96
C THR B 204 -32.00 70.84 54.80
N LYS B 205 -32.33 69.70 54.20
CA LYS B 205 -31.53 69.16 53.12
C LYS B 205 -31.93 69.79 51.78
N THR B 206 -30.99 69.77 50.84
CA THR B 206 -31.22 70.25 49.48
C THR B 206 -30.78 69.19 48.49
N TYR B 207 -31.42 69.19 47.32
CA TYR B 207 -31.17 68.19 46.29
C TYR B 207 -30.96 68.87 44.95
N THR B 208 -29.93 68.45 44.22
CA THR B 208 -29.59 69.03 42.93
C THR B 208 -29.33 67.94 41.91
N CYS B 209 -29.58 68.26 40.64
CA CYS B 209 -29.36 67.35 39.53
C CYS B 209 -28.20 67.84 38.67
N ASN B 210 -27.40 66.90 38.18
CA ASN B 210 -26.28 67.21 37.27
C ASN B 210 -26.44 66.33 36.03
N VAL B 211 -27.18 66.84 35.04
CA VAL B 211 -27.40 66.10 33.81
C VAL B 211 -26.20 66.25 32.89
N ASP B 212 -26.02 65.27 32.00
CA ASP B 212 -24.88 65.22 31.09
C ASP B 212 -25.37 64.90 29.68
N HIS B 213 -25.42 65.91 28.82
CA HIS B 213 -25.74 65.73 27.40
C HIS B 213 -24.42 65.60 26.65
N LYS B 214 -23.99 64.37 26.45
CA LYS B 214 -22.68 64.12 25.83
C LYS B 214 -22.53 64.73 24.44
N PRO B 215 -23.49 64.62 23.52
CA PRO B 215 -23.27 65.18 22.18
C PRO B 215 -23.12 66.68 22.16
N SER B 216 -23.58 67.40 23.18
CA SER B 216 -23.45 68.86 23.23
C SER B 216 -22.65 69.35 24.43
N ASN B 217 -22.18 68.46 25.31
CA ASN B 217 -21.41 68.84 26.49
C ASN B 217 -22.17 69.85 27.34
N THR B 218 -23.45 69.57 27.56
CA THR B 218 -24.32 70.45 28.34
C THR B 218 -24.51 69.86 29.73
N LYS B 219 -24.20 70.65 30.76
CA LYS B 219 -24.41 70.27 32.15
C LYS B 219 -25.31 71.32 32.80
N VAL B 220 -26.45 70.88 33.32
CA VAL B 220 -27.45 71.78 33.88
C VAL B 220 -27.66 71.43 35.35
N ASP B 221 -27.59 72.44 36.20
CA ASP B 221 -27.74 72.28 37.64
C ASP B 221 -29.01 72.99 38.09
N LYS B 222 -29.85 72.28 38.83
CA LYS B 222 -31.10 72.83 39.34
C LYS B 222 -31.27 72.49 40.81
N ARG B 223 -31.61 73.50 41.61
CA ARG B 223 -31.94 73.32 43.01
C ARG B 223 -33.46 73.27 43.15
N VAL B 224 -33.96 72.27 43.87
CA VAL B 224 -35.38 71.97 43.91
C VAL B 224 -35.91 72.31 45.31
N GLU B 225 -36.92 73.18 45.35
CA GLU B 225 -37.62 73.52 46.58
C GLU B 225 -39.11 73.62 46.30
N SER B 226 -39.92 73.38 47.32
CA SER B 226 -41.36 73.44 47.18
C SER B 226 -41.84 74.88 47.04
N MET C 42 -19.92 36.78 -6.77
CA MET C 42 -21.33 36.96 -6.40
C MET C 42 -22.14 35.71 -6.70
N LYS C 43 -23.44 35.93 -6.94
CA LYS C 43 -24.43 34.90 -7.22
C LYS C 43 -24.83 34.17 -5.93
N GLU C 44 -25.81 33.28 -6.04
CA GLU C 44 -26.34 32.55 -4.91
C GLU C 44 -25.35 31.50 -4.42
N PRO C 45 -25.63 30.87 -3.27
CA PRO C 45 -24.70 29.87 -2.73
C PRO C 45 -25.26 28.46 -2.83
N CYS C 46 -24.46 27.50 -3.28
CA CYS C 46 -24.89 26.12 -3.38
C CYS C 46 -24.28 25.35 -2.23
N PHE C 47 -25.16 24.78 -1.39
CA PHE C 47 -24.74 24.06 -0.19
C PHE C 47 -24.89 22.56 -0.44
N ARG C 48 -23.89 21.80 -0.03
CA ARG C 48 -23.93 20.37 -0.25
C ARG C 48 -25.11 19.74 0.47
N GLU C 49 -25.62 18.66 -0.12
CA GLU C 49 -26.71 17.89 0.46
C GLU C 49 -26.31 16.42 0.39
N GLU C 50 -26.47 15.70 1.50
CA GLU C 50 -26.00 14.33 1.56
C GLU C 50 -27.12 13.40 2.01
N ASN C 51 -27.21 12.25 1.35
CA ASN C 51 -28.17 11.22 1.75
C ASN C 51 -27.63 10.46 2.95
N ALA C 52 -28.52 10.13 3.88
CA ALA C 52 -28.09 9.41 5.07
C ALA C 52 -27.61 8.01 4.70
N ASN C 53 -28.40 7.28 3.90
CA ASN C 53 -28.01 5.93 3.53
C ASN C 53 -26.79 5.93 2.61
N PHE C 54 -26.82 6.74 1.55
CA PHE C 54 -25.77 6.76 0.55
C PHE C 54 -24.41 7.11 1.13
N ASN C 55 -24.38 7.78 2.28
CA ASN C 55 -23.14 8.17 2.91
C ASN C 55 -22.83 7.33 4.15
N LYS C 56 -23.81 6.62 4.69
CA LYS C 56 -23.65 5.94 5.98
C LYS C 56 -23.56 4.43 5.87
N ILE C 57 -24.22 3.80 4.89
CA ILE C 57 -24.26 2.35 4.82
C ILE C 57 -23.51 1.80 3.60
N PHE C 58 -23.55 2.49 2.47
CA PHE C 58 -22.97 1.92 1.26
C PHE C 58 -21.47 2.16 1.17
N LEU C 59 -21.03 3.40 1.42
CA LEU C 59 -19.60 3.69 1.34
C LEU C 59 -18.78 2.90 2.33
N PRO C 60 -19.15 2.76 3.61
CA PRO C 60 -18.34 1.93 4.51
C PRO C 60 -18.19 0.49 4.05
N THR C 61 -19.23 -0.11 3.48
CA THR C 61 -19.12 -1.50 3.02
C THR C 61 -18.12 -1.62 1.87
N ILE C 62 -18.19 -0.71 0.91
CA ILE C 62 -17.24 -0.74 -0.21
C ILE C 62 -15.83 -0.51 0.30
N TYR C 63 -15.66 0.44 1.22
CA TYR C 63 -14.33 0.69 1.77
C TYR C 63 -13.78 -0.53 2.47
N SER C 64 -14.62 -1.21 3.26
CA SER C 64 -14.17 -2.41 3.97
C SER C 64 -13.81 -3.53 3.01
N ILE C 65 -14.63 -3.75 1.98
CA ILE C 65 -14.34 -4.81 1.02
C ILE C 65 -13.01 -4.53 0.32
N ILE C 66 -12.82 -3.29 -0.12
CA ILE C 66 -11.58 -2.92 -0.79
C ILE C 66 -10.39 -3.09 0.15
N PHE C 67 -10.56 -2.66 1.41
CA PHE C 67 -9.48 -2.80 2.39
C PHE C 67 -9.05 -4.24 2.53
N LEU C 68 -10.01 -5.15 2.75
CA LEU C 68 -9.67 -6.55 2.95
C LEU C 68 -9.02 -7.15 1.71
N THR C 69 -9.66 -6.98 0.55
CA THR C 69 -9.13 -7.60 -0.66
C THR C 69 -7.74 -7.08 -1.00
N GLY C 70 -7.55 -5.76 -0.92
CA GLY C 70 -6.26 -5.18 -1.25
C GLY C 70 -5.17 -5.61 -0.29
N ILE C 71 -5.47 -5.63 1.02
CA ILE C 71 -4.44 -6.03 1.96
C ILE C 71 -4.05 -7.48 1.76
N VAL C 72 -5.02 -8.36 1.49
CA VAL C 72 -4.69 -9.76 1.25
C VAL C 72 -3.83 -9.91 0.00
N GLY C 73 -4.24 -9.28 -1.10
CA GLY C 73 -3.50 -9.44 -2.34
C GLY C 73 -2.09 -8.90 -2.25
N ASN C 74 -1.95 -7.69 -1.72
CA ASN C 74 -0.63 -7.08 -1.61
C ASN C 74 0.26 -7.84 -0.62
N GLY C 75 -0.32 -8.33 0.48
CA GLY C 75 0.45 -9.14 1.40
C GLY C 75 0.98 -10.40 0.74
N LEU C 76 0.13 -11.10 -0.01
CA LEU C 76 0.59 -12.30 -0.70
C LEU C 76 1.70 -11.97 -1.70
N VAL C 77 1.54 -10.89 -2.46
CA VAL C 77 2.56 -10.56 -3.45
C VAL C 77 3.88 -10.22 -2.77
N ILE C 78 3.84 -9.45 -1.68
CA ILE C 78 5.08 -9.09 -1.00
C ILE C 78 5.77 -10.32 -0.42
N LEU C 79 4.99 -11.21 0.21
CA LEU C 79 5.62 -12.41 0.77
C LEU C 79 6.21 -13.30 -0.32
N VAL C 80 5.52 -13.46 -1.44
CA VAL C 80 6.07 -14.27 -2.52
C VAL C 80 7.35 -13.65 -3.07
N MET C 81 7.35 -12.33 -3.27
CA MET C 81 8.54 -11.67 -3.80
C MET C 81 9.72 -11.74 -2.82
N GLY C 82 9.45 -11.58 -1.53
CA GLY C 82 10.53 -11.57 -0.56
C GLY C 82 11.05 -12.93 -0.17
N TYR C 83 10.20 -13.96 -0.21
CA TYR C 83 10.58 -15.29 0.24
C TYR C 83 11.19 -16.13 -0.88
N GLN C 84 11.15 -15.66 -2.13
CA GLN C 84 11.84 -16.37 -3.19
C GLN C 84 13.34 -16.18 -3.04
N LYS C 85 14.09 -17.20 -3.43
CA LYS C 85 15.54 -17.22 -3.22
C LYS C 85 16.34 -17.19 -4.51
N LYS C 86 15.73 -17.44 -5.67
CA LYS C 86 16.49 -17.58 -6.91
C LYS C 86 17.28 -16.33 -7.23
N LEU C 87 16.58 -15.25 -7.56
CA LEU C 87 17.17 -13.96 -7.92
C LEU C 87 16.04 -12.94 -7.97
N ARG C 88 16.36 -11.73 -8.40
CA ARG C 88 15.37 -10.68 -8.62
C ARG C 88 15.44 -10.32 -10.09
N SER C 89 14.50 -10.85 -10.87
CA SER C 89 14.45 -10.54 -12.29
C SER C 89 14.16 -9.05 -12.48
N MET C 90 14.28 -8.61 -13.74
CA MET C 90 14.09 -7.20 -14.02
C MET C 90 12.68 -6.74 -13.68
N THR C 91 11.69 -7.63 -13.83
CA THR C 91 10.32 -7.31 -13.50
C THR C 91 9.92 -7.75 -12.10
N ASP C 92 10.77 -8.50 -11.39
CA ASP C 92 10.51 -8.79 -10.00
C ASP C 92 10.88 -7.62 -9.10
N LYS C 93 11.60 -6.64 -9.62
CA LYS C 93 11.90 -5.43 -8.87
C LYS C 93 10.86 -4.35 -9.06
N TYR C 94 9.94 -4.52 -10.01
CA TYR C 94 8.86 -3.56 -10.20
C TYR C 94 7.60 -3.96 -9.45
N ARG C 95 7.33 -5.26 -9.32
CA ARG C 95 6.17 -5.69 -8.54
C ARG C 95 6.29 -5.24 -7.09
N LEU C 96 7.51 -5.16 -6.58
CA LEU C 96 7.70 -4.81 -5.18
C LEU C 96 7.40 -3.34 -4.91
N HIS C 97 7.87 -2.45 -5.80
CA HIS C 97 7.51 -1.03 -5.69
C HIS C 97 6.00 -0.86 -5.68
N LEU C 98 5.33 -1.51 -6.63
CA LEU C 98 3.89 -1.34 -6.79
C LEU C 98 3.15 -1.91 -5.59
N SER C 99 3.61 -3.05 -5.06
CA SER C 99 2.97 -3.62 -3.89
C SER C 99 3.13 -2.71 -2.68
N VAL C 100 4.31 -2.11 -2.51
CA VAL C 100 4.51 -1.19 -1.39
C VAL C 100 3.57 0.01 -1.52
N ALA C 101 3.49 0.59 -2.72
CA ALA C 101 2.62 1.74 -2.92
C ALA C 101 1.16 1.40 -2.66
N ASP C 102 0.73 0.23 -3.13
CA ASP C 102 -0.65 -0.19 -2.90
C ASP C 102 -0.92 -0.43 -1.42
N LEU C 103 0.05 -0.98 -0.69
CA LEU C 103 -0.13 -1.17 0.75
C LEU C 103 -0.27 0.17 1.47
N LEU C 104 0.57 1.14 1.11
CA LEU C 104 0.43 2.46 1.71
C LEU C 104 -0.93 3.08 1.41
N PHE C 105 -1.42 2.92 0.18
CA PHE C 105 -2.76 3.41 -0.12
C PHE C 105 -3.82 2.71 0.71
N VAL C 106 -3.71 1.38 0.85
CA VAL C 106 -4.75 0.60 1.51
C VAL C 106 -4.85 0.95 2.98
N ILE C 107 -3.70 1.21 3.63
CA ILE C 107 -3.72 1.53 5.05
C ILE C 107 -4.59 2.74 5.35
N THR C 108 -4.75 3.64 4.37
CA THR C 108 -5.51 4.87 4.60
C THR C 108 -7.01 4.64 4.72
N LEU C 109 -7.53 3.54 4.19
CA LEU C 109 -8.99 3.38 4.06
C LEU C 109 -9.77 3.40 5.38
N PRO C 110 -9.34 2.73 6.45
CA PRO C 110 -10.17 2.74 7.67
C PRO C 110 -10.43 4.13 8.22
N PHE C 111 -9.46 5.04 8.11
CA PHE C 111 -9.66 6.40 8.58
C PHE C 111 -10.76 7.10 7.78
N TRP C 112 -10.76 6.93 6.46
CA TRP C 112 -11.81 7.52 5.66
C TRP C 112 -13.17 6.91 5.97
N ALA C 113 -13.21 5.60 6.20
CA ALA C 113 -14.48 4.96 6.55
C ALA C 113 -15.01 5.51 7.88
N VAL C 114 -14.14 5.64 8.88
CA VAL C 114 -14.55 6.17 10.18
C VAL C 114 -15.03 7.60 10.03
N ASP C 115 -14.30 8.41 9.25
CA ASP C 115 -14.72 9.79 9.02
C ASP C 115 -16.09 9.85 8.36
N ALA C 116 -16.33 8.99 7.38
CA ALA C 116 -17.61 9.00 6.69
C ALA C 116 -18.74 8.52 7.58
N VAL C 117 -18.44 7.67 8.57
CA VAL C 117 -19.51 7.14 9.40
C VAL C 117 -19.99 8.21 10.38
N ALA C 118 -19.14 8.66 11.30
CA ALA C 118 -19.58 9.64 12.29
C ALA C 118 -18.83 10.96 12.19
N ASN C 119 -17.52 10.97 12.46
CA ASN C 119 -16.72 12.20 12.39
C ASN C 119 -15.24 11.90 12.62
N TRP C 120 -14.43 12.95 12.70
CA TRP C 120 -12.99 12.83 12.85
C TRP C 120 -12.62 12.92 14.32
N TYR C 121 -11.97 11.87 14.84
CA TYR C 121 -11.58 11.79 16.25
C TYR C 121 -10.08 11.81 16.48
N PHE C 122 -9.28 11.83 15.42
CA PHE C 122 -7.85 11.52 15.54
C PHE C 122 -6.98 12.77 15.72
N GLY C 123 -7.55 13.95 15.78
CA GLY C 123 -6.77 15.15 16.02
C GLY C 123 -6.31 15.82 14.74
N ASN C 124 -5.32 16.71 14.91
CA ASN C 124 -4.83 17.53 13.81
C ASN C 124 -3.62 16.94 13.10
N PHE C 125 -2.77 16.22 13.83
CA PHE C 125 -1.58 15.63 13.20
C PHE C 125 -1.96 14.57 12.18
N LEU C 126 -2.91 13.71 12.51
CA LEU C 126 -3.30 12.66 11.57
C LEU C 126 -4.05 13.24 10.37
N CYS C 127 -4.74 14.37 10.54
CA CYS C 127 -5.38 15.01 9.41
C CYS C 127 -4.38 15.46 8.35
N LYS C 128 -3.10 15.55 8.71
CA LYS C 128 -2.03 15.79 7.76
C LYS C 128 -1.34 14.50 7.33
N ALA C 129 -1.07 13.60 8.26
CA ALA C 129 -0.35 12.37 7.92
C ALA C 129 -1.16 11.52 6.94
N VAL C 130 -2.47 11.44 7.14
CA VAL C 130 -3.32 10.63 6.27
C VAL C 130 -3.29 11.19 4.84
N HIS C 131 -3.43 12.50 4.70
CA HIS C 131 -3.39 13.09 3.37
C HIS C 131 -2.04 12.89 2.71
N VAL C 132 -0.95 13.01 3.47
CA VAL C 132 0.38 12.83 2.90
C VAL C 132 0.53 11.40 2.36
N ILE C 133 0.14 10.41 3.17
CA ILE C 133 0.28 9.02 2.75
C ILE C 133 -0.59 8.75 1.53
N TYR C 134 -1.83 9.25 1.54
CA TYR C 134 -2.74 9.04 0.42
C TYR C 134 -2.15 9.59 -0.88
N THR C 135 -1.65 10.82 -0.83
CA THR C 135 -1.11 11.45 -2.04
C THR C 135 0.12 10.69 -2.55
N VAL C 136 1.03 10.34 -1.66
CA VAL C 136 2.25 9.64 -2.08
C VAL C 136 1.89 8.33 -2.75
N SER C 137 1.04 7.53 -2.11
CA SER C 137 0.70 6.24 -2.68
C SER C 137 -0.03 6.39 -4.00
N LEU C 138 -0.98 7.34 -4.09
CA LEU C 138 -1.75 7.50 -5.31
C LEU C 138 -0.86 7.85 -6.50
N TYR C 139 0.10 8.76 -6.30
CA TYR C 139 0.93 9.14 -7.44
C TYR C 139 1.95 8.06 -7.80
N SER C 140 2.58 7.43 -6.80
CA SER C 140 3.58 6.42 -7.11
C SER C 140 2.95 5.21 -7.78
N SER C 141 1.76 4.80 -7.35
CA SER C 141 1.12 3.61 -7.91
C SER C 141 0.68 3.79 -9.35
N VAL C 142 0.69 5.02 -9.88
CA VAL C 142 0.35 5.23 -11.28
C VAL C 142 1.61 5.49 -12.10
N LEU C 143 2.66 6.04 -11.48
CA LEU C 143 3.90 6.19 -12.24
C LEU C 143 4.62 4.86 -12.42
N ILE C 144 4.48 3.93 -11.47
CA ILE C 144 5.11 2.63 -11.61
C ILE C 144 4.54 1.88 -12.80
N LEU C 145 3.26 2.07 -13.10
CA LEU C 145 2.67 1.41 -14.27
C LEU C 145 3.32 1.90 -15.57
N ALA C 146 3.60 3.21 -15.65
CA ALA C 146 4.28 3.73 -16.84
C ALA C 146 5.68 3.15 -16.97
N PHE C 147 6.40 3.02 -15.85
CA PHE C 147 7.72 2.41 -15.94
C PHE C 147 7.65 0.93 -16.34
N ILE C 148 6.66 0.19 -15.84
CA ILE C 148 6.51 -1.20 -16.24
C ILE C 148 6.22 -1.29 -17.73
N SER C 149 5.38 -0.39 -18.25
CA SER C 149 5.10 -0.38 -19.67
C SER C 149 6.35 -0.12 -20.49
N LEU C 150 7.17 0.84 -20.06
CA LEU C 150 8.44 1.08 -20.76
C LEU C 150 9.33 -0.14 -20.73
N ASP C 151 9.42 -0.80 -19.58
CA ASP C 151 10.24 -2.00 -19.47
C ASP C 151 9.78 -3.07 -20.46
N ARG C 152 8.47 -3.32 -20.53
CA ARG C 152 7.97 -4.34 -21.43
C ARG C 152 8.21 -3.97 -22.88
N TYR C 153 7.97 -2.71 -23.25
CA TYR C 153 8.20 -2.29 -24.62
C TYR C 153 9.66 -2.47 -25.02
N LEU C 154 10.59 -2.14 -24.12
CA LEU C 154 11.99 -2.36 -24.41
C LEU C 154 12.30 -3.85 -24.55
N ALA C 155 11.68 -4.67 -23.69
CA ALA C 155 12.03 -6.09 -23.66
C ALA C 155 11.44 -6.87 -24.82
N ILE C 156 10.45 -6.34 -25.51
CA ILE C 156 9.85 -7.04 -26.65
C ILE C 156 10.31 -6.46 -27.98
N VAL C 157 10.14 -5.16 -28.18
CA VAL C 157 10.42 -4.57 -29.49
C VAL C 157 11.90 -4.60 -29.79
N HIS C 158 12.73 -4.18 -28.83
CA HIS C 158 14.19 -4.24 -28.98
C HIS C 158 14.68 -5.37 -28.09
N ALA C 159 14.64 -6.59 -28.62
CA ALA C 159 14.91 -7.77 -27.79
C ALA C 159 16.39 -8.16 -27.77
N THR C 160 17.09 -7.98 -28.89
CA THR C 160 18.46 -8.47 -28.98
C THR C 160 19.44 -7.60 -28.21
N ASN C 161 19.31 -6.27 -28.33
CA ASN C 161 20.34 -5.37 -27.83
C ASN C 161 19.98 -4.65 -26.54
N SER C 162 18.70 -4.55 -26.19
CA SER C 162 18.28 -3.76 -25.03
C SER C 162 18.27 -4.64 -23.78
N GLN C 163 19.47 -4.96 -23.31
CA GLN C 163 19.65 -5.62 -22.02
C GLN C 163 20.23 -4.70 -20.96
N ARG C 164 20.97 -3.67 -21.38
CA ARG C 164 21.56 -2.70 -20.47
C ARG C 164 20.56 -1.62 -20.03
N PRO C 165 19.81 -0.98 -20.94
CA PRO C 165 18.92 0.11 -20.50
C PRO C 165 17.88 -0.31 -19.50
N ARG C 166 17.34 -1.53 -19.59
CA ARG C 166 16.33 -1.97 -18.63
C ARG C 166 16.90 -2.02 -17.22
N LYS C 167 18.12 -2.55 -17.08
CA LYS C 167 18.76 -2.59 -15.77
C LYS C 167 19.01 -1.19 -15.24
N LEU C 168 19.51 -0.29 -16.08
CA LEU C 168 19.75 1.08 -15.65
C LEU C 168 18.46 1.73 -15.18
N LEU C 169 17.37 1.57 -15.94
CA LEU C 169 16.09 2.11 -15.53
C LEU C 169 15.70 1.58 -14.16
N ALA C 170 15.49 0.26 -14.06
CA ALA C 170 14.92 -0.31 -12.85
C ALA C 170 15.87 -0.26 -11.65
N GLU C 171 17.14 0.09 -11.83
CA GLU C 171 18.03 0.23 -10.68
C GLU C 171 18.32 1.67 -10.29
N LYS C 172 18.19 2.63 -11.20
CA LYS C 172 18.52 4.00 -10.83
C LYS C 172 17.39 4.98 -11.05
N VAL C 173 16.66 4.88 -12.17
CA VAL C 173 15.74 5.95 -12.54
C VAL C 173 14.39 5.82 -11.87
N VAL C 174 14.08 4.67 -11.27
CA VAL C 174 12.80 4.52 -10.59
C VAL C 174 12.70 5.50 -9.42
N TYR C 175 13.78 5.64 -8.65
CA TYR C 175 13.75 6.56 -7.51
C TYR C 175 13.60 8.00 -7.98
N VAL C 176 14.27 8.37 -9.07
CA VAL C 176 14.20 9.74 -9.56
C VAL C 176 12.82 10.04 -10.13
N GLY C 177 12.21 9.09 -10.84
CA GLY C 177 11.00 9.33 -11.57
C GLY C 177 9.70 8.85 -10.94
N VAL C 178 9.75 8.22 -9.77
CA VAL C 178 8.53 7.77 -9.11
C VAL C 178 8.42 8.41 -7.73
N TRP C 179 9.40 8.12 -6.87
CA TRP C 179 9.27 8.47 -5.46
C TRP C 179 9.60 9.94 -5.19
N ILE C 180 10.54 10.52 -5.91
CA ILE C 180 10.91 11.91 -5.68
C ILE C 180 9.78 12.86 -6.06
N PRO C 181 9.19 12.77 -7.26
CA PRO C 181 8.05 13.66 -7.56
C PRO C 181 6.85 13.42 -6.64
N ALA C 182 6.59 12.16 -6.28
CA ALA C 182 5.48 11.88 -5.37
C ALA C 182 5.70 12.55 -4.03
N LEU C 183 6.91 12.47 -3.49
CA LEU C 183 7.20 13.15 -2.22
C LEU C 183 7.12 14.66 -2.37
N LEU C 184 7.62 15.20 -3.49
CA LEU C 184 7.60 16.64 -3.68
C LEU C 184 6.21 17.18 -3.96
N LEU C 185 5.23 16.33 -4.26
CA LEU C 185 3.88 16.78 -4.51
C LEU C 185 2.98 16.75 -3.28
N THR C 186 3.54 16.49 -2.10
CA THR C 186 2.77 16.46 -0.86
C THR C 186 3.01 17.68 0.01
N ILE C 187 3.69 18.70 -0.51
CA ILE C 187 3.80 19.98 0.21
C ILE C 187 2.44 20.60 0.46
N PRO C 188 1.51 20.66 -0.51
CA PRO C 188 0.17 21.16 -0.18
C PRO C 188 -0.54 20.37 0.90
N ASP C 189 -0.30 19.06 1.00
CA ASP C 189 -0.90 18.28 2.08
C ASP C 189 -0.38 18.72 3.43
N PHE C 190 0.93 18.96 3.54
CA PHE C 190 1.48 19.46 4.80
C PHE C 190 0.92 20.84 5.13
N ILE C 191 0.81 21.70 4.12
CA ILE C 191 0.47 23.10 4.40
C ILE C 191 -1.02 23.29 4.65
N PHE C 192 -1.85 22.98 3.66
CA PHE C 192 -3.24 23.42 3.65
C PHE C 192 -4.21 22.43 4.25
N ALA C 193 -3.74 21.33 4.83
CA ALA C 193 -4.63 20.33 5.42
C ALA C 193 -4.60 20.47 6.94
N ASN C 194 -5.77 20.64 7.55
CA ASN C 194 -5.89 20.71 9.00
C ASN C 194 -7.36 20.60 9.38
N VAL C 195 -7.62 20.03 10.55
CA VAL C 195 -8.98 19.82 11.02
C VAL C 195 -9.53 21.13 11.59
N SER C 196 -10.83 21.35 11.40
CA SER C 196 -11.51 22.53 11.92
C SER C 196 -12.70 22.08 12.76
N GLU C 197 -13.03 22.89 13.76
CA GLU C 197 -14.06 22.57 14.73
C GLU C 197 -15.31 23.42 14.48
N ALA C 198 -16.47 22.77 14.42
CA ALA C 198 -17.75 23.44 14.29
C ALA C 198 -18.77 22.69 15.13
N ASP C 199 -19.42 23.39 16.04
CA ASP C 199 -20.32 22.76 17.01
C ASP C 199 -19.62 21.63 17.74
N ASP C 200 -20.06 20.40 17.52
CA ASP C 200 -19.42 19.22 18.11
C ASP C 200 -18.87 18.27 17.06
N ARG C 201 -18.79 18.71 15.80
CA ARG C 201 -18.33 17.86 14.70
C ARG C 201 -17.03 18.43 14.14
N TYR C 202 -16.05 17.57 13.96
CA TYR C 202 -14.76 17.93 13.36
C TYR C 202 -14.73 17.42 11.93
N ILE C 203 -14.25 18.24 11.01
CA ILE C 203 -14.09 17.84 9.61
C ILE C 203 -12.64 17.98 9.23
N CYS C 204 -12.09 16.96 8.57
CA CYS C 204 -10.72 16.96 8.10
C CYS C 204 -10.74 17.16 6.58
N ASP C 205 -10.23 18.29 6.13
CA ASP C 205 -10.26 18.64 4.72
C ASP C 205 -9.15 19.64 4.47
N ARG C 206 -8.75 19.74 3.19
CA ARG C 206 -7.74 20.70 2.76
C ARG C 206 -8.43 22.05 2.62
N PHE C 207 -8.12 23.00 3.50
CA PHE C 207 -8.78 24.29 3.48
C PHE C 207 -7.93 25.28 2.70
N TYR C 208 -8.50 25.86 1.64
CA TYR C 208 -7.70 26.66 0.74
C TYR C 208 -8.16 28.11 0.77
N PRO C 209 -7.27 29.08 0.71
CA PRO C 209 -7.73 30.47 0.70
C PRO C 209 -8.05 30.88 -0.73
N ASN C 210 -9.33 30.97 -1.09
CA ASN C 210 -10.02 31.33 -2.35
C ASN C 210 -10.23 30.08 -3.19
N ASP C 211 -11.07 30.20 -4.23
CA ASP C 211 -11.37 29.09 -5.14
C ASP C 211 -10.19 28.70 -6.03
N LEU C 212 -9.37 29.67 -6.45
CA LEU C 212 -8.33 29.36 -7.43
C LEU C 212 -7.37 28.27 -6.96
N TRP C 213 -7.01 28.24 -5.68
CA TRP C 213 -6.08 27.18 -5.27
C TRP C 213 -6.66 25.81 -5.61
N VAL C 214 -7.96 25.63 -5.34
CA VAL C 214 -8.63 24.37 -5.61
C VAL C 214 -8.50 23.97 -7.08
N VAL C 215 -8.73 24.93 -7.99
CA VAL C 215 -8.68 24.63 -9.41
C VAL C 215 -7.26 24.32 -9.85
N VAL C 216 -6.28 25.07 -9.36
CA VAL C 216 -4.89 24.83 -9.73
C VAL C 216 -4.49 23.42 -9.29
N PHE C 217 -4.82 23.05 -8.07
CA PHE C 217 -4.43 21.75 -7.58
C PHE C 217 -5.21 20.61 -8.24
N GLN C 218 -6.47 20.85 -8.63
CA GLN C 218 -7.20 19.83 -9.37
C GLN C 218 -6.63 19.62 -10.76
N PHE C 219 -6.26 20.69 -11.45
CA PHE C 219 -5.63 20.56 -12.76
C PHE C 219 -4.28 19.85 -12.66
N GLN C 220 -3.49 20.18 -11.63
CA GLN C 220 -2.25 19.45 -11.41
C GLN C 220 -2.53 17.98 -11.15
N HIS C 221 -3.55 17.68 -10.34
CA HIS C 221 -3.88 16.31 -10.01
C HIS C 221 -4.23 15.51 -11.26
N ILE C 222 -5.10 16.04 -12.10
CA ILE C 222 -5.47 15.32 -13.31
C ILE C 222 -4.28 15.19 -14.25
N MET C 223 -3.51 16.26 -14.45
CA MET C 223 -2.41 16.23 -15.39
C MET C 223 -1.36 15.20 -14.99
N VAL C 224 -1.07 15.09 -13.70
CA VAL C 224 -0.05 14.14 -13.26
C VAL C 224 -0.61 12.72 -13.06
N GLY C 225 -1.91 12.58 -12.83
CA GLY C 225 -2.45 11.25 -12.56
C GLY C 225 -3.02 10.52 -13.75
N LEU C 226 -3.43 11.23 -14.80
CA LEU C 226 -4.01 10.57 -15.96
C LEU C 226 -3.25 10.83 -17.25
N ILE C 227 -2.92 12.09 -17.54
CA ILE C 227 -2.37 12.42 -18.85
C ILE C 227 -0.96 11.87 -19.01
N LEU C 228 -0.10 12.08 -18.03
CA LEU C 228 1.30 11.66 -18.18
C LEU C 228 1.46 10.15 -18.31
N PRO C 229 0.89 9.31 -17.45
CA PRO C 229 1.03 7.86 -17.65
C PRO C 229 0.09 7.30 -18.71
N GLY C 230 -1.03 7.96 -18.96
CA GLY C 230 -1.97 7.45 -19.95
C GLY C 230 -1.39 7.39 -21.33
N ILE C 231 -0.71 8.45 -21.75
CA ILE C 231 -0.14 8.47 -23.10
C ILE C 231 0.97 7.44 -23.22
N VAL C 232 1.78 7.26 -22.17
CA VAL C 232 2.85 6.29 -22.22
C VAL C 232 2.30 4.88 -22.35
N ILE C 233 1.30 4.54 -21.53
CA ILE C 233 0.72 3.20 -21.58
C ILE C 233 0.06 2.95 -22.93
N LEU C 234 -0.75 3.91 -23.39
CA LEU C 234 -1.47 3.75 -24.64
C LEU C 234 -0.56 3.79 -25.86
N SER C 235 0.63 4.36 -25.74
CA SER C 235 1.57 4.41 -26.84
C SER C 235 2.51 3.22 -26.88
N CYS C 236 2.75 2.57 -25.74
CA CYS C 236 3.59 1.38 -25.76
C CYS C 236 2.79 0.11 -26.03
N TYR C 237 1.67 -0.07 -25.33
CA TYR C 237 0.94 -1.32 -25.49
C TYR C 237 0.30 -1.43 -26.88
N CYS C 238 -0.09 -0.31 -27.47
CA CYS C 238 -0.67 -0.35 -28.81
C CYS C 238 0.36 -0.83 -29.83
N ILE C 239 1.58 -0.33 -29.76
CA ILE C 239 2.60 -0.78 -30.70
C ILE C 239 3.19 -2.13 -30.31
N ILE C 240 2.87 -2.65 -29.12
CA ILE C 240 3.18 -4.05 -28.84
C ILE C 240 2.14 -4.97 -29.49
N ILE C 241 0.85 -4.66 -29.31
CA ILE C 241 -0.18 -5.51 -29.90
C ILE C 241 -0.19 -5.38 -31.42
N SER C 242 0.33 -4.29 -31.97
CA SER C 242 0.49 -4.22 -33.41
C SER C 242 1.49 -5.23 -33.93
N LYS C 243 2.41 -5.70 -33.09
CA LYS C 243 3.41 -6.68 -33.49
C LYS C 243 3.08 -8.08 -33.04
N LEU C 244 2.25 -8.25 -32.01
CA LEU C 244 1.86 -9.57 -31.53
C LEU C 244 0.56 -10.09 -32.14
N SER C 245 0.07 -9.46 -33.21
CA SER C 245 -1.27 -9.75 -33.70
C SER C 245 -1.27 -10.82 -34.79
N HIS C 246 -0.56 -10.59 -35.89
CA HIS C 246 -0.68 -11.44 -37.07
C HIS C 246 -0.02 -12.80 -36.91
N SER C 247 0.74 -13.03 -35.84
CA SER C 247 1.37 -14.32 -35.65
C SER C 247 0.37 -15.39 -35.25
N LYS C 248 0.61 -16.62 -35.70
CA LYS C 248 -0.27 -17.74 -35.45
C LYS C 248 0.15 -18.60 -34.27
N GLY C 249 1.21 -18.22 -33.57
CA GLY C 249 1.64 -18.99 -32.41
C GLY C 249 0.64 -18.90 -31.28
N HIS C 250 0.72 -19.89 -30.38
CA HIS C 250 -0.19 -19.89 -29.25
C HIS C 250 0.19 -18.87 -28.19
N GLN C 251 1.50 -18.71 -27.93
CA GLN C 251 1.94 -17.83 -26.86
C GLN C 251 1.70 -16.36 -27.21
N LYS C 252 1.97 -15.97 -28.46
CA LYS C 252 1.71 -14.59 -28.86
C LYS C 252 0.21 -14.28 -28.83
N ARG C 253 -0.60 -15.22 -29.31
CA ARG C 253 -2.05 -15.04 -29.25
C ARG C 253 -2.55 -14.97 -27.82
N LYS C 254 -1.87 -15.64 -26.89
CA LYS C 254 -2.26 -15.57 -25.49
C LYS C 254 -1.86 -14.23 -24.88
N ALA C 255 -0.69 -13.70 -25.25
CA ALA C 255 -0.22 -12.45 -24.66
C ALA C 255 -0.98 -11.24 -25.20
N LEU C 256 -1.47 -11.33 -26.45
CA LEU C 256 -2.24 -10.22 -27.00
C LEU C 256 -3.48 -9.92 -26.14
N LYS C 257 -4.19 -10.96 -25.73
CA LYS C 257 -5.39 -10.76 -24.91
C LYS C 257 -5.04 -10.11 -23.59
N THR C 258 -3.96 -10.54 -22.95
CA THR C 258 -3.58 -9.96 -21.66
C THR C 258 -3.23 -8.49 -21.80
N THR C 259 -2.49 -8.13 -22.85
CA THR C 259 -2.18 -6.71 -23.04
C THR C 259 -3.45 -5.89 -23.26
N VAL C 260 -4.38 -6.40 -24.07
CA VAL C 260 -5.62 -5.66 -24.30
C VAL C 260 -6.40 -5.52 -23.00
N ILE C 261 -6.41 -6.57 -22.19
CA ILE C 261 -7.08 -6.51 -20.89
C ILE C 261 -6.47 -5.41 -20.04
N LEU C 262 -5.15 -5.33 -20.01
CA LEU C 262 -4.49 -4.30 -19.19
C LEU C 262 -4.88 -2.90 -19.66
N ILE C 263 -4.83 -2.67 -20.98
CA ILE C 263 -5.15 -1.35 -21.51
C ILE C 263 -6.58 -0.96 -21.12
N LEU C 264 -7.53 -1.89 -21.30
CA LEU C 264 -8.92 -1.55 -20.99
C LEU C 264 -9.12 -1.36 -19.50
N ALA C 265 -8.48 -2.19 -18.66
CA ALA C 265 -8.70 -2.11 -17.22
C ALA C 265 -8.24 -0.77 -16.67
N PHE C 266 -7.04 -0.32 -17.07
CA PHE C 266 -6.53 0.94 -16.52
C PHE C 266 -7.50 2.09 -16.78
N PHE C 267 -7.90 2.26 -18.03
CA PHE C 267 -8.74 3.42 -18.38
C PHE C 267 -10.15 3.25 -17.85
N ALA C 268 -10.72 2.04 -17.92
CA ALA C 268 -12.07 1.86 -17.39
C ALA C 268 -12.12 2.01 -15.89
N CYS C 269 -10.98 1.90 -15.20
CA CYS C 269 -10.97 2.14 -13.77
C CYS C 269 -10.70 3.59 -13.41
N TRP C 270 -9.89 4.31 -14.20
CA TRP C 270 -9.48 5.65 -13.83
C TRP C 270 -10.13 6.77 -14.64
N LEU C 271 -10.98 6.48 -15.61
CA LEU C 271 -11.51 7.55 -16.45
C LEU C 271 -12.70 8.30 -15.87
N PRO C 272 -13.75 7.62 -15.38
CA PRO C 272 -14.94 8.38 -14.94
C PRO C 272 -14.66 9.35 -13.81
N TYR C 273 -13.77 8.99 -12.88
CA TYR C 273 -13.44 9.89 -11.78
C TYR C 273 -12.83 11.18 -12.31
N TYR C 274 -11.92 11.07 -13.27
CA TYR C 274 -11.29 12.27 -13.80
C TYR C 274 -12.24 13.06 -14.70
N ILE C 275 -13.18 12.40 -15.36
CA ILE C 275 -14.21 13.15 -16.07
C ILE C 275 -15.04 13.99 -15.10
N GLY C 276 -15.42 13.39 -13.97
CA GLY C 276 -16.15 14.15 -12.96
C GLY C 276 -15.33 15.30 -12.39
N ILE C 277 -14.06 15.05 -12.10
CA ILE C 277 -13.19 16.12 -11.59
C ILE C 277 -13.09 17.26 -12.60
N SER C 278 -12.97 16.91 -13.89
CA SER C 278 -12.86 17.94 -14.92
C SER C 278 -14.13 18.78 -15.02
N ILE C 279 -15.29 18.12 -15.03
CA ILE C 279 -16.54 18.90 -15.14
C ILE C 279 -16.91 19.60 -13.85
N ASP C 280 -16.24 19.28 -12.74
CA ASP C 280 -16.39 20.10 -11.54
C ASP C 280 -15.47 21.32 -11.58
N SER C 281 -14.22 21.13 -12.00
CA SER C 281 -13.32 22.26 -12.16
C SER C 281 -13.85 23.25 -13.18
N PHE C 282 -14.53 22.76 -14.22
CA PHE C 282 -15.10 23.67 -15.21
C PHE C 282 -16.19 24.55 -14.60
N ILE C 283 -17.06 23.98 -13.76
CA ILE C 283 -18.12 24.78 -13.19
C ILE C 283 -17.58 25.69 -12.09
N LEU C 284 -16.44 25.35 -11.49
CA LEU C 284 -15.82 26.30 -10.55
C LEU C 284 -15.29 27.56 -11.25
N LEU C 285 -15.06 27.50 -12.56
CA LEU C 285 -14.65 28.67 -13.33
C LEU C 285 -15.82 29.43 -13.94
N GLU C 286 -17.05 29.03 -13.62
CA GLU C 286 -18.27 29.65 -14.13
C GLU C 286 -18.43 29.50 -15.64
N ILE C 287 -17.59 28.71 -16.30
CA ILE C 287 -17.78 28.48 -17.73
C ILE C 287 -18.91 27.50 -18.02
N ILE C 288 -19.41 26.83 -16.99
CA ILE C 288 -20.60 25.98 -17.10
C ILE C 288 -21.62 26.51 -16.09
N LYS C 289 -22.80 26.90 -16.57
CA LYS C 289 -23.85 27.45 -15.73
C LYS C 289 -25.15 26.72 -16.03
N GLN C 290 -25.49 25.74 -15.20
CA GLN C 290 -26.71 24.96 -15.37
C GLN C 290 -27.43 24.79 -14.04
N GLY C 291 -27.45 25.84 -13.24
CA GLY C 291 -28.16 25.79 -11.97
C GLY C 291 -27.38 25.10 -10.87
N CYS C 292 -28.10 24.77 -9.81
CA CYS C 292 -27.51 24.15 -8.63
C CYS C 292 -27.76 22.66 -8.55
N GLU C 293 -28.89 22.19 -9.05
CA GLU C 293 -29.15 20.75 -9.06
C GLU C 293 -28.12 20.02 -9.92
N PHE C 294 -27.65 20.66 -10.99
CA PHE C 294 -26.58 20.08 -11.78
C PHE C 294 -25.32 19.91 -10.94
N GLU C 295 -24.97 20.92 -10.13
CA GLU C 295 -23.80 20.82 -9.28
C GLU C 295 -23.95 19.70 -8.25
N ASN C 296 -25.13 19.59 -7.65
CA ASN C 296 -25.33 18.51 -6.69
C ASN C 296 -25.24 17.15 -7.36
N THR C 297 -25.77 17.03 -8.58
CA THR C 297 -25.71 15.78 -9.31
C THR C 297 -24.26 15.40 -9.63
N VAL C 298 -23.47 16.36 -10.11
CA VAL C 298 -22.09 16.04 -10.45
C VAL C 298 -21.29 15.72 -9.20
N HIS C 299 -21.60 16.36 -8.07
CA HIS C 299 -20.91 16.00 -6.83
C HIS C 299 -21.28 14.59 -6.38
N LYS C 300 -22.54 14.20 -6.53
CA LYS C 300 -22.92 12.82 -6.23
C LYS C 300 -22.19 11.84 -7.15
N TRP C 301 -22.06 12.19 -8.43
CA TRP C 301 -21.36 11.33 -9.36
C TRP C 301 -19.89 11.17 -8.96
N ILE C 302 -19.24 12.27 -8.58
CA ILE C 302 -17.84 12.19 -8.16
C ILE C 302 -17.72 11.32 -6.92
N SER C 303 -18.62 11.50 -5.96
CA SER C 303 -18.56 10.72 -4.73
C SER C 303 -18.77 9.24 -5.00
N ILE C 304 -19.66 8.90 -5.92
CA ILE C 304 -19.94 7.48 -6.16
C ILE C 304 -18.87 6.84 -7.04
N THR C 305 -18.18 7.62 -7.86
CA THR C 305 -17.19 7.03 -8.77
C THR C 305 -15.78 7.04 -8.21
N GLU C 306 -15.49 7.87 -7.21
CA GLU C 306 -14.17 7.79 -6.57
C GLU C 306 -14.00 6.47 -5.84
N ALA C 307 -15.06 5.98 -5.21
CA ALA C 307 -15.01 4.66 -4.57
C ALA C 307 -14.77 3.57 -5.60
N LEU C 308 -15.36 3.70 -6.78
CA LEU C 308 -15.08 2.76 -7.87
C LEU C 308 -13.63 2.83 -8.30
N ALA C 309 -13.07 4.05 -8.39
CA ALA C 309 -11.68 4.20 -8.77
C ALA C 309 -10.73 3.65 -7.71
N PHE C 310 -11.17 3.55 -6.45
CA PHE C 310 -10.31 2.96 -5.43
C PHE C 310 -9.99 1.48 -5.68
N PHE C 311 -10.69 0.82 -6.59
CA PHE C 311 -10.44 -0.60 -6.83
C PHE C 311 -9.13 -0.87 -7.55
N HIS C 312 -8.31 0.15 -7.83
CA HIS C 312 -7.03 -0.10 -8.48
C HIS C 312 -6.11 -0.89 -7.56
N CYS C 313 -6.13 -0.59 -6.26
CA CYS C 313 -5.29 -1.30 -5.31
C CYS C 313 -5.66 -2.76 -5.17
N CYS C 314 -6.83 -3.17 -5.67
CA CYS C 314 -7.22 -4.57 -5.69
C CYS C 314 -7.03 -5.22 -7.05
N LEU C 315 -7.23 -4.47 -8.13
CA LEU C 315 -7.07 -5.02 -9.47
C LEU C 315 -5.61 -5.10 -9.91
N ASN C 316 -4.70 -4.35 -9.28
CA ASN C 316 -3.31 -4.44 -9.68
C ASN C 316 -2.69 -5.80 -9.38
N PRO C 317 -2.78 -6.37 -8.18
CA PRO C 317 -2.14 -7.67 -7.94
C PRO C 317 -2.67 -8.78 -8.83
N ILE C 318 -3.97 -8.78 -9.12
CA ILE C 318 -4.52 -9.81 -10.00
C ILE C 318 -3.95 -9.66 -11.41
N LEU C 319 -3.86 -8.44 -11.91
CA LEU C 319 -3.47 -8.24 -13.30
C LEU C 319 -1.97 -8.40 -13.50
N TYR C 320 -1.16 -8.01 -12.53
CA TYR C 320 0.29 -7.97 -12.73
C TYR C 320 1.02 -9.12 -12.05
N ALA C 321 0.39 -9.84 -11.14
CA ALA C 321 1.07 -10.95 -10.47
C ALA C 321 0.42 -12.30 -10.74
N PHE C 322 -0.87 -12.45 -10.49
CA PHE C 322 -1.50 -13.77 -10.51
C PHE C 322 -1.95 -14.20 -11.90
N LEU C 323 -1.70 -13.40 -12.93
CA LEU C 323 -2.00 -13.80 -14.30
C LEU C 323 -0.76 -14.25 -15.06
N GLY C 324 0.35 -14.48 -14.37
CA GLY C 324 1.59 -14.90 -15.00
C GLY C 324 1.96 -16.31 -14.58
N ALA C 325 2.34 -17.12 -15.56
CA ALA C 325 2.72 -18.51 -15.29
C ALA C 325 3.98 -18.57 -14.44
N LYS C 326 4.96 -17.71 -14.74
CA LYS C 326 6.20 -17.70 -13.96
C LYS C 326 5.93 -17.34 -12.50
N PHE C 327 5.08 -16.33 -12.27
CA PHE C 327 4.75 -15.97 -10.90
C PHE C 327 3.95 -17.06 -10.22
N LYS C 328 3.07 -17.74 -10.96
CA LYS C 328 2.34 -18.85 -10.36
C LYS C 328 3.29 -19.94 -9.91
N THR C 329 4.28 -20.28 -10.74
CA THR C 329 5.26 -21.29 -10.35
C THR C 329 6.06 -20.83 -9.14
N SER C 330 6.46 -19.56 -9.11
CA SER C 330 7.21 -19.04 -7.96
C SER C 330 6.36 -19.10 -6.69
N ALA C 331 5.08 -18.78 -6.79
CA ALA C 331 4.20 -18.84 -5.63
C ALA C 331 4.02 -20.27 -5.14
N GLN C 332 3.87 -21.22 -6.06
CA GLN C 332 3.75 -22.62 -5.67
C GLN C 332 5.02 -23.09 -4.97
N HIS C 333 6.18 -22.66 -5.47
CA HIS C 333 7.44 -22.99 -4.80
C HIS C 333 7.50 -22.37 -3.41
N ALA C 334 7.08 -21.11 -3.28
CA ALA C 334 7.14 -20.42 -2.00
C ALA C 334 6.11 -20.93 -1.01
N LEU C 335 5.09 -21.67 -1.48
CA LEU C 335 4.13 -22.25 -0.56
C LEU C 335 4.81 -23.25 0.37
N THR C 336 5.73 -24.05 -0.15
CA THR C 336 6.46 -25.02 0.66
C THR C 336 7.67 -24.39 1.31
N SER D 17 42.10 -7.36 14.24
CA SER D 17 41.62 -8.31 13.25
C SER D 17 41.71 -7.73 11.84
N ALA D 18 42.92 -7.36 11.43
CA ALA D 18 43.13 -6.85 10.08
C ALA D 18 42.90 -7.95 9.04
N GLU D 19 43.31 -9.18 9.35
CA GLU D 19 43.16 -10.28 8.41
C GLU D 19 41.70 -10.56 8.12
N ASP D 20 40.83 -10.45 9.13
CA ASP D 20 39.42 -10.71 8.92
C ASP D 20 38.81 -9.70 7.94
N LYS D 21 39.11 -8.41 8.13
CA LYS D 21 38.58 -7.39 7.24
C LYS D 21 39.18 -7.51 5.84
N ALA D 22 40.46 -7.87 5.75
CA ALA D 22 41.05 -8.10 4.44
C ALA D 22 40.38 -9.27 3.72
N ALA D 23 40.08 -10.34 4.45
CA ALA D 23 39.39 -11.48 3.85
C ALA D 23 37.98 -11.10 3.40
N VAL D 24 37.27 -10.32 4.20
CA VAL D 24 35.93 -9.89 3.80
C VAL D 24 36.00 -9.01 2.56
N GLU D 25 36.99 -8.12 2.50
CA GLU D 25 37.13 -7.28 1.32
C GLU D 25 37.45 -8.11 0.08
N ARG D 26 38.32 -9.11 0.21
CA ARG D 26 38.63 -9.96 -0.94
C ARG D 26 37.40 -10.74 -1.38
N SER D 27 36.61 -11.24 -0.41
CA SER D 27 35.37 -11.91 -0.75
C SER D 27 34.43 -10.99 -1.50
N LYS D 28 34.30 -9.74 -1.04
CA LYS D 28 33.43 -8.79 -1.72
C LYS D 28 33.91 -8.49 -3.13
N MET D 29 35.23 -8.39 -3.32
CA MET D 29 35.75 -8.11 -4.66
C MET D 29 35.47 -9.27 -5.60
N ILE D 30 35.82 -10.49 -5.20
CA ILE D 30 35.61 -11.64 -6.09
C ILE D 30 34.15 -12.03 -6.18
N ASP D 31 33.30 -11.47 -5.32
CA ASP D 31 31.86 -11.64 -5.49
C ASP D 31 31.32 -10.62 -6.50
N ARG D 32 31.85 -9.40 -6.49
CA ARG D 32 31.44 -8.42 -7.48
C ARG D 32 31.89 -8.81 -8.88
N ASN D 33 33.01 -9.52 -8.99
CA ASN D 33 33.44 -9.98 -10.32
C ASN D 33 32.46 -10.99 -10.91
N LEU D 34 31.89 -11.86 -10.08
CA LEU D 34 30.99 -12.89 -10.58
C LEU D 34 29.74 -12.29 -11.21
N ARG D 35 29.23 -11.19 -10.65
CA ARG D 35 28.03 -10.58 -11.22
C ARG D 35 28.29 -10.07 -12.63
N GLU D 36 29.42 -9.40 -12.84
CA GLU D 36 29.77 -8.92 -14.18
C GLU D 36 29.94 -10.08 -15.15
N ASP D 37 30.63 -11.14 -14.71
CA ASP D 37 30.79 -12.29 -15.59
C ASP D 37 29.46 -12.92 -15.93
N GLY D 38 28.55 -13.01 -14.96
CA GLY D 38 27.24 -13.59 -15.22
C GLY D 38 26.42 -12.77 -16.18
N GLU D 39 26.46 -11.44 -16.05
CA GLU D 39 25.76 -10.58 -17.00
C GLU D 39 26.29 -10.78 -18.41
N LYS D 40 27.63 -10.78 -18.56
CA LYS D 40 28.20 -10.98 -19.88
C LYS D 40 27.81 -12.33 -20.46
N ALA D 41 27.80 -13.37 -19.63
CA ALA D 41 27.41 -14.70 -20.11
C ALA D 41 25.95 -14.73 -20.53
N ALA D 42 25.07 -14.09 -19.76
CA ALA D 42 23.65 -14.09 -20.06
C ALA D 42 23.29 -13.19 -21.24
N ARG D 43 24.21 -12.35 -21.68
CA ARG D 43 23.95 -11.54 -22.87
C ARG D 43 24.17 -12.32 -24.17
N GLU D 44 24.78 -13.49 -24.11
CA GLU D 44 25.17 -14.25 -25.30
C GLU D 44 24.12 -15.28 -25.68
N VAL D 45 24.32 -15.88 -26.86
CA VAL D 45 23.41 -16.87 -27.43
C VAL D 45 24.16 -18.18 -27.62
N LYS D 46 23.55 -19.27 -27.18
CA LYS D 46 24.17 -20.59 -27.23
C LYS D 46 23.33 -21.51 -28.09
N LEU D 47 23.96 -22.18 -29.04
CA LEU D 47 23.29 -23.08 -29.97
C LEU D 47 23.91 -24.46 -29.89
N LEU D 48 23.11 -25.49 -30.13
CA LEU D 48 23.58 -26.86 -30.11
C LEU D 48 23.37 -27.49 -31.48
N LEU D 49 24.40 -28.14 -32.00
CA LEU D 49 24.36 -28.71 -33.34
C LEU D 49 24.20 -30.22 -33.25
N LEU D 50 23.34 -30.78 -34.12
CA LEU D 50 23.15 -32.21 -34.18
C LEU D 50 23.05 -32.64 -35.64
N GLY D 51 23.31 -33.94 -35.86
CA GLY D 51 23.23 -34.52 -37.19
C GLY D 51 23.22 -36.03 -37.13
N ALA D 52 22.42 -36.68 -37.97
CA ALA D 52 22.25 -38.12 -37.90
C ALA D 52 23.15 -38.89 -38.87
N GLY D 53 23.00 -38.65 -40.17
CA GLY D 53 23.68 -39.45 -41.17
C GLY D 53 25.17 -39.22 -41.29
N GLU D 54 25.55 -38.04 -41.79
CA GLU D 54 26.95 -37.68 -41.99
C GLU D 54 27.49 -36.82 -40.87
N SER D 55 27.01 -37.04 -39.64
CA SER D 55 27.45 -36.37 -38.43
C SER D 55 26.99 -34.91 -38.38
N GLY D 56 26.38 -34.41 -39.45
CA GLY D 56 25.78 -33.10 -39.43
C GLY D 56 26.69 -31.98 -38.97
N LYS D 57 27.91 -31.92 -39.51
CA LYS D 57 28.85 -30.88 -39.12
C LYS D 57 29.59 -30.31 -40.32
N CYS D 58 29.04 -30.41 -41.53
CA CYS D 58 29.77 -30.06 -42.75
C CYS D 58 29.52 -28.62 -43.18
N THR D 59 28.27 -28.27 -43.47
CA THR D 59 27.99 -26.96 -44.05
C THR D 59 28.17 -25.84 -43.04
N ILE D 60 27.69 -26.04 -41.81
CA ILE D 60 27.64 -24.94 -40.84
C ILE D 60 29.04 -24.46 -40.50
N VAL D 61 29.97 -25.40 -40.30
CA VAL D 61 31.30 -25.04 -39.81
C VAL D 61 32.01 -24.13 -40.80
N LYS D 62 31.96 -24.47 -42.09
CA LYS D 62 32.72 -23.71 -43.07
C LYS D 62 32.09 -22.37 -43.38
N GLN D 63 30.76 -22.27 -43.40
CA GLN D 63 30.15 -20.98 -43.70
C GLN D 63 30.38 -19.98 -42.57
N MET D 64 30.51 -20.47 -41.34
CA MET D 64 30.70 -19.64 -40.15
C MET D 64 29.65 -18.55 -40.01
N THR D 193 38.78 -31.56 -28.44
CA THR D 193 38.98 -32.96 -28.14
C THR D 193 37.67 -33.75 -28.25
N GLY D 194 36.78 -33.54 -27.29
CA GLY D 194 35.47 -34.17 -27.30
C GLY D 194 34.38 -33.27 -27.81
N ILE D 195 34.34 -32.05 -27.28
CA ILE D 195 33.34 -31.05 -27.67
C ILE D 195 34.08 -29.88 -28.30
N VAL D 196 33.56 -29.39 -29.42
CA VAL D 196 34.21 -28.36 -30.21
C VAL D 196 33.32 -27.12 -30.18
N GLU D 197 33.86 -26.01 -29.69
CA GLU D 197 33.12 -24.76 -29.57
C GLU D 197 33.56 -23.80 -30.66
N THR D 198 32.60 -23.22 -31.35
CA THR D 198 32.86 -22.28 -32.43
C THR D 198 32.18 -20.96 -32.10
N HIS D 199 32.92 -19.86 -32.26
CA HIS D 199 32.43 -18.53 -31.94
C HIS D 199 32.35 -17.70 -33.21
N PHE D 200 31.28 -16.92 -33.32
CA PHE D 200 31.21 -15.89 -34.35
C PHE D 200 30.18 -14.86 -33.93
N THR D 201 30.27 -13.68 -34.52
CA THR D 201 29.39 -12.56 -34.18
C THR D 201 28.72 -12.06 -35.45
N PHE D 202 27.40 -11.90 -35.41
CA PHE D 202 26.65 -11.40 -36.55
C PHE D 202 25.69 -10.32 -36.07
N LYS D 203 25.86 -9.11 -36.59
CA LYS D 203 24.94 -8.00 -36.35
C LYS D 203 24.79 -7.71 -34.86
N ASP D 204 25.92 -7.53 -34.18
CA ASP D 204 25.95 -7.19 -32.76
C ASP D 204 25.25 -8.25 -31.91
N LEU D 205 25.57 -9.51 -32.18
CA LEU D 205 25.03 -10.62 -31.41
C LEU D 205 26.07 -11.73 -31.42
N HIS D 206 26.39 -12.26 -30.24
CA HIS D 206 27.46 -13.23 -30.09
C HIS D 206 26.87 -14.64 -30.06
N PHE D 207 27.26 -15.46 -31.03
CA PHE D 207 26.77 -16.82 -31.15
C PHE D 207 27.86 -17.81 -30.79
N LYS D 208 27.46 -18.92 -30.18
CA LYS D 208 28.33 -20.07 -30.00
C LYS D 208 27.63 -21.31 -30.53
N MET D 209 28.42 -22.28 -30.99
CA MET D 209 27.88 -23.56 -31.43
C MET D 209 28.70 -24.68 -30.84
N PHE D 210 28.03 -25.61 -30.15
CA PHE D 210 28.68 -26.76 -29.53
C PHE D 210 28.42 -27.99 -30.38
N ASP D 211 29.49 -28.63 -30.84
CA ASP D 211 29.40 -29.81 -31.67
C ASP D 211 29.67 -31.05 -30.82
N VAL D 212 28.68 -31.93 -30.72
CA VAL D 212 28.76 -33.07 -29.80
C VAL D 212 28.80 -34.37 -30.58
N THR D 213 29.29 -34.32 -31.81
CA THR D 213 29.37 -35.52 -32.63
C THR D 213 30.59 -36.38 -32.32
N ALA D 214 31.55 -35.84 -31.57
CA ALA D 214 32.70 -36.63 -31.13
C ALA D 214 32.47 -37.31 -29.80
N GLN D 215 31.28 -37.13 -29.21
CA GLN D 215 30.92 -37.81 -27.98
C GLN D 215 30.08 -39.02 -28.39
N ARG D 216 30.75 -40.15 -28.57
CA ARG D 216 30.12 -41.38 -29.02
C ARG D 216 29.75 -42.30 -27.86
N SER D 217 29.52 -41.71 -26.68
CA SER D 217 29.13 -42.45 -25.50
C SER D 217 27.61 -42.54 -25.44
N GLU D 218 27.08 -42.97 -24.31
CA GLU D 218 25.63 -43.08 -24.16
C GLU D 218 25.03 -41.70 -24.00
N ARG D 219 23.99 -41.40 -24.79
CA ARG D 219 23.49 -40.03 -24.87
C ARG D 219 22.69 -39.60 -23.65
N LYS D 220 22.02 -40.53 -22.96
CA LYS D 220 21.19 -40.07 -21.85
C LYS D 220 22.00 -39.68 -20.62
N LYS D 221 23.29 -39.99 -20.59
CA LYS D 221 24.11 -39.70 -19.42
C LYS D 221 24.71 -38.30 -19.42
N TRP D 222 24.70 -37.60 -20.55
CA TRP D 222 25.26 -36.26 -20.60
C TRP D 222 24.40 -35.27 -21.36
N ILE D 223 23.23 -35.65 -21.84
CA ILE D 223 22.39 -34.72 -22.59
C ILE D 223 21.71 -33.70 -21.69
N HIS D 224 21.65 -33.93 -20.39
CA HIS D 224 21.01 -32.97 -19.51
C HIS D 224 21.89 -31.79 -19.19
N CYS D 225 23.15 -31.79 -19.62
CA CYS D 225 23.99 -30.62 -19.46
C CYS D 225 23.54 -29.48 -20.38
N PHE D 226 22.92 -29.83 -21.50
CA PHE D 226 22.56 -28.84 -22.52
C PHE D 226 21.15 -28.29 -22.36
N GLU D 227 20.43 -28.65 -21.31
CA GLU D 227 19.12 -28.05 -21.06
C GLU D 227 19.30 -26.56 -20.79
N GLY D 228 18.51 -25.74 -21.47
CA GLY D 228 18.62 -24.30 -21.35
C GLY D 228 19.33 -23.61 -22.48
N VAL D 229 19.75 -24.34 -23.52
CA VAL D 229 20.30 -23.68 -24.69
C VAL D 229 19.20 -22.94 -25.43
N THR D 230 19.60 -21.93 -26.20
CA THR D 230 18.61 -21.09 -26.86
C THR D 230 17.89 -21.84 -27.98
N ALA D 231 18.60 -22.67 -28.73
CA ALA D 231 18.00 -23.38 -29.85
C ALA D 231 18.85 -24.59 -30.19
N ILE D 232 18.30 -25.47 -31.02
CA ILE D 232 19.01 -26.63 -31.53
C ILE D 232 18.97 -26.57 -33.04
N ILE D 233 20.12 -26.70 -33.69
CA ILE D 233 20.20 -26.71 -35.13
C ILE D 233 20.35 -28.16 -35.58
N PHE D 234 19.46 -28.58 -36.48
CA PHE D 234 19.43 -29.96 -36.96
C PHE D 234 19.73 -29.99 -38.45
N CYS D 235 20.59 -30.91 -38.86
CA CYS D 235 20.98 -31.07 -40.26
C CYS D 235 20.41 -32.37 -40.82
N VAL D 236 19.74 -32.26 -41.96
CA VAL D 236 19.21 -33.42 -42.67
C VAL D 236 19.70 -33.35 -44.11
N ALA D 237 20.21 -34.46 -44.62
CA ALA D 237 20.62 -34.55 -46.02
C ALA D 237 19.44 -35.04 -46.84
N LEU D 238 18.94 -34.20 -47.74
CA LEU D 238 17.82 -34.61 -48.59
C LEU D 238 18.23 -35.72 -49.55
N SER D 239 19.47 -35.68 -50.04
CA SER D 239 19.98 -36.72 -50.94
C SER D 239 20.41 -37.94 -50.13
N ASP D 240 19.47 -38.46 -49.35
CA ASP D 240 19.72 -39.59 -48.48
C ASP D 240 18.57 -40.59 -48.48
N TYR D 241 17.53 -40.36 -49.28
CA TYR D 241 16.39 -41.28 -49.30
C TYR D 241 16.75 -42.60 -49.97
N ASP D 242 17.46 -42.53 -51.11
CA ASP D 242 17.74 -43.72 -51.89
C ASP D 242 18.95 -44.49 -51.41
N LEU D 243 19.68 -43.97 -50.43
CA LEU D 243 20.86 -44.64 -49.93
C LEU D 243 20.49 -45.51 -48.72
N VAL D 244 21.42 -46.37 -48.32
CA VAL D 244 21.22 -47.27 -47.20
C VAL D 244 22.37 -47.10 -46.21
N LEU D 245 22.11 -47.50 -44.97
CA LEU D 245 23.10 -47.33 -43.92
C LEU D 245 24.32 -48.21 -44.19
N ALA D 246 25.49 -47.71 -43.80
CA ALA D 246 26.73 -48.43 -44.07
C ALA D 246 26.79 -49.75 -43.31
N GLU D 247 26.35 -49.76 -42.05
CA GLU D 247 26.46 -50.96 -41.23
C GLU D 247 25.55 -52.08 -41.73
N ASP D 248 24.29 -51.75 -42.04
CA ASP D 248 23.36 -52.73 -42.54
C ASP D 248 22.48 -52.11 -43.63
N GLU D 249 22.06 -52.94 -44.57
CA GLU D 249 21.19 -52.51 -45.65
C GLU D 249 19.72 -52.58 -45.30
N GLU D 250 19.38 -53.14 -44.12
CA GLU D 250 17.98 -53.24 -43.73
C GLU D 250 17.34 -51.87 -43.53
N MET D 251 18.07 -50.94 -42.92
CA MET D 251 17.53 -49.65 -42.52
C MET D 251 17.96 -48.56 -43.50
N ASN D 252 16.97 -47.82 -44.00
CA ASN D 252 17.26 -46.63 -44.79
C ASN D 252 17.86 -45.54 -43.89
N ARG D 253 18.77 -44.76 -44.47
CA ARG D 253 19.46 -43.76 -43.67
C ARG D 253 18.54 -42.62 -43.26
N MET D 254 17.65 -42.19 -44.15
CA MET D 254 16.79 -41.07 -43.82
C MET D 254 15.71 -41.47 -42.82
N HIS D 255 15.36 -42.75 -42.76
CA HIS D 255 14.54 -43.24 -41.65
C HIS D 255 15.29 -43.15 -40.33
N ALA D 256 16.60 -43.39 -40.35
CA ALA D 256 17.41 -43.16 -39.16
C ALA D 256 17.41 -41.68 -38.78
N SER D 257 17.48 -40.79 -39.77
CA SER D 257 17.39 -39.36 -39.47
C SER D 257 16.05 -39.01 -38.85
N MET D 258 14.96 -39.57 -39.38
CA MET D 258 13.65 -39.34 -38.78
C MET D 258 13.59 -39.85 -37.35
N LYS D 259 14.18 -41.02 -37.10
CA LYS D 259 14.21 -41.56 -35.76
C LYS D 259 14.97 -40.64 -34.80
N LEU D 260 16.12 -40.12 -35.25
CA LEU D 260 16.89 -39.24 -34.39
C LEU D 260 16.13 -37.94 -34.12
N PHE D 261 15.44 -37.41 -35.14
CA PHE D 261 14.66 -36.20 -34.93
C PHE D 261 13.52 -36.44 -33.96
N ASP D 262 12.87 -37.60 -34.05
CA ASP D 262 11.84 -37.94 -33.08
C ASP D 262 12.40 -38.02 -31.67
N SER D 263 13.57 -38.64 -31.52
CA SER D 263 14.17 -38.76 -30.20
C SER D 263 14.52 -37.39 -29.63
N ILE D 264 15.05 -36.50 -30.46
CA ILE D 264 15.48 -35.18 -29.96
C ILE D 264 14.28 -34.29 -29.65
N CYS D 265 13.31 -34.23 -30.56
CA CYS D 265 12.23 -33.26 -30.42
C CYS D 265 11.37 -33.54 -29.21
N ASN D 266 11.10 -34.82 -28.93
CA ASN D 266 10.18 -35.24 -27.88
C ASN D 266 10.90 -35.63 -26.59
N ASN D 267 12.17 -35.28 -26.46
CA ASN D 267 12.92 -35.54 -25.24
C ASN D 267 12.34 -34.72 -24.10
N LYS D 268 12.50 -35.24 -22.88
CA LYS D 268 11.91 -34.58 -21.72
C LYS D 268 12.64 -33.32 -21.30
N TRP D 269 13.92 -33.18 -21.66
CA TRP D 269 14.65 -31.97 -21.33
C TRP D 269 14.29 -30.82 -22.27
N PHE D 270 14.07 -31.12 -23.54
CA PHE D 270 13.82 -30.08 -24.53
C PHE D 270 12.32 -29.95 -24.79
N THR D 271 11.63 -29.34 -23.81
CA THR D 271 10.22 -29.05 -23.96
C THR D 271 9.95 -27.64 -24.43
N ASP D 272 10.90 -26.73 -24.25
CA ASP D 272 10.77 -25.35 -24.70
C ASP D 272 11.86 -24.93 -25.65
N THR D 273 12.80 -25.81 -25.98
CA THR D 273 13.92 -25.46 -26.84
C THR D 273 13.48 -25.63 -28.30
N SER D 274 13.40 -24.51 -29.02
CA SER D 274 12.98 -24.57 -30.41
C SER D 274 14.06 -25.18 -31.28
N ILE D 275 13.65 -25.74 -32.41
CA ILE D 275 14.54 -26.48 -33.28
C ILE D 275 14.57 -25.80 -34.64
N ILE D 276 15.77 -25.54 -35.14
CA ILE D 276 15.96 -24.99 -36.47
C ILE D 276 16.38 -26.14 -37.38
N LEU D 277 15.64 -26.34 -38.46
CA LEU D 277 15.85 -27.49 -39.34
C LEU D 277 16.47 -27.02 -40.65
N PHE D 278 17.65 -27.53 -40.96
CA PHE D 278 18.28 -27.35 -42.26
C PHE D 278 18.18 -28.63 -43.05
N LEU D 279 17.65 -28.54 -44.27
CA LEU D 279 17.62 -29.65 -45.21
C LEU D 279 18.72 -29.43 -46.23
N ASN D 280 19.82 -30.18 -46.10
CA ASN D 280 21.00 -29.95 -46.90
C ASN D 280 20.87 -30.64 -48.27
N LYS D 281 21.84 -30.35 -49.14
CA LYS D 281 22.03 -31.06 -50.40
C LYS D 281 20.77 -31.02 -51.27
N LYS D 282 20.26 -29.81 -51.50
CA LYS D 282 19.07 -29.68 -52.33
C LYS D 282 19.37 -29.89 -53.81
N ASP D 283 20.56 -29.50 -54.27
CA ASP D 283 20.90 -29.67 -55.68
C ASP D 283 21.04 -31.14 -56.05
N LEU D 284 21.76 -31.89 -55.23
CA LEU D 284 21.92 -33.32 -55.48
C LEU D 284 20.58 -34.05 -55.41
N PHE D 285 19.72 -33.67 -54.47
CA PHE D 285 18.41 -34.28 -54.36
C PHE D 285 17.56 -33.96 -55.60
N GLU D 286 17.60 -32.72 -56.07
CA GLU D 286 16.85 -32.35 -57.26
C GLU D 286 17.34 -33.11 -58.48
N GLU D 287 18.66 -33.29 -58.59
CA GLU D 287 19.19 -34.09 -59.69
C GLU D 287 18.79 -35.56 -59.55
N LYS D 288 18.73 -36.06 -58.32
CA LYS D 288 18.52 -37.49 -58.08
C LYS D 288 17.08 -37.91 -58.29
N ILE D 289 16.11 -37.04 -58.00
CA ILE D 289 14.71 -37.45 -58.05
C ILE D 289 14.32 -37.88 -59.46
N LYS D 290 14.82 -37.17 -60.47
CA LYS D 290 14.41 -37.46 -61.84
C LYS D 290 14.85 -38.86 -62.28
N LYS D 291 16.08 -39.26 -61.91
CA LYS D 291 16.55 -40.58 -62.27
C LYS D 291 15.87 -41.66 -61.45
N SER D 292 15.75 -41.44 -60.14
CA SER D 292 15.15 -42.42 -59.23
C SER D 292 13.91 -41.86 -58.58
N PRO D 293 12.71 -42.30 -58.97
CA PRO D 293 11.49 -41.77 -58.36
C PRO D 293 11.47 -41.97 -56.84
N LEU D 294 10.91 -40.99 -56.13
CA LEU D 294 10.81 -41.03 -54.68
C LEU D 294 9.66 -41.95 -54.27
N THR D 295 9.93 -43.25 -54.34
CA THR D 295 8.98 -44.24 -53.86
C THR D 295 9.65 -45.36 -53.10
N ILE D 296 10.98 -45.38 -53.01
CA ILE D 296 11.68 -46.38 -52.21
C ILE D 296 11.59 -46.05 -50.73
N CYS D 297 11.51 -44.76 -50.39
CA CYS D 297 11.44 -44.32 -49.00
C CYS D 297 10.02 -44.21 -48.49
N TYR D 298 9.10 -43.69 -49.30
CA TYR D 298 7.70 -43.54 -48.88
C TYR D 298 6.80 -44.42 -49.73
N PRO D 299 6.39 -45.58 -49.23
CA PRO D 299 5.42 -46.40 -49.98
C PRO D 299 4.08 -45.73 -50.13
N GLU D 300 3.74 -44.78 -49.26
CA GLU D 300 2.46 -44.10 -49.28
C GLU D 300 2.48 -42.80 -50.10
N TYR D 301 3.62 -42.45 -50.68
CA TYR D 301 3.70 -41.24 -51.48
C TYR D 301 2.95 -41.41 -52.78
N ALA D 302 2.18 -40.39 -53.15
CA ALA D 302 1.42 -40.38 -54.40
C ALA D 302 1.44 -38.97 -54.96
N GLY D 303 2.30 -38.74 -55.95
CA GLY D 303 2.36 -37.43 -56.58
C GLY D 303 3.43 -37.40 -57.64
N SER D 304 3.51 -36.24 -58.31
CA SER D 304 4.45 -36.06 -59.41
C SER D 304 5.89 -36.08 -58.92
N ASN D 305 6.80 -36.46 -59.82
CA ASN D 305 8.24 -36.41 -59.55
C ASN D 305 8.73 -35.00 -59.87
N THR D 306 8.36 -34.08 -58.99
CA THR D 306 8.76 -32.68 -59.09
C THR D 306 9.47 -32.25 -57.82
N TYR D 307 10.47 -31.38 -57.95
CA TYR D 307 11.30 -31.02 -56.81
C TYR D 307 10.48 -30.34 -55.72
N GLU D 308 9.64 -29.37 -56.10
CA GLU D 308 8.94 -28.58 -55.11
C GLU D 308 7.97 -29.43 -54.29
N GLU D 309 7.21 -30.30 -54.97
CA GLU D 309 6.25 -31.14 -54.26
C GLU D 309 6.94 -32.12 -53.32
N ALA D 310 8.02 -32.77 -53.79
CA ALA D 310 8.73 -33.72 -52.94
C ALA D 310 9.36 -33.03 -51.74
N ALA D 311 9.96 -31.86 -51.96
CA ALA D 311 10.54 -31.11 -50.85
C ALA D 311 9.48 -30.72 -49.83
N ALA D 312 8.32 -30.25 -50.32
CA ALA D 312 7.24 -29.91 -49.40
C ALA D 312 6.77 -31.14 -48.63
N TYR D 313 6.70 -32.30 -49.30
CA TYR D 313 6.27 -33.51 -48.62
C TYR D 313 7.24 -33.91 -47.51
N ILE D 314 8.54 -33.87 -47.79
CA ILE D 314 9.54 -34.22 -46.78
C ILE D 314 9.48 -33.25 -45.61
N GLN D 315 9.39 -31.95 -45.91
CA GLN D 315 9.28 -30.97 -44.84
C GLN D 315 8.05 -31.20 -43.99
N CYS D 316 6.92 -31.51 -44.63
CA CYS D 316 5.69 -31.76 -43.89
C CYS D 316 5.81 -32.98 -43.00
N GLN D 317 6.46 -34.05 -43.50
CA GLN D 317 6.65 -35.23 -42.67
C GLN D 317 7.49 -34.92 -41.44
N PHE D 318 8.62 -34.24 -41.63
CA PHE D 318 9.48 -33.91 -40.50
C PHE D 318 8.78 -33.00 -39.50
N GLU D 319 8.03 -32.01 -39.98
CA GLU D 319 7.31 -31.12 -39.07
C GLU D 319 6.15 -31.83 -38.39
N ASP D 320 5.57 -32.84 -39.04
CA ASP D 320 4.50 -33.62 -38.43
C ASP D 320 5.01 -34.62 -37.41
N LEU D 321 6.30 -34.92 -37.42
CA LEU D 321 6.83 -35.79 -36.36
C LEU D 321 6.92 -35.05 -34.99
N ASN D 322 6.38 -33.84 -34.87
CA ASN D 322 6.41 -33.05 -33.64
C ASN D 322 5.14 -33.29 -32.84
N LYS D 323 5.28 -33.27 -31.51
CA LYS D 323 4.15 -33.49 -30.61
C LYS D 323 3.79 -32.29 -29.76
N ARG D 324 4.79 -31.58 -29.21
CA ARG D 324 4.55 -30.44 -28.33
C ARG D 324 4.26 -29.20 -29.17
N LYS D 325 3.05 -29.18 -29.75
CA LYS D 325 2.69 -28.10 -30.66
C LYS D 325 2.49 -26.78 -29.93
N ASP D 326 2.27 -26.80 -28.62
CA ASP D 326 1.92 -25.59 -27.88
C ASP D 326 3.06 -25.04 -27.05
N THR D 327 4.25 -25.63 -27.11
CA THR D 327 5.39 -25.13 -26.34
C THR D 327 6.64 -24.87 -27.17
N LYS D 328 6.73 -25.38 -28.39
CA LYS D 328 7.91 -25.15 -29.21
C LYS D 328 7.50 -25.07 -30.67
N GLU D 329 8.34 -24.43 -31.47
CA GLU D 329 8.14 -24.30 -32.90
C GLU D 329 9.34 -24.87 -33.63
N ILE D 330 9.12 -25.30 -34.86
CA ILE D 330 10.17 -25.87 -35.70
C ILE D 330 10.28 -25.04 -36.96
N TYR D 331 11.46 -24.48 -37.21
CA TYR D 331 11.70 -23.64 -38.36
C TYR D 331 12.48 -24.44 -39.40
N THR D 332 12.02 -24.39 -40.65
CA THR D 332 12.60 -25.17 -41.74
C THR D 332 13.19 -24.22 -42.77
N HIS D 333 14.42 -24.50 -43.20
CA HIS D 333 15.07 -23.72 -44.24
C HIS D 333 15.84 -24.67 -45.16
N PHE D 334 15.75 -24.40 -46.46
CA PHE D 334 16.48 -25.14 -47.48
C PHE D 334 17.82 -24.43 -47.69
N THR D 335 18.92 -25.11 -47.34
CA THR D 335 20.22 -24.45 -47.37
C THR D 335 20.59 -23.98 -48.77
N CYS D 336 21.14 -22.77 -48.83
CA CYS D 336 21.55 -22.11 -50.04
C CYS D 336 23.04 -21.85 -50.03
N SER D 337 23.64 -21.85 -51.22
CA SER D 337 25.09 -21.66 -51.36
C SER D 337 25.56 -20.23 -51.09
N THR D 338 24.67 -19.27 -50.89
CA THR D 338 25.07 -17.94 -50.41
C THR D 338 24.98 -17.95 -48.89
N ASP D 339 26.13 -18.00 -48.24
CA ASP D 339 26.20 -18.12 -46.78
C ASP D 339 25.53 -16.97 -46.05
N THR D 340 25.52 -15.76 -46.61
CA THR D 340 24.88 -14.65 -45.91
C THR D 340 23.40 -14.91 -45.68
N LYS D 341 22.70 -15.35 -46.72
CA LYS D 341 21.28 -15.67 -46.56
C LYS D 341 21.11 -16.86 -45.62
N ASN D 342 21.99 -17.85 -45.71
CA ASN D 342 21.92 -19.01 -44.82
C ASN D 342 22.11 -18.61 -43.35
N VAL D 343 22.85 -17.54 -43.07
CA VAL D 343 23.09 -17.15 -41.68
C VAL D 343 22.15 -16.04 -41.24
N GLN D 344 21.34 -15.53 -42.16
CA GLN D 344 20.29 -14.56 -41.81
C GLN D 344 19.10 -15.26 -41.17
N PHE D 345 18.74 -16.43 -41.69
CA PHE D 345 17.63 -17.20 -41.13
C PHE D 345 17.90 -17.60 -39.68
N VAL D 346 19.12 -18.02 -39.36
CA VAL D 346 19.43 -18.36 -37.98
C VAL D 346 19.24 -17.14 -37.08
N PHE D 347 19.66 -15.96 -37.56
CA PHE D 347 19.49 -14.74 -36.78
C PHE D 347 18.01 -14.45 -36.54
N ASP D 348 17.19 -14.57 -37.58
CA ASP D 348 15.75 -14.31 -37.42
C ASP D 348 15.11 -15.29 -36.45
N ALA D 349 15.45 -16.58 -36.57
CA ALA D 349 14.87 -17.58 -35.69
C ALA D 349 15.26 -17.34 -34.25
N VAL D 350 16.53 -17.03 -33.99
CA VAL D 350 16.96 -16.77 -32.62
C VAL D 350 16.30 -15.51 -32.07
N THR D 351 16.09 -14.50 -32.93
CA THR D 351 15.37 -13.31 -32.47
C THR D 351 13.95 -13.65 -32.06
N ASP D 352 13.27 -14.48 -32.85
CA ASP D 352 11.91 -14.90 -32.49
C ASP D 352 11.90 -15.67 -31.17
N VAL D 353 12.87 -16.57 -30.99
CA VAL D 353 12.96 -17.33 -29.74
C VAL D 353 13.16 -16.39 -28.56
N ILE D 354 14.02 -15.38 -28.74
CA ILE D 354 14.29 -14.43 -27.66
C ILE D 354 13.03 -13.63 -27.33
N ILE D 355 12.28 -13.22 -28.36
CA ILE D 355 11.07 -12.45 -28.12
C ILE D 355 10.05 -13.27 -27.33
N LYS D 356 9.87 -14.54 -27.70
CA LYS D 356 8.93 -15.38 -26.97
C LYS D 356 9.38 -15.63 -25.53
N ASN D 357 10.69 -15.84 -25.33
CA ASN D 357 11.19 -16.01 -23.97
C ASN D 357 10.94 -14.76 -23.15
N ASN D 358 11.14 -13.58 -23.73
CA ASN D 358 10.87 -12.34 -23.02
C ASN D 358 9.39 -12.20 -22.69
N LEU D 359 8.51 -12.58 -23.63
CA LEU D 359 7.08 -12.59 -23.33
C LEU D 359 6.79 -13.43 -22.10
N LYS D 360 7.37 -14.62 -22.03
CA LYS D 360 7.13 -15.47 -20.87
C LYS D 360 7.68 -14.84 -19.61
N ASP D 361 8.87 -14.22 -19.69
CA ASP D 361 9.50 -13.68 -18.50
C ASP D 361 8.79 -12.42 -18.01
N CYS D 362 8.44 -11.52 -18.94
CA CYS D 362 7.87 -10.23 -18.56
C CYS D 362 6.46 -10.34 -18.00
N GLY D 363 5.85 -11.51 -18.07
CA GLY D 363 4.55 -11.72 -17.47
C GLY D 363 3.36 -11.38 -18.34
N LEU D 364 3.56 -11.13 -19.63
CA LEU D 364 2.43 -10.87 -20.50
C LEU D 364 1.61 -12.11 -20.80
N PHE D 365 2.08 -13.29 -20.42
CA PHE D 365 1.26 -14.50 -20.52
C PHE D 365 1.74 -15.54 -19.54
N GLN E 16 33.97 -73.01 -27.12
CA GLN E 16 34.73 -73.72 -26.10
C GLN E 16 34.98 -72.84 -24.89
N LEU E 17 35.50 -71.63 -25.13
CA LEU E 17 35.77 -70.70 -24.04
C LEU E 17 34.47 -70.21 -23.40
N ARG E 18 33.42 -70.02 -24.20
CA ARG E 18 32.15 -69.55 -23.66
C ARG E 18 31.55 -70.54 -22.67
N GLN E 19 31.63 -71.84 -22.97
CA GLN E 19 31.08 -72.84 -22.07
C GLN E 19 31.83 -72.87 -20.74
N GLU E 20 33.15 -72.77 -20.79
CA GLU E 20 33.94 -72.78 -19.56
C GLU E 20 33.68 -71.54 -18.72
N ALA E 21 33.47 -70.38 -19.36
CA ALA E 21 33.21 -69.16 -18.61
C ALA E 21 31.92 -69.26 -17.82
N GLU E 22 30.88 -69.86 -18.40
CA GLU E 22 29.63 -70.06 -17.68
C GLU E 22 29.83 -70.98 -16.48
N GLN E 23 30.62 -72.03 -16.64
CA GLN E 23 30.89 -72.95 -15.54
C GLN E 23 31.65 -72.24 -14.41
N LEU E 24 32.61 -71.39 -14.75
CA LEU E 24 33.34 -70.65 -13.73
C LEU E 24 32.42 -69.74 -12.94
N LYS E 25 31.49 -69.07 -13.62
CA LYS E 25 30.55 -68.20 -12.93
C LYS E 25 29.57 -69.00 -12.07
N ASN E 26 29.21 -70.21 -12.49
CA ASN E 26 28.31 -71.03 -11.70
C ASN E 26 28.95 -71.44 -10.37
N GLN E 27 30.22 -71.82 -10.39
CA GLN E 27 30.90 -72.19 -9.15
C GLN E 27 31.00 -71.02 -8.19
N ILE E 28 31.25 -69.82 -8.72
CA ILE E 28 31.31 -68.63 -7.89
C ILE E 28 29.95 -68.37 -7.23
N ARG E 29 28.87 -68.50 -7.99
CA ARG E 29 27.54 -68.31 -7.42
C ARG E 29 27.25 -69.36 -6.35
N ASP E 30 27.62 -70.61 -6.59
CA ASP E 30 27.40 -71.65 -5.60
C ASP E 30 28.23 -71.39 -4.34
N ALA E 31 29.47 -70.93 -4.51
CA ALA E 31 30.32 -70.63 -3.35
C ALA E 31 29.73 -69.48 -2.53
N ARG E 32 29.21 -68.45 -3.20
CA ARG E 32 28.62 -67.32 -2.49
C ARG E 32 27.40 -67.74 -1.70
N LYS E 33 26.58 -68.63 -2.26
CA LYS E 33 25.36 -69.06 -1.58
C LYS E 33 25.67 -69.86 -0.32
N ALA E 34 26.74 -70.66 -0.35
CA ALA E 34 27.11 -71.45 0.83
C ALA E 34 27.49 -70.56 2.00
N CYS E 35 28.20 -69.46 1.72
CA CYS E 35 28.64 -68.55 2.77
C CYS E 35 27.48 -67.77 3.40
N ALA E 36 26.30 -67.80 2.80
CA ALA E 36 25.14 -67.06 3.30
C ALA E 36 24.59 -67.78 4.52
N ASP E 37 25.24 -67.55 5.66
CA ASP E 37 24.80 -68.16 6.91
C ASP E 37 23.59 -67.42 7.49
N ALA E 38 23.76 -66.13 7.80
CA ALA E 38 22.67 -65.33 8.33
C ALA E 38 22.79 -63.91 7.80
N THR E 39 21.66 -63.31 7.45
CA THR E 39 21.67 -61.95 6.93
C THR E 39 21.98 -60.97 8.04
N LEU E 40 22.39 -59.76 7.63
CA LEU E 40 22.79 -58.73 8.58
C LEU E 40 21.63 -58.31 9.48
N SER E 41 20.43 -58.19 8.93
CA SER E 41 19.30 -57.68 9.71
C SER E 41 18.91 -58.59 10.86
N GLN E 42 19.05 -59.91 10.71
CA GLN E 42 18.66 -60.81 11.79
C GLN E 42 19.52 -60.56 13.03
N ILE E 43 20.83 -60.39 12.86
CA ILE E 43 21.67 -60.20 14.03
C ILE E 43 21.74 -58.73 14.44
N THR E 44 21.36 -57.81 13.56
CA THR E 44 21.23 -56.41 13.96
C THR E 44 19.81 -56.04 14.37
N ASN E 45 18.98 -57.04 14.68
CA ASN E 45 17.64 -56.77 15.16
C ASN E 45 17.62 -56.30 16.61
N ASN E 46 18.61 -56.72 17.41
CA ASN E 46 18.58 -56.41 18.83
C ASN E 46 18.91 -54.96 19.11
N ILE E 47 19.80 -54.35 18.31
CA ILE E 47 20.28 -53.00 18.61
C ILE E 47 19.14 -52.00 18.53
N ASP E 48 19.12 -51.07 19.47
CA ASP E 48 18.06 -50.08 19.53
C ASP E 48 18.16 -49.12 18.36
N PRO E 49 17.04 -48.74 17.75
CA PRO E 49 17.09 -47.77 16.66
C PRO E 49 17.56 -46.41 17.12
N VAL E 50 18.26 -45.70 16.23
CA VAL E 50 18.72 -44.36 16.54
C VAL E 50 17.54 -43.40 16.48
N GLY E 51 17.64 -42.30 17.24
CA GLY E 51 16.57 -41.33 17.25
C GLY E 51 16.42 -40.65 15.90
N ARG E 52 15.21 -40.13 15.67
CA ARG E 52 14.93 -39.47 14.39
C ARG E 52 15.83 -38.26 14.21
N ILE E 53 16.72 -38.31 13.24
CA ILE E 53 17.72 -37.26 13.05
C ILE E 53 17.05 -36.06 12.39
N GLN E 54 17.25 -34.88 12.98
CA GLN E 54 16.66 -33.65 12.46
C GLN E 54 17.77 -32.60 12.41
N MET E 55 18.32 -32.38 11.22
CA MET E 55 19.35 -31.36 11.01
C MET E 55 18.75 -30.19 10.26
N ARG E 56 19.21 -29.00 10.62
CA ARG E 56 18.77 -27.75 10.01
C ARG E 56 19.95 -27.03 9.40
N THR E 57 19.68 -26.28 8.33
CA THR E 57 20.75 -25.58 7.63
C THR E 57 21.43 -24.56 8.53
N ARG E 58 22.76 -24.58 8.55
CA ARG E 58 23.54 -23.60 9.28
C ARG E 58 23.92 -22.43 8.37
N ARG E 59 24.59 -22.72 7.26
CA ARG E 59 24.95 -21.72 6.28
C ARG E 59 24.21 -21.96 4.98
N THR E 60 24.26 -20.97 4.09
CA THR E 60 23.74 -21.12 2.73
C THR E 60 24.66 -20.35 1.78
N LEU E 61 25.55 -21.08 1.14
CA LEU E 61 26.54 -20.48 0.26
C LEU E 61 25.92 -20.18 -1.09
N ARG E 62 26.09 -18.95 -1.57
CA ARG E 62 25.51 -18.55 -2.84
C ARG E 62 26.49 -17.70 -3.62
N GLY E 63 26.29 -17.66 -4.93
CA GLY E 63 27.18 -16.96 -5.84
C GLY E 63 27.31 -17.69 -7.16
N HIS E 64 26.84 -18.93 -7.21
CA HIS E 64 26.79 -19.67 -8.46
C HIS E 64 25.58 -19.24 -9.26
N LEU E 65 25.72 -19.20 -10.58
CA LEU E 65 24.66 -18.75 -11.47
C LEU E 65 24.16 -19.86 -12.39
N ALA E 66 24.41 -21.12 -12.05
CA ALA E 66 23.96 -22.24 -12.86
C ALA E 66 24.01 -23.50 -12.00
N LYS E 67 23.76 -24.65 -12.63
CA LYS E 67 23.68 -25.90 -11.89
C LYS E 67 25.02 -26.23 -11.24
N ILE E 68 24.96 -27.00 -10.15
CA ILE E 68 26.15 -27.49 -9.45
C ILE E 68 26.24 -29.00 -9.66
N TYR E 69 27.39 -29.46 -10.14
CA TYR E 69 27.58 -30.86 -10.47
C TYR E 69 28.54 -31.61 -9.57
N ALA E 70 29.30 -30.94 -8.72
CA ALA E 70 30.23 -31.65 -7.86
C ALA E 70 30.66 -30.74 -6.71
N MET E 71 31.32 -31.35 -5.73
CA MET E 71 31.99 -30.60 -4.67
C MET E 71 32.98 -31.55 -4.00
N HIS E 72 33.84 -30.99 -3.15
CA HIS E 72 34.75 -31.79 -2.36
C HIS E 72 35.12 -31.02 -1.10
N TRP E 73 35.41 -31.75 -0.03
CA TRP E 73 35.77 -31.16 1.25
C TRP E 73 37.28 -31.22 1.41
N GLY E 74 37.86 -30.18 1.98
CA GLY E 74 39.26 -30.21 2.34
C GLY E 74 39.49 -31.11 3.55
N THR E 75 40.75 -31.49 3.74
CA THR E 75 41.09 -32.33 4.87
C THR E 75 41.15 -31.57 6.19
N ASP E 76 41.06 -30.24 6.16
CA ASP E 76 40.99 -29.46 7.38
C ASP E 76 39.57 -29.17 7.81
N SER E 77 38.57 -29.68 7.08
CA SER E 77 37.16 -29.51 7.39
C SER E 77 36.72 -28.06 7.34
N ARG E 78 37.43 -27.21 6.64
CA ARG E 78 37.05 -25.80 6.55
C ARG E 78 36.79 -25.34 5.14
N LEU E 79 37.59 -25.76 4.17
CA LEU E 79 37.55 -25.24 2.83
C LEU E 79 36.98 -26.29 1.88
N LEU E 80 36.03 -25.88 1.04
CA LEU E 80 35.43 -26.77 0.07
C LEU E 80 35.41 -26.10 -1.30
N VAL E 81 35.47 -26.91 -2.35
CA VAL E 81 35.50 -26.42 -3.72
C VAL E 81 34.30 -26.97 -4.45
N SER E 82 33.64 -26.12 -5.23
CA SER E 82 32.42 -26.49 -5.95
C SER E 82 32.56 -26.15 -7.42
N ALA E 83 32.06 -27.03 -8.28
CA ALA E 83 32.15 -26.86 -9.73
C ALA E 83 30.74 -26.70 -10.29
N SER E 84 30.56 -25.71 -11.15
CA SER E 84 29.26 -25.38 -11.71
C SER E 84 29.36 -25.17 -13.21
N GLN E 85 28.20 -25.09 -13.87
CA GLN E 85 28.13 -24.89 -15.31
C GLN E 85 28.32 -23.45 -15.75
N ASP E 86 28.43 -22.50 -14.83
CA ASP E 86 28.70 -21.14 -15.23
C ASP E 86 30.15 -20.93 -15.65
N GLY E 87 31.00 -21.95 -15.50
CA GLY E 87 32.41 -21.82 -15.81
C GLY E 87 33.26 -21.33 -14.67
N LYS E 88 32.85 -21.58 -13.42
CA LYS E 88 33.54 -21.10 -12.24
C LYS E 88 33.87 -22.26 -11.33
N LEU E 89 35.02 -22.17 -10.66
CA LEU E 89 35.44 -23.14 -9.65
C LEU E 89 35.80 -22.35 -8.40
N ILE E 90 34.93 -22.38 -7.40
CA ILE E 90 35.01 -21.51 -6.24
C ILE E 90 35.44 -22.32 -5.04
N ILE E 91 36.42 -21.81 -4.28
CA ILE E 91 36.80 -22.34 -2.98
C ILE E 91 36.14 -21.48 -1.92
N TRP E 92 35.22 -22.06 -1.16
CA TRP E 92 34.51 -21.34 -0.12
C TRP E 92 35.23 -21.50 1.22
N ASP E 93 34.70 -20.83 2.24
CA ASP E 93 35.10 -21.05 3.62
C ASP E 93 33.83 -21.32 4.41
N SER E 94 33.68 -22.54 4.91
CA SER E 94 32.41 -22.95 5.51
C SER E 94 32.10 -22.16 6.77
N TYR E 95 33.12 -21.76 7.53
CA TYR E 95 32.87 -21.08 8.81
C TYR E 95 32.25 -19.70 8.59
N THR E 96 32.81 -18.92 7.67
CA THR E 96 32.43 -17.52 7.53
C THR E 96 31.83 -17.16 6.18
N THR E 97 31.61 -18.13 5.29
CA THR E 97 30.91 -17.95 4.02
C THR E 97 31.75 -17.16 3.02
N ASN E 98 32.92 -16.66 3.43
CA ASN E 98 33.76 -15.89 2.53
C ASN E 98 34.31 -16.77 1.42
N LYS E 99 34.36 -16.21 0.21
CA LYS E 99 35.00 -16.88 -0.91
C LYS E 99 36.49 -16.58 -0.87
N VAL E 100 37.31 -17.62 -0.99
CA VAL E 100 38.76 -17.46 -0.94
C VAL E 100 39.34 -17.42 -2.35
N HIS E 101 38.68 -18.04 -3.32
CA HIS E 101 39.17 -18.05 -4.69
C HIS E 101 37.99 -18.14 -5.65
N ALA E 102 38.27 -17.84 -6.91
CA ALA E 102 37.29 -18.02 -7.98
C ALA E 102 38.06 -18.24 -9.27
N ILE E 103 38.21 -19.50 -9.67
CA ILE E 103 39.05 -19.89 -10.80
C ILE E 103 38.14 -20.08 -12.02
N PRO E 104 38.30 -19.29 -13.09
CA PRO E 104 37.47 -19.48 -14.28
C PRO E 104 37.98 -20.62 -15.15
N LEU E 105 37.09 -21.55 -15.46
CA LEU E 105 37.44 -22.72 -16.26
C LEU E 105 37.65 -22.33 -17.72
N ARG E 106 38.45 -23.13 -18.42
CA ARG E 106 38.60 -22.98 -19.86
C ARG E 106 37.42 -23.55 -20.62
N SER E 107 36.82 -24.63 -20.13
CA SER E 107 35.61 -25.21 -20.70
C SER E 107 34.54 -25.27 -19.62
N SER E 108 33.34 -24.83 -19.96
CA SER E 108 32.29 -24.64 -18.97
C SER E 108 31.39 -25.86 -18.79
N TRP E 109 31.71 -26.98 -19.43
CA TRP E 109 30.96 -28.22 -19.23
C TRP E 109 31.78 -29.11 -18.29
N VAL E 110 31.54 -28.96 -16.99
CA VAL E 110 32.30 -29.67 -15.97
C VAL E 110 31.36 -30.60 -15.22
N MET E 111 31.84 -31.80 -14.93
CA MET E 111 31.07 -32.81 -14.22
C MET E 111 31.74 -33.30 -12.95
N THR E 112 32.90 -32.79 -12.58
CA THR E 112 33.59 -33.32 -11.41
C THR E 112 34.56 -32.28 -10.88
N CYS E 113 35.00 -32.51 -9.64
CA CYS E 113 36.08 -31.74 -9.05
C CYS E 113 36.67 -32.54 -7.91
N ALA E 114 37.88 -32.16 -7.52
CA ALA E 114 38.58 -32.79 -6.42
C ALA E 114 39.45 -31.74 -5.75
N TYR E 115 39.74 -31.94 -4.47
CA TYR E 115 40.55 -30.98 -3.73
C TYR E 115 41.61 -31.77 -2.98
N ALA E 116 42.87 -31.47 -3.24
CA ALA E 116 43.96 -32.35 -2.85
C ALA E 116 44.11 -32.42 -1.34
N PRO E 117 44.60 -33.54 -0.81
CA PRO E 117 44.80 -33.63 0.64
C PRO E 117 45.79 -32.62 1.17
N SER E 118 46.80 -32.25 0.39
CA SER E 118 47.77 -31.26 0.86
C SER E 118 47.16 -29.88 0.98
N GLY E 119 46.10 -29.60 0.22
CA GLY E 119 45.53 -28.28 0.14
C GLY E 119 46.14 -27.40 -0.92
N ASN E 120 47.20 -27.84 -1.58
CA ASN E 120 47.85 -27.04 -2.61
C ASN E 120 47.09 -27.06 -3.93
N TYR E 121 46.57 -28.22 -4.33
CA TYR E 121 46.02 -28.38 -5.66
C TYR E 121 44.52 -28.67 -5.62
N VAL E 122 43.89 -28.47 -6.77
CA VAL E 122 42.52 -28.91 -7.02
C VAL E 122 42.53 -29.65 -8.36
N ALA E 123 41.37 -30.05 -8.83
CA ALA E 123 41.26 -30.72 -10.12
C ALA E 123 39.88 -30.44 -10.70
N CYS E 124 39.73 -30.74 -11.98
CA CYS E 124 38.45 -30.55 -12.65
C CYS E 124 38.40 -31.44 -13.88
N GLY E 125 37.20 -31.61 -14.41
CA GLY E 125 37.02 -32.44 -15.59
C GLY E 125 35.62 -32.30 -16.11
N GLY E 126 35.38 -32.92 -17.27
CA GLY E 126 34.05 -32.85 -17.84
C GLY E 126 33.95 -33.37 -19.26
N LEU E 127 33.14 -32.70 -20.08
CA LEU E 127 32.90 -33.14 -21.45
C LEU E 127 34.08 -32.88 -22.37
N ASP E 128 35.08 -32.12 -21.93
CA ASP E 128 36.24 -31.84 -22.75
C ASP E 128 37.28 -32.94 -22.72
N ASN E 129 37.01 -34.03 -21.98
CA ASN E 129 37.84 -35.23 -21.90
C ASN E 129 39.17 -34.99 -21.21
N ILE E 130 39.37 -33.83 -20.60
CA ILE E 130 40.68 -33.39 -20.12
C ILE E 130 40.58 -33.06 -18.63
N CYS E 131 41.52 -33.57 -17.86
CA CYS E 131 41.64 -33.24 -16.44
C CYS E 131 42.62 -32.10 -16.27
N SER E 132 42.24 -31.08 -15.50
CA SER E 132 43.07 -29.92 -15.26
C SER E 132 43.44 -29.85 -13.79
N ILE E 133 44.73 -29.69 -13.50
CA ILE E 133 45.22 -29.57 -12.13
C ILE E 133 45.68 -28.13 -11.92
N TYR E 134 45.05 -27.44 -10.97
CA TYR E 134 45.34 -26.05 -10.69
C TYR E 134 46.20 -25.94 -9.44
N ASN E 135 47.12 -24.99 -9.45
CA ASN E 135 48.01 -24.75 -8.31
C ASN E 135 47.50 -23.55 -7.53
N LEU E 136 47.19 -23.76 -6.26
CA LEU E 136 46.60 -22.70 -5.43
C LEU E 136 47.66 -21.84 -4.77
N LYS E 137 48.56 -22.47 -4.00
CA LYS E 137 49.59 -21.72 -3.27
C LYS E 137 50.75 -21.46 -4.21
N THR E 138 50.62 -20.40 -5.00
CA THR E 138 51.64 -19.97 -5.93
C THR E 138 52.48 -18.85 -5.30
N ARG E 139 53.57 -18.51 -5.98
CA ARG E 139 54.47 -17.47 -5.49
C ARG E 139 53.78 -16.11 -5.48
N GLU E 140 53.07 -15.78 -6.55
CA GLU E 140 52.39 -14.49 -6.67
C GLU E 140 51.01 -14.47 -6.05
N GLY E 141 50.52 -15.61 -5.55
CA GLY E 141 49.18 -15.66 -4.99
C GLY E 141 48.07 -15.84 -6.00
N ASN E 142 48.40 -16.05 -7.27
CA ASN E 142 47.41 -16.23 -8.33
C ASN E 142 47.38 -17.70 -8.75
N VAL E 143 46.17 -18.20 -9.01
CA VAL E 143 45.98 -19.61 -9.34
C VAL E 143 46.26 -19.81 -10.82
N ARG E 144 47.14 -20.77 -11.14
CA ARG E 144 47.56 -21.02 -12.50
C ARG E 144 47.52 -22.52 -12.77
N VAL E 145 47.20 -22.88 -14.01
CA VAL E 145 47.16 -24.29 -14.40
C VAL E 145 48.57 -24.87 -14.32
N SER E 146 48.70 -26.00 -13.64
CA SER E 146 49.99 -26.66 -13.51
C SER E 146 50.17 -27.81 -14.47
N ARG E 147 49.08 -28.40 -14.97
CA ARG E 147 49.18 -29.51 -15.92
C ARG E 147 47.80 -29.76 -16.51
N GLU E 148 47.78 -30.31 -17.72
CA GLU E 148 46.55 -30.77 -18.35
C GLU E 148 46.76 -32.20 -18.80
N LEU E 149 45.84 -33.08 -18.42
CA LEU E 149 45.99 -34.52 -18.63
C LEU E 149 45.03 -34.97 -19.72
N ALA E 150 45.58 -35.47 -20.83
CA ALA E 150 44.78 -35.91 -21.96
C ALA E 150 45.13 -37.36 -22.30
N GLY E 151 44.19 -38.03 -22.96
CA GLY E 151 44.38 -39.41 -23.34
C GLY E 151 43.11 -40.23 -23.28
N HIS E 152 42.11 -39.75 -22.56
CA HIS E 152 40.82 -40.43 -22.50
C HIS E 152 40.02 -40.18 -23.77
N THR E 153 39.19 -41.14 -24.15
CA THR E 153 38.34 -41.03 -25.32
C THR E 153 36.87 -40.84 -24.97
N GLY E 154 36.55 -40.58 -23.71
CA GLY E 154 35.18 -40.34 -23.30
C GLY E 154 35.14 -39.33 -22.18
N TYR E 155 33.92 -38.85 -21.90
CA TYR E 155 33.76 -37.77 -20.94
C TYR E 155 34.22 -38.20 -19.55
N LEU E 156 34.98 -37.33 -18.89
CA LEU E 156 35.47 -37.62 -17.55
C LEU E 156 34.33 -37.45 -16.55
N SER E 157 34.21 -38.41 -15.63
CA SER E 157 33.09 -38.40 -14.69
C SER E 157 33.50 -38.23 -13.24
N CYS E 158 34.70 -38.62 -12.85
CA CYS E 158 35.14 -38.44 -11.47
C CYS E 158 36.65 -38.56 -11.41
N CYS E 159 37.24 -37.92 -10.41
CA CYS E 159 38.69 -37.93 -10.25
C CYS E 159 39.04 -37.59 -8.82
N ARG E 160 39.91 -38.39 -8.21
CA ARG E 160 40.30 -38.22 -6.82
C ARG E 160 41.82 -38.28 -6.72
N PHE E 161 42.36 -37.49 -5.79
CA PHE E 161 43.81 -37.43 -5.60
C PHE E 161 44.29 -38.56 -4.71
N LEU E 162 45.27 -39.32 -5.20
CA LEU E 162 45.95 -40.29 -4.34
C LEU E 162 46.90 -39.57 -3.38
N ASP E 163 47.69 -38.65 -3.90
CA ASP E 163 48.62 -37.87 -3.10
C ASP E 163 48.95 -36.62 -3.89
N ASP E 164 49.99 -35.91 -3.49
CA ASP E 164 50.29 -34.63 -4.12
C ASP E 164 50.81 -34.79 -5.55
N ASN E 165 51.16 -35.99 -5.99
CA ASN E 165 51.75 -36.19 -7.31
C ASN E 165 51.00 -37.17 -8.19
N GLN E 166 50.03 -37.93 -7.67
CA GLN E 166 49.34 -38.93 -8.44
C GLN E 166 47.82 -38.73 -8.33
N ILE E 167 47.13 -38.97 -9.44
CA ILE E 167 45.69 -38.75 -9.53
C ILE E 167 45.09 -39.84 -10.40
N VAL E 168 43.91 -40.34 -10.00
CA VAL E 168 43.22 -41.41 -10.70
C VAL E 168 41.91 -40.87 -11.24
N THR E 169 41.58 -41.23 -12.48
CA THR E 169 40.40 -40.73 -13.17
C THR E 169 39.61 -41.88 -13.78
N SER E 170 38.31 -41.66 -13.94
CA SER E 170 37.41 -42.62 -14.56
C SER E 170 36.55 -41.91 -15.59
N SER E 171 36.47 -42.46 -16.79
CA SER E 171 35.79 -41.82 -17.90
C SER E 171 34.65 -42.69 -18.41
N GLY E 172 34.00 -42.22 -19.46
CA GLY E 172 32.91 -42.92 -20.10
C GLY E 172 33.30 -43.91 -21.17
N ASP E 173 34.61 -44.11 -21.39
CA ASP E 173 35.08 -45.11 -22.34
C ASP E 173 35.34 -46.46 -21.70
N THR E 174 34.66 -46.75 -20.59
CA THR E 174 34.76 -48.03 -19.88
C THR E 174 36.18 -48.30 -19.38
N THR E 175 36.93 -47.26 -19.04
CA THR E 175 38.28 -47.43 -18.52
C THR E 175 38.50 -46.52 -17.32
N CYS E 176 39.42 -46.94 -16.46
CA CYS E 176 39.93 -46.12 -15.37
C CYS E 176 41.46 -46.21 -15.41
N ALA E 177 42.12 -45.09 -15.08
CA ALA E 177 43.55 -45.00 -15.25
C ALA E 177 44.18 -44.23 -14.10
N LEU E 178 45.46 -44.49 -13.88
CA LEU E 178 46.25 -43.83 -12.85
C LEU E 178 47.29 -42.95 -13.52
N TRP E 179 47.34 -41.68 -13.14
CA TRP E 179 48.16 -40.69 -13.81
C TRP E 179 49.39 -40.35 -12.98
N ASP E 180 50.22 -39.47 -13.54
CA ASP E 180 51.42 -38.99 -12.86
C ASP E 180 51.58 -37.53 -13.29
N ILE E 181 51.38 -36.61 -12.35
CA ILE E 181 51.20 -35.21 -12.71
C ILE E 181 52.49 -34.62 -13.30
N GLU E 182 53.64 -34.91 -12.70
CA GLU E 182 54.87 -34.27 -13.15
C GLU E 182 55.25 -34.66 -14.58
N THR E 183 55.14 -35.95 -14.91
CA THR E 183 55.50 -36.37 -16.26
C THR E 183 54.32 -36.33 -17.23
N GLY E 184 53.09 -36.40 -16.72
CA GLY E 184 51.90 -36.25 -17.54
C GLY E 184 51.47 -37.37 -18.48
N GLN E 185 51.83 -38.63 -18.21
CA GLN E 185 51.38 -39.73 -19.05
C GLN E 185 50.64 -40.73 -18.18
N GLN E 186 49.77 -41.51 -18.80
CA GLN E 186 49.10 -42.58 -18.10
C GLN E 186 50.12 -43.62 -17.66
N THR E 187 50.07 -44.00 -16.39
CA THR E 187 50.99 -45.00 -15.85
C THR E 187 50.40 -46.40 -15.89
N THR E 188 49.13 -46.54 -15.50
CA THR E 188 48.44 -47.81 -15.54
C THR E 188 47.01 -47.58 -16.01
N THR E 189 46.45 -48.57 -16.69
CA THR E 189 45.10 -48.50 -17.19
C THR E 189 44.32 -49.72 -16.74
N PHE E 190 43.18 -49.50 -16.11
CA PHE E 190 42.33 -50.58 -15.61
C PHE E 190 41.15 -50.76 -16.56
N THR E 191 41.04 -51.94 -17.16
CA THR E 191 39.99 -52.25 -18.12
C THR E 191 39.19 -53.46 -17.66
N GLY E 192 37.99 -53.61 -18.21
CA GLY E 192 37.16 -54.75 -17.90
C GLY E 192 35.68 -54.43 -17.83
N HIS E 193 35.34 -53.15 -17.69
CA HIS E 193 33.94 -52.77 -17.63
C HIS E 193 33.27 -52.90 -18.99
N THR E 194 31.94 -52.93 -18.98
CA THR E 194 31.16 -53.00 -20.21
C THR E 194 30.60 -51.64 -20.63
N GLY E 195 30.00 -50.91 -19.70
CA GLY E 195 29.46 -49.59 -19.97
C GLY E 195 30.31 -48.49 -19.37
N ASP E 196 29.76 -47.28 -19.42
CA ASP E 196 30.48 -46.12 -18.91
C ASP E 196 30.68 -46.22 -17.41
N VAL E 197 31.86 -45.82 -16.94
CA VAL E 197 32.13 -45.71 -15.52
C VAL E 197 31.61 -44.36 -15.02
N MET E 198 30.77 -44.39 -14.00
CA MET E 198 30.09 -43.18 -13.53
C MET E 198 30.61 -42.64 -12.21
N SER E 199 31.39 -43.40 -11.45
CA SER E 199 31.82 -42.94 -10.14
C SER E 199 33.10 -43.66 -9.76
N LEU E 200 33.63 -43.31 -8.59
CA LEU E 200 34.91 -43.80 -8.14
C LEU E 200 35.11 -43.39 -6.69
N SER E 201 35.79 -44.24 -5.92
CA SER E 201 36.06 -43.94 -4.53
C SER E 201 37.36 -44.59 -4.09
N LEU E 202 38.21 -43.83 -3.42
CA LEU E 202 39.48 -44.32 -2.91
C LEU E 202 39.31 -44.90 -1.51
N ALA E 203 40.15 -45.89 -1.20
CA ALA E 203 40.13 -46.47 0.12
C ALA E 203 40.78 -45.51 1.12
N PRO E 204 40.46 -45.67 2.41
CA PRO E 204 41.16 -44.86 3.43
C PRO E 204 42.67 -45.05 3.43
N ASP E 205 43.14 -46.25 3.12
CA ASP E 205 44.58 -46.52 3.06
C ASP E 205 45.18 -46.22 1.70
N THR E 206 44.36 -45.81 0.73
CA THR E 206 44.81 -45.41 -0.60
C THR E 206 45.67 -46.50 -1.26
N ARG E 207 45.25 -47.75 -1.09
CA ARG E 207 45.86 -48.86 -1.80
C ARG E 207 44.89 -49.60 -2.71
N LEU E 208 43.59 -49.37 -2.58
CA LEU E 208 42.60 -49.97 -3.45
C LEU E 208 41.51 -48.93 -3.74
N PHE E 209 40.78 -49.15 -4.82
CA PHE E 209 39.65 -48.29 -5.12
C PHE E 209 38.64 -49.07 -5.95
N VAL E 210 37.39 -48.63 -5.91
CA VAL E 210 36.30 -49.32 -6.60
C VAL E 210 35.52 -48.30 -7.41
N SER E 211 34.92 -48.78 -8.50
CA SER E 211 34.17 -47.92 -9.40
C SER E 211 32.94 -48.65 -9.91
N GLY E 212 31.80 -47.98 -9.89
CA GLY E 212 30.56 -48.53 -10.40
C GLY E 212 30.26 -47.98 -11.79
N ALA E 213 29.81 -48.86 -12.67
CA ALA E 213 29.65 -48.53 -14.07
C ALA E 213 28.19 -48.53 -14.47
N CYS E 214 27.94 -48.38 -15.78
CA CYS E 214 26.60 -48.39 -16.34
C CYS E 214 26.08 -49.79 -16.62
N ASP E 215 26.90 -50.82 -16.42
CA ASP E 215 26.47 -52.19 -16.60
C ASP E 215 25.94 -52.81 -15.32
N ALA E 216 25.53 -51.99 -14.35
CA ALA E 216 24.97 -52.44 -13.08
C ALA E 216 25.91 -53.40 -12.36
N SER E 217 27.19 -53.01 -12.28
CA SER E 217 28.18 -53.83 -11.62
C SER E 217 29.28 -52.93 -11.07
N ALA E 218 29.97 -53.42 -10.04
CA ALA E 218 31.07 -52.70 -9.42
C ALA E 218 32.26 -53.64 -9.29
N LYS E 219 33.46 -53.07 -9.41
CA LYS E 219 34.68 -53.84 -9.41
C LYS E 219 35.69 -53.22 -8.45
N LEU E 220 36.54 -54.06 -7.87
CA LEU E 220 37.60 -53.61 -6.99
C LEU E 220 38.93 -53.72 -7.73
N TRP E 221 39.65 -52.61 -7.84
CA TRP E 221 40.91 -52.56 -8.54
C TRP E 221 42.08 -52.50 -7.57
N ASP E 222 43.28 -52.62 -8.13
CA ASP E 222 44.52 -52.50 -7.36
C ASP E 222 45.40 -51.47 -8.02
N VAL E 223 45.79 -50.44 -7.26
CA VAL E 223 46.52 -49.33 -7.85
C VAL E 223 47.90 -49.76 -8.34
N ARG E 224 48.54 -50.70 -7.66
CA ARG E 224 49.87 -51.15 -8.03
C ARG E 224 49.86 -52.42 -8.89
N GLU E 225 49.07 -53.42 -8.50
CA GLU E 225 48.99 -54.64 -9.30
C GLU E 225 48.40 -54.36 -10.67
N GLY E 226 47.36 -53.53 -10.74
CA GLY E 226 46.74 -53.18 -12.00
C GLY E 226 45.73 -54.18 -12.53
N MET E 227 45.28 -55.12 -11.71
CA MET E 227 44.35 -56.15 -12.13
C MET E 227 43.08 -56.08 -11.29
N CYS E 228 41.94 -56.34 -11.94
CA CYS E 228 40.68 -56.37 -11.22
C CYS E 228 40.63 -57.60 -10.32
N ARG E 229 40.28 -57.40 -9.06
CA ARG E 229 40.32 -58.47 -8.07
C ARG E 229 38.96 -59.12 -7.84
N GLN E 230 37.88 -58.33 -7.76
CA GLN E 230 36.57 -58.85 -7.42
C GLN E 230 35.52 -58.13 -8.24
N THR E 231 34.36 -58.78 -8.38
CA THR E 231 33.23 -58.22 -9.12
C THR E 231 31.95 -58.46 -8.34
N PHE E 232 31.16 -57.41 -8.14
CA PHE E 232 29.92 -57.49 -7.40
C PHE E 232 28.76 -57.07 -8.29
N THR E 233 27.70 -57.87 -8.31
CA THR E 233 26.53 -57.60 -9.12
C THR E 233 25.28 -57.63 -8.24
N GLY E 234 24.17 -57.20 -8.81
CA GLY E 234 22.90 -57.22 -8.10
C GLY E 234 22.00 -56.05 -8.40
N HIS E 235 22.52 -55.05 -9.11
CA HIS E 235 21.73 -53.87 -9.42
C HIS E 235 21.01 -54.06 -10.76
N GLU E 236 19.91 -53.31 -10.92
CA GLU E 236 19.06 -53.44 -12.09
C GLU E 236 19.36 -52.42 -13.18
N SER E 237 19.92 -51.26 -12.81
CA SER E 237 20.13 -50.18 -13.78
C SER E 237 21.49 -49.54 -13.48
N ASP E 238 21.69 -48.35 -14.03
CA ASP E 238 22.97 -47.67 -13.93
C ASP E 238 23.34 -47.38 -12.48
N ILE E 239 24.62 -47.55 -12.15
CA ILE E 239 25.14 -47.20 -10.83
C ILE E 239 25.72 -45.79 -10.91
N ASN E 240 25.20 -44.89 -10.07
CA ASN E 240 25.54 -43.48 -10.16
C ASN E 240 26.52 -43.01 -9.09
N ALA E 241 26.59 -43.69 -7.94
CA ALA E 241 27.45 -43.22 -6.87
C ALA E 241 28.01 -44.41 -6.10
N ILE E 242 29.07 -44.15 -5.35
CA ILE E 242 29.75 -45.21 -4.60
C ILE E 242 30.69 -44.56 -3.59
N CYS E 243 31.00 -45.27 -2.50
CA CYS E 243 31.88 -44.76 -1.46
C CYS E 243 32.22 -45.89 -0.50
N PHE E 244 33.41 -45.82 0.10
CA PHE E 244 33.79 -46.81 1.10
C PHE E 244 33.21 -46.52 2.46
N PHE E 245 32.89 -47.61 3.17
CA PHE E 245 32.67 -47.56 4.60
C PHE E 245 33.97 -47.13 5.28
N PRO E 246 33.88 -46.40 6.40
CA PRO E 246 35.10 -45.77 6.95
C PRO E 246 36.24 -46.73 7.25
N ASN E 247 35.97 -47.96 7.67
CA ASN E 247 37.08 -48.86 7.96
C ASN E 247 37.63 -49.55 6.72
N GLY E 248 37.08 -49.30 5.55
CA GLY E 248 37.65 -49.80 4.32
C GLY E 248 37.33 -51.24 3.97
N ASN E 249 36.45 -51.90 4.73
CA ASN E 249 36.05 -53.27 4.44
C ASN E 249 34.68 -53.37 3.77
N ALA E 250 34.06 -52.25 3.45
CA ALA E 250 32.75 -52.27 2.80
C ALA E 250 32.56 -51.00 1.99
N PHE E 251 31.67 -51.09 1.00
CA PHE E 251 31.31 -49.92 0.22
C PHE E 251 29.84 -49.99 -0.14
N ALA E 252 29.22 -48.83 -0.30
CA ALA E 252 27.79 -48.73 -0.54
C ALA E 252 27.55 -48.04 -1.88
N THR E 253 26.63 -48.58 -2.66
CA THR E 253 26.34 -48.08 -3.99
C THR E 253 24.90 -47.62 -4.06
N GLY E 254 24.68 -46.55 -4.81
CA GLY E 254 23.33 -46.09 -5.10
C GLY E 254 23.15 -46.03 -6.60
N SER E 255 22.04 -46.53 -7.09
CA SER E 255 21.82 -46.70 -8.52
C SER E 255 20.63 -45.86 -8.97
N ASP E 256 20.34 -45.92 -10.26
CA ASP E 256 19.30 -45.08 -10.84
C ASP E 256 17.90 -45.66 -10.68
N ASP E 257 17.79 -46.92 -10.25
CA ASP E 257 16.50 -47.58 -10.10
C ASP E 257 15.90 -47.39 -8.71
N ALA E 258 16.26 -46.30 -8.02
CA ALA E 258 15.68 -45.94 -6.73
C ALA E 258 15.99 -46.98 -5.64
N THR E 259 17.25 -47.35 -5.55
CA THR E 259 17.66 -48.30 -4.52
C THR E 259 19.11 -48.02 -4.11
N CYS E 260 19.46 -48.46 -2.91
CA CYS E 260 20.83 -48.43 -2.40
C CYS E 260 21.18 -49.80 -1.87
N ARG E 261 22.46 -50.15 -1.97
CA ARG E 261 22.91 -51.48 -1.59
C ARG E 261 24.27 -51.38 -0.91
N LEU E 262 24.55 -52.34 -0.05
CA LEU E 262 25.80 -52.38 0.71
C LEU E 262 26.49 -53.72 0.48
N PHE E 263 27.76 -53.67 0.07
CA PHE E 263 28.56 -54.86 -0.16
C PHE E 263 29.68 -54.97 0.86
N ASP E 264 30.21 -56.18 1.00
CA ASP E 264 31.36 -56.43 1.86
C ASP E 264 32.43 -57.15 1.06
N LEU E 265 33.67 -56.68 1.15
CA LEU E 265 34.74 -57.24 0.35
C LEU E 265 35.11 -58.64 0.79
N ARG E 266 35.15 -58.88 2.11
CA ARG E 266 35.58 -60.17 2.62
C ARG E 266 34.50 -61.24 2.40
N ALA E 267 33.24 -60.90 2.67
CA ALA E 267 32.15 -61.84 2.41
C ALA E 267 31.83 -61.94 0.92
N ASP E 268 32.19 -60.92 0.14
CA ASP E 268 32.13 -60.97 -1.32
C ASP E 268 30.70 -61.19 -1.83
N GLN E 269 29.74 -60.55 -1.18
CA GLN E 269 28.36 -60.55 -1.68
C GLN E 269 27.57 -59.47 -0.94
N GLU E 270 26.37 -59.22 -1.43
CA GLU E 270 25.47 -58.21 -0.88
C GLU E 270 25.08 -58.55 0.56
N LEU E 271 24.85 -57.52 1.37
CA LEU E 271 24.32 -57.71 2.71
C LEU E 271 22.94 -57.09 2.92
N MET E 272 22.76 -55.81 2.60
CA MET E 272 21.49 -55.16 2.93
C MET E 272 21.12 -54.16 1.86
N THR E 273 19.82 -54.01 1.64
CA THR E 273 19.25 -53.13 0.62
C THR E 273 18.34 -52.11 1.26
N TYR E 274 18.57 -50.84 0.97
CA TYR E 274 17.78 -49.75 1.52
C TYR E 274 16.84 -49.25 0.44
N SER E 275 15.54 -49.54 0.59
CA SER E 275 14.56 -49.15 -0.40
C SER E 275 13.21 -48.91 0.27
N HIS E 276 12.35 -48.18 -0.42
CA HIS E 276 11.02 -47.88 0.07
C HIS E 276 10.05 -47.87 -1.11
N ASP E 277 8.77 -48.10 -0.81
CA ASP E 277 7.77 -48.18 -1.86
C ASP E 277 7.44 -46.80 -2.44
N ASN E 278 7.60 -45.75 -1.64
CA ASN E 278 7.27 -44.40 -2.08
C ASN E 278 8.33 -43.80 -3.00
N ILE E 279 9.52 -44.40 -3.06
CA ILE E 279 10.65 -43.82 -3.78
C ILE E 279 10.72 -44.45 -5.16
N ILE E 280 10.59 -43.63 -6.20
CA ILE E 280 10.62 -44.08 -7.58
C ILE E 280 11.69 -43.37 -8.41
N CYS E 281 12.40 -42.41 -7.84
CA CYS E 281 13.44 -41.67 -8.55
C CYS E 281 14.82 -42.15 -8.13
N GLY E 282 15.80 -41.97 -9.01
CA GLY E 282 17.13 -42.51 -8.80
C GLY E 282 17.98 -41.68 -7.85
N ILE E 283 19.12 -42.26 -7.49
CA ILE E 283 20.07 -41.66 -6.56
C ILE E 283 21.21 -41.04 -7.35
N THR E 284 21.62 -39.83 -6.96
CA THR E 284 22.70 -39.14 -7.64
C THR E 284 24.01 -39.16 -6.86
N SER E 285 23.98 -39.32 -5.54
CA SER E 285 25.20 -39.30 -4.75
C SER E 285 24.95 -39.88 -3.38
N VAL E 286 25.93 -40.61 -2.85
CA VAL E 286 25.84 -41.18 -1.51
C VAL E 286 27.13 -40.85 -0.75
N SER E 287 27.05 -40.97 0.57
CA SER E 287 28.18 -40.74 1.44
C SER E 287 27.85 -41.30 2.81
N PHE E 288 28.88 -41.57 3.60
CA PHE E 288 28.73 -42.14 4.93
C PHE E 288 29.01 -41.08 6.00
N SER E 289 28.96 -41.51 7.25
CA SER E 289 29.31 -40.69 8.40
C SER E 289 30.62 -41.16 9.00
N LYS E 290 31.04 -40.47 10.07
CA LYS E 290 32.34 -40.78 10.65
C LYS E 290 32.38 -42.17 11.26
N SER E 291 31.33 -42.59 11.93
CA SER E 291 31.30 -43.89 12.57
C SER E 291 30.64 -44.97 11.71
N GLY E 292 30.20 -44.62 10.51
CA GLY E 292 29.56 -45.60 9.65
C GLY E 292 28.14 -45.94 10.03
N ARG E 293 27.41 -45.00 10.62
CA ARG E 293 26.06 -45.27 11.08
C ARG E 293 24.99 -44.55 10.27
N LEU E 294 25.35 -43.56 9.47
CA LEU E 294 24.35 -42.78 8.72
C LEU E 294 24.74 -42.74 7.24
N LEU E 295 24.16 -43.63 6.45
CA LEU E 295 24.35 -43.62 5.00
C LEU E 295 23.51 -42.50 4.41
N LEU E 296 24.16 -41.37 4.13
CA LEU E 296 23.48 -40.26 3.49
C LEU E 296 23.25 -40.58 2.02
N ALA E 297 22.20 -40.02 1.44
CA ALA E 297 21.93 -40.24 0.02
C ALA E 297 21.26 -39.00 -0.55
N GLY E 298 21.51 -38.75 -1.83
CA GLY E 298 20.88 -37.66 -2.56
C GLY E 298 19.91 -38.23 -3.58
N TYR E 299 18.74 -37.60 -3.69
CA TYR E 299 17.66 -38.12 -4.51
C TYR E 299 17.25 -37.12 -5.59
N ASP E 300 16.64 -37.66 -6.64
CA ASP E 300 16.20 -36.83 -7.76
C ASP E 300 15.01 -35.96 -7.41
N ASP E 301 14.14 -36.41 -6.50
CA ASP E 301 12.94 -35.65 -6.19
C ASP E 301 13.22 -34.57 -5.15
N PHE E 302 14.26 -33.77 -5.38
CA PHE E 302 14.59 -32.58 -4.61
C PHE E 302 14.95 -32.88 -3.16
N ASN E 303 15.02 -34.15 -2.77
CA ASN E 303 15.18 -34.54 -1.38
C ASN E 303 16.52 -35.20 -1.13
N CYS E 304 16.91 -35.23 0.14
CA CYS E 304 18.06 -35.97 0.62
C CYS E 304 17.62 -36.81 1.80
N ASN E 305 17.93 -38.10 1.77
CA ASN E 305 17.48 -39.02 2.79
C ASN E 305 18.65 -39.53 3.62
N VAL E 306 18.47 -39.56 4.93
CA VAL E 306 19.44 -40.13 5.85
C VAL E 306 18.99 -41.54 6.19
N TRP E 307 19.83 -42.51 5.90
CA TRP E 307 19.49 -43.90 6.13
C TRP E 307 20.18 -44.39 7.40
N ASP E 308 20.11 -45.70 7.63
CA ASP E 308 20.74 -46.34 8.77
C ASP E 308 21.45 -47.57 8.25
N ALA E 309 22.77 -47.58 8.32
CA ALA E 309 23.53 -48.63 7.66
C ALA E 309 23.28 -50.01 8.24
N LEU E 310 22.78 -50.11 9.48
CA LEU E 310 22.61 -51.39 10.14
C LEU E 310 21.16 -51.87 10.18
N LYS E 311 20.18 -50.97 10.12
CA LYS E 311 18.78 -51.37 10.25
C LYS E 311 17.92 -51.06 9.04
N ALA E 312 18.44 -50.32 8.05
CA ALA E 312 17.71 -50.02 6.81
C ALA E 312 16.38 -49.32 7.09
N ASP E 313 16.39 -48.40 8.04
CA ASP E 313 15.20 -47.64 8.39
C ASP E 313 15.52 -46.15 8.29
N ARG E 314 14.72 -45.43 7.51
CA ARG E 314 14.94 -44.01 7.35
C ARG E 314 14.86 -43.30 8.70
N ALA E 315 15.77 -42.36 8.92
CA ALA E 315 15.86 -41.65 10.19
C ALA E 315 15.90 -40.14 10.03
N GLY E 316 15.58 -39.62 8.85
CA GLY E 316 15.60 -38.19 8.64
C GLY E 316 15.48 -37.80 7.19
N VAL E 317 15.02 -36.58 6.93
CA VAL E 317 14.86 -36.07 5.57
C VAL E 317 15.34 -34.63 5.53
N LEU E 318 16.15 -34.30 4.53
CA LEU E 318 16.68 -32.95 4.36
C LEU E 318 16.05 -32.37 3.10
N ALA E 319 15.07 -31.48 3.28
CA ALA E 319 14.32 -30.92 2.17
C ALA E 319 14.49 -29.40 2.19
N GLY E 320 15.49 -28.92 1.46
CA GLY E 320 15.73 -27.50 1.37
C GLY E 320 15.88 -27.00 -0.06
N HIS E 321 16.09 -27.91 -0.99
CA HIS E 321 16.42 -27.55 -2.36
C HIS E 321 15.20 -27.60 -3.26
N ASP E 322 15.14 -26.68 -4.21
CA ASP E 322 14.04 -26.59 -5.17
C ASP E 322 14.30 -27.35 -6.45
N ASN E 323 15.48 -27.97 -6.60
CA ASN E 323 15.79 -28.74 -7.79
C ASN E 323 16.61 -29.96 -7.38
N ARG E 324 16.98 -30.78 -8.36
CA ARG E 324 17.61 -32.06 -8.10
C ARG E 324 18.94 -31.88 -7.37
N VAL E 325 19.18 -32.73 -6.36
CA VAL E 325 20.43 -32.74 -5.64
C VAL E 325 21.42 -33.61 -6.38
N SER E 326 22.62 -33.08 -6.63
CA SER E 326 23.59 -33.76 -7.47
C SER E 326 24.93 -34.05 -6.80
N CYS E 327 25.21 -33.47 -5.64
CA CYS E 327 26.47 -33.72 -4.95
C CYS E 327 26.23 -33.72 -3.45
N LEU E 328 27.13 -34.36 -2.71
CA LEU E 328 26.97 -34.49 -1.27
C LEU E 328 28.28 -34.99 -0.69
N GLY E 329 28.62 -34.50 0.51
CA GLY E 329 29.85 -34.93 1.15
C GLY E 329 29.83 -34.63 2.64
N VAL E 330 30.65 -35.37 3.37
CA VAL E 330 30.70 -35.29 4.84
C VAL E 330 32.14 -34.99 5.25
N THR E 331 32.30 -34.06 6.19
CA THR E 331 33.62 -33.64 6.63
C THR E 331 34.37 -34.79 7.28
N ASP E 332 35.69 -34.62 7.38
CA ASP E 332 36.52 -35.68 7.94
C ASP E 332 36.32 -35.84 9.43
N ASP E 333 36.03 -34.76 10.14
CA ASP E 333 35.77 -34.83 11.57
C ASP E 333 34.31 -35.16 11.89
N GLY E 334 33.46 -35.30 10.88
CA GLY E 334 32.07 -35.60 11.10
C GLY E 334 31.22 -34.43 11.55
N MET E 335 31.73 -33.21 11.43
CA MET E 335 31.02 -32.05 11.97
C MET E 335 29.86 -31.62 11.08
N ALA E 336 30.01 -31.70 9.77
CA ALA E 336 29.00 -31.14 8.88
C ALA E 336 28.83 -32.00 7.62
N VAL E 337 27.69 -31.81 6.97
CA VAL E 337 27.39 -32.41 5.67
C VAL E 337 26.86 -31.31 4.76
N ALA E 338 27.40 -31.22 3.55
CA ALA E 338 27.04 -30.17 2.62
C ALA E 338 26.44 -30.76 1.36
N THR E 339 25.36 -30.15 0.89
CA THR E 339 24.65 -30.60 -0.30
C THR E 339 24.56 -29.47 -1.32
N GLY E 340 24.77 -29.78 -2.58
CA GLY E 340 24.61 -28.81 -3.64
C GLY E 340 23.69 -29.36 -4.71
N SER E 341 22.79 -28.52 -5.18
CA SER E 341 21.74 -28.95 -6.08
C SER E 341 21.71 -28.06 -7.31
N TRP E 342 20.86 -28.42 -8.27
CA TRP E 342 20.79 -27.74 -9.55
C TRP E 342 20.18 -26.34 -9.44
N ASP E 343 19.76 -25.91 -8.26
CA ASP E 343 19.21 -24.57 -8.09
C ASP E 343 20.31 -23.53 -7.82
N SER E 344 21.58 -23.93 -7.90
CA SER E 344 22.73 -23.05 -7.76
C SER E 344 22.94 -22.59 -6.32
N PHE E 345 22.61 -23.41 -5.34
CA PHE E 345 22.86 -23.09 -3.94
C PHE E 345 23.50 -24.27 -3.24
N LEU E 346 24.47 -23.98 -2.38
CA LEU E 346 25.05 -24.94 -1.48
C LEU E 346 24.50 -24.69 -0.08
N LYS E 347 24.34 -25.77 0.69
CA LYS E 347 23.86 -25.64 2.06
C LYS E 347 24.67 -26.56 2.94
N ILE E 348 24.81 -26.17 4.21
CA ILE E 348 25.57 -26.94 5.18
C ILE E 348 24.65 -27.28 6.34
N TRP E 349 24.54 -28.57 6.63
CA TRP E 349 23.65 -29.06 7.68
C TRP E 349 24.47 -29.57 8.86
N ASN E 350 23.89 -29.45 10.05
CA ASN E 350 24.54 -29.92 11.27
C ASN E 350 23.52 -30.11 12.38
N ALA F 12 37.20 -63.39 -25.68
CA ALA F 12 36.69 -64.50 -24.88
C ALA F 12 37.79 -65.11 -24.04
N ARG F 13 39.03 -65.07 -24.56
CA ARG F 13 40.16 -65.62 -23.83
C ARG F 13 40.42 -64.83 -22.55
N LYS F 14 40.33 -63.49 -22.63
CA LYS F 14 40.57 -62.67 -21.46
C LYS F 14 39.52 -62.90 -20.38
N LEU F 15 38.26 -63.10 -20.78
CA LEU F 15 37.20 -63.33 -19.80
C LEU F 15 37.43 -64.62 -19.02
N VAL F 16 37.87 -65.68 -19.71
CA VAL F 16 38.14 -66.94 -19.03
C VAL F 16 39.30 -66.79 -18.06
N GLU F 17 40.36 -66.11 -18.49
CA GLU F 17 41.50 -65.88 -17.60
C GLU F 17 41.12 -64.98 -16.43
N GLN F 18 40.30 -63.96 -16.67
CA GLN F 18 39.89 -63.06 -15.60
C GLN F 18 39.05 -63.80 -14.55
N LEU F 19 38.16 -64.68 -14.99
CA LEU F 19 37.31 -65.41 -14.05
C LEU F 19 38.13 -66.32 -13.15
N LYS F 20 39.20 -66.92 -13.68
CA LYS F 20 40.00 -67.85 -12.89
C LYS F 20 40.65 -67.16 -11.69
N MET F 21 41.17 -65.95 -11.88
CA MET F 21 41.84 -65.25 -10.79
C MET F 21 40.86 -64.88 -9.68
N GLU F 22 39.64 -64.47 -10.03
CA GLU F 22 38.67 -64.01 -9.04
C GLU F 22 37.97 -65.15 -8.30
N ALA F 23 38.14 -66.39 -8.75
CA ALA F 23 37.47 -67.52 -8.09
C ALA F 23 38.35 -68.21 -7.05
N ASN F 24 39.67 -68.09 -7.16
CA ASN F 24 40.60 -68.75 -6.24
C ASN F 24 40.99 -67.82 -5.09
N ILE F 25 39.97 -67.36 -4.36
CA ILE F 25 40.15 -66.52 -3.20
C ILE F 25 39.33 -67.08 -2.04
N ASP F 26 39.70 -66.69 -0.83
CA ASP F 26 39.08 -67.21 0.37
C ASP F 26 37.91 -66.32 0.79
N ARG F 27 36.81 -66.96 1.17
CA ARG F 27 35.62 -66.26 1.63
C ARG F 27 35.41 -66.52 3.12
N ILE F 28 34.60 -65.65 3.73
CA ILE F 28 34.25 -65.76 5.15
C ILE F 28 32.73 -65.70 5.24
N LYS F 29 32.23 -66.12 6.40
CA LYS F 29 30.78 -66.12 6.61
C LYS F 29 30.25 -64.70 6.73
N VAL F 30 29.00 -64.52 6.32
CA VAL F 30 28.38 -63.20 6.34
C VAL F 30 28.23 -62.70 7.77
N SER F 31 27.97 -63.61 8.71
CA SER F 31 27.79 -63.21 10.10
C SER F 31 29.05 -62.56 10.65
N LYS F 32 30.22 -63.04 10.26
CA LYS F 32 31.47 -62.47 10.76
C LYS F 32 31.63 -61.02 10.29
N ALA F 33 31.41 -60.78 9.00
CA ALA F 33 31.52 -59.41 8.49
C ALA F 33 30.46 -58.50 9.10
N ALA F 34 29.25 -59.01 9.27
CA ALA F 34 28.19 -58.21 9.90
C ALA F 34 28.56 -57.85 11.34
N ALA F 35 29.11 -58.81 12.09
CA ALA F 35 29.53 -58.53 13.46
C ALA F 35 30.66 -57.52 13.49
N ASP F 36 31.60 -57.62 12.54
CA ASP F 36 32.69 -56.64 12.50
C ASP F 36 32.17 -55.24 12.20
N LEU F 37 31.24 -55.11 11.26
CA LEU F 37 30.65 -53.81 10.98
C LEU F 37 29.90 -53.27 12.19
N MET F 38 29.15 -54.13 12.89
CA MET F 38 28.44 -53.69 14.08
C MET F 38 29.41 -53.23 15.16
N ALA F 39 30.51 -53.96 15.35
CA ALA F 39 31.50 -53.58 16.34
C ALA F 39 32.13 -52.23 15.99
N TYR F 40 32.46 -52.02 14.72
CA TYR F 40 33.02 -50.73 14.32
C TYR F 40 32.02 -49.61 14.55
N CYS F 41 30.75 -49.84 14.23
CA CYS F 41 29.74 -48.81 14.45
C CYS F 41 29.62 -48.47 15.94
N GLU F 42 29.64 -49.49 16.79
CA GLU F 42 29.52 -49.24 18.23
C GLU F 42 30.74 -48.52 18.79
N ALA F 43 31.95 -48.92 18.35
CA ALA F 43 33.16 -48.41 18.97
C ALA F 43 33.32 -46.92 18.80
N HIS F 44 33.03 -46.40 17.61
CA HIS F 44 33.24 -44.99 17.30
C HIS F 44 31.95 -44.18 17.37
N ALA F 45 30.88 -44.75 17.90
CA ALA F 45 29.63 -44.01 18.04
C ALA F 45 29.74 -42.88 19.07
N LYS F 46 30.71 -42.95 19.97
CA LYS F 46 30.86 -41.92 20.99
C LYS F 46 31.29 -40.59 20.38
N GLU F 47 32.19 -40.63 19.40
CA GLU F 47 32.68 -39.44 18.73
C GLU F 47 32.09 -39.42 17.31
N ASP F 48 30.88 -38.88 17.20
CA ASP F 48 30.19 -38.73 15.91
C ASP F 48 29.23 -37.57 16.07
N PRO F 49 29.62 -36.37 15.66
CA PRO F 49 28.76 -35.19 15.87
C PRO F 49 27.39 -35.31 15.25
N LEU F 50 27.19 -36.13 14.23
CA LEU F 50 25.90 -36.20 13.57
C LEU F 50 24.91 -37.06 14.34
N LEU F 51 25.35 -38.20 14.87
CA LEU F 51 24.48 -39.03 15.69
C LEU F 51 24.07 -38.30 16.96
N THR F 52 25.06 -37.81 17.72
CA THR F 52 24.80 -37.08 18.95
C THR F 52 25.19 -35.63 18.78
N PRO F 53 24.24 -34.69 18.71
CA PRO F 53 24.59 -33.29 18.46
C PRO F 53 25.55 -32.75 19.51
N VAL F 54 26.54 -32.01 19.05
CA VAL F 54 27.51 -31.35 19.93
C VAL F 54 26.85 -30.13 20.55
N PRO F 55 27.08 -29.84 21.83
CA PRO F 55 26.57 -28.59 22.40
C PRO F 55 27.16 -27.38 21.70
N ALA F 56 26.40 -26.29 21.69
CA ALA F 56 26.77 -25.11 20.91
C ALA F 56 28.08 -24.49 21.38
N SER F 57 28.56 -24.85 22.57
CA SER F 57 29.83 -24.31 23.04
C SER F 57 30.98 -24.71 22.13
N GLU F 58 31.02 -25.97 21.71
CA GLU F 58 32.08 -26.48 20.86
C GLU F 58 31.65 -26.66 19.41
N ASN F 59 30.50 -26.09 19.02
CA ASN F 59 29.95 -26.29 17.69
C ASN F 59 30.48 -25.20 16.77
N PRO F 60 31.29 -25.52 15.75
CA PRO F 60 31.77 -24.47 14.84
C PRO F 60 30.66 -23.76 14.09
N PHE F 61 29.59 -24.47 13.73
CA PHE F 61 28.45 -23.84 13.08
C PHE F 61 27.32 -23.62 14.08
#